data_2DYW
# 
_entry.id   2DYW 
# 
_audit_conform.dict_name       mmcif_pdbx.dic 
_audit_conform.dict_version    5.380 
_audit_conform.dict_location   http://mmcif.pdb.org/dictionaries/ascii/mmcif_pdbx.dic 
# 
loop_
_database_2.database_id 
_database_2.database_code 
_database_2.pdbx_database_accession 
_database_2.pdbx_DOI 
PDB   2DYW         pdb_00002dyw 10.2210/pdb2dyw/pdb 
NDB   DD0086       ?            ?                   
RCSB  RCSB026014   ?            ?                   
WWPDB D_1000026014 ?            ?                   
# 
_pdbx_database_status.status_code                     REL 
_pdbx_database_status.entry_id                        2DYW 
_pdbx_database_status.recvd_initial_deposition_date   2006-09-18 
_pdbx_database_status.deposit_site                    PDBJ 
_pdbx_database_status.process_site                    PDBJ 
_pdbx_database_status.status_code_sf                  ? 
_pdbx_database_status.status_code_mr                  ? 
_pdbx_database_status.SG_entry                        ? 
_pdbx_database_status.pdb_format_compatible           Y 
_pdbx_database_status.status_code_cs                  ? 
_pdbx_database_status.status_code_nmr_data            ? 
_pdbx_database_status.methods_development_category    ? 
# 
loop_
_audit_author.name 
_audit_author.pdbx_ordinal 
'Komeda, S.'     1 
'Moulaei, T.'    2 
'Woods, K.K.'    3 
'Chikuma, M.'    4 
'Farrell, N.P.'  5 
'Williams, L.D.' 6 
# 
_citation.id                        primary 
_citation.title                     'A Third Mode of DNA Binding: Phosphate Clamps by a Polynuclear Platinum Complex' 
_citation.journal_abbrev            J.Am.Chem.Soc. 
_citation.journal_volume            128 
_citation.page_first                16092 
_citation.page_last                 16103 
_citation.year                      2006 
_citation.journal_id_ASTM           JACSAT 
_citation.country                   US 
_citation.journal_id_ISSN           0002-7863 
_citation.journal_id_CSD            0004 
_citation.book_publisher            ? 
_citation.pdbx_database_id_PubMed   17165762 
_citation.pdbx_database_id_DOI      10.1021/ja062851y 
# 
loop_
_citation_author.citation_id 
_citation_author.name 
_citation_author.ordinal 
_citation_author.identifier_ORCID 
primary 'Komeda, S.'     1 ? 
primary 'Moulaei, T.'    2 ? 
primary 'Woods, K.K.'    3 ? 
primary 'Chikuma, M.'    4 ? 
primary 'Farrell, N.P.'  5 ? 
primary 'Williams, L.D.' 6 ? 
# 
_cell.entry_id           2DYW 
_cell.length_a           23.675 
_cell.length_b           41.692 
_cell.length_c           65.651 
_cell.angle_alpha        90.00 
_cell.angle_beta         90.00 
_cell.angle_gamma        90.00 
_cell.Z_PDB              8 
_cell.pdbx_unique_axis   ? 
_cell.length_a_esd       ? 
_cell.length_b_esd       ? 
_cell.length_c_esd       ? 
_cell.angle_alpha_esd    ? 
_cell.angle_beta_esd     ? 
_cell.angle_gamma_esd    ? 
# 
_symmetry.entry_id                         2DYW 
_symmetry.space_group_name_H-M             'P 21 21 21' 
_symmetry.pdbx_full_space_group_name_H-M   ? 
_symmetry.cell_setting                     ? 
_symmetry.Int_Tables_number                19 
_symmetry.space_group_name_Hall            ? 
# 
loop_
_entity.id 
_entity.type 
_entity.src_method 
_entity.pdbx_description 
_entity.formula_weight 
_entity.pdbx_number_of_molecules 
_entity.pdbx_ec 
_entity.pdbx_mutation 
_entity.pdbx_fragment 
_entity.details 
1 polymer     syn "5'-D(*CP*GP*CP*GP*AP*AP*TP*TP*CP*GP*CP*G)-3'"          3663.392 2   ? ? ? ? 
2 non-polymer syn '(6-AMINOHEXYLAMINE)(TRIAMMINE) PLATINUM(II) COMPLEX'   362.374  3   ? ? ? ? 
3 non-polymer syn 'SODIUM ION'                                            22.990   1   ? ? ? ? 
4 non-polymer syn 'TRANS-BIS(HEXYLAMINE)-(DIAMMINE) PLATINUM(II) COMPLEX' 431.519  1   ? ? ? ? 
5 water       nat water                                                   18.015   125 ? ? ? ? 
# 
_entity_poly.entity_id                      1 
_entity_poly.type                           polydeoxyribonucleotide 
_entity_poly.nstd_linkage                   no 
_entity_poly.nstd_monomer                   no 
_entity_poly.pdbx_seq_one_letter_code       '(DC)(DG)(DC)(DG)(DA)(DA)(DT)(DT)(DC)(DG)(DC)(DG)' 
_entity_poly.pdbx_seq_one_letter_code_can   CGCGAATTCGCG 
_entity_poly.pdbx_strand_id                 A,B 
_entity_poly.pdbx_target_identifier         ? 
# 
loop_
_entity_poly_seq.entity_id 
_entity_poly_seq.num 
_entity_poly_seq.mon_id 
_entity_poly_seq.hetero 
1 1  DC n 
1 2  DG n 
1 3  DC n 
1 4  DG n 
1 5  DA n 
1 6  DA n 
1 7  DT n 
1 8  DT n 
1 9  DC n 
1 10 DG n 
1 11 DC n 
1 12 DG n 
# 
_struct_ref.id                         1 
_struct_ref.entity_id                  1 
_struct_ref.db_name                    PDB 
_struct_ref.db_code                    2DYW 
_struct_ref.pdbx_db_accession          2DYW 
_struct_ref.pdbx_db_isoform            ? 
_struct_ref.pdbx_seq_one_letter_code   ? 
_struct_ref.pdbx_align_begin           ? 
# 
loop_
_struct_ref_seq.align_id 
_struct_ref_seq.ref_id 
_struct_ref_seq.pdbx_PDB_id_code 
_struct_ref_seq.pdbx_strand_id 
_struct_ref_seq.seq_align_beg 
_struct_ref_seq.pdbx_seq_align_beg_ins_code 
_struct_ref_seq.seq_align_end 
_struct_ref_seq.pdbx_seq_align_end_ins_code 
_struct_ref_seq.pdbx_db_accession 
_struct_ref_seq.db_align_beg 
_struct_ref_seq.pdbx_db_align_beg_ins_code 
_struct_ref_seq.db_align_end 
_struct_ref_seq.pdbx_db_align_end_ins_code 
_struct_ref_seq.pdbx_auth_seq_align_beg 
_struct_ref_seq.pdbx_auth_seq_align_end 
1 1 2DYW A 1 ? 12 ? 2DYW 1 ? 12 ? 1 12 
2 1 2DYW B 1 ? 12 ? 2DYW 1 ? 12 ? 1 12 
# 
loop_
_chem_comp.id 
_chem_comp.type 
_chem_comp.mon_nstd_flag 
_chem_comp.name 
_chem_comp.pdbx_synonyms 
_chem_comp.formula 
_chem_comp.formula_weight 
A71 non-polymer   . '(6-AMINOHEXYLAMINE)(TRIAMMINE) PLATINUM(II) COMPLEX'   ? 'C6 H25 N5 Pt'    362.374 
A72 non-polymer   . 'TRANS-BIS(HEXYLAMINE)-(DIAMMINE) PLATINUM(II) COMPLEX' ? 'C12 H36 N4 Pt'   431.519 
DA  'DNA linking' y "2'-DEOXYADENOSINE-5'-MONOPHOSPHATE"                    ? 'C10 H14 N5 O6 P' 331.222 
DC  'DNA linking' y "2'-DEOXYCYTIDINE-5'-MONOPHOSPHATE"                     ? 'C9 H14 N3 O7 P'  307.197 
DG  'DNA linking' y "2'-DEOXYGUANOSINE-5'-MONOPHOSPHATE"                    ? 'C10 H14 N5 O7 P' 347.221 
DT  'DNA linking' y "THYMIDINE-5'-MONOPHOSPHATE"                            ? 'C10 H15 N2 O8 P' 322.208 
HOH non-polymer   . WATER                                                   ? 'H2 O'            18.015  
NA  non-polymer   . 'SODIUM ION'                                            ? 'Na 1'            22.990  
# 
_exptl.entry_id          2DYW 
_exptl.method            'X-RAY DIFFRACTION' 
_exptl.crystals_number   1 
# 
_exptl_crystal.id                    1 
_exptl_crystal.density_meas          ? 
_exptl_crystal.density_Matthews      2.12 
_exptl_crystal.density_percent_sol   41.94 
_exptl_crystal.description           ? 
_exptl_crystal.F_000                 ? 
_exptl_crystal.preparation           ? 
# 
_exptl_crystal_grow.crystal_id      1 
_exptl_crystal_grow.method          'VAPOR DIFFUSION, HANGING DROP' 
_exptl_crystal_grow.temp            293 
_exptl_crystal_grow.temp_details    ? 
_exptl_crystal_grow.pH              6.5 
_exptl_crystal_grow.pdbx_details    
;0.19mM [d(CGCGAATTCGCG)]2, 0.19mM TriplatinNC, 31mM sodium cacodylate (pH 6.5), 9.6mM magnesium chloride, 6.9% 2-methyl-2,4-pentanediol (MPD), equilibrated against a reservoir of 30% MPD, VAPOR DIFFUSION, HANGING DROP, temperature 293K
;
_exptl_crystal_grow.pdbx_pH_range   . 
# 
loop_
_exptl_crystal_grow_comp.crystal_id 
_exptl_crystal_grow_comp.id 
_exptl_crystal_grow_comp.sol_id 
_exptl_crystal_grow_comp.name 
_exptl_crystal_grow_comp.volume 
_exptl_crystal_grow_comp.conc 
_exptl_crystal_grow_comp.details 
1 1 1 TriplatinNC          ? ? ? 
1 2 1 'sodium cacodylate'  ? ? ? 
1 3 1 'magnesium chloride' ? ? ? 
1 4 1 MPD                  ? ? ? 
1 5 1 H2O                  ? ? ? 
1 6 2 'sodium cacodylate'  ? ? ? 
1 7 2 'magnesium chloride' ? ? ? 
1 8 2 MPD                  ? ? ? 
1 9 2 H2O                  ? ? ? 
# 
_diffrn.id                     1 
_diffrn.ambient_temp           175 
_diffrn.ambient_temp_details   ? 
_diffrn.crystal_id             1 
# 
_diffrn_detector.diffrn_id              1 
_diffrn_detector.detector               CCD 
_diffrn_detector.type                   'ADSC QUANTUM 4' 
_diffrn_detector.pdbx_collection_date   2003-11-19 
_diffrn_detector.details                ? 
# 
_diffrn_radiation.diffrn_id                        1 
_diffrn_radiation.wavelength_id                    1 
_diffrn_radiation.pdbx_monochromatic_or_laue_m_l   M 
_diffrn_radiation.monochromator                    ? 
_diffrn_radiation.pdbx_diffrn_protocol             'SINGLE WAVELENGTH' 
_diffrn_radiation.pdbx_scattering_type             x-ray 
# 
_diffrn_radiation_wavelength.id           1 
_diffrn_radiation_wavelength.wavelength   1.05 
_diffrn_radiation_wavelength.wt           1.0 
# 
_diffrn_source.diffrn_id                   1 
_diffrn_source.source                      SYNCHROTRON 
_diffrn_source.type                        'NSLS BEAMLINE X26C' 
_diffrn_source.pdbx_synchrotron_site       NSLS 
_diffrn_source.pdbx_synchrotron_beamline   X26C 
_diffrn_source.pdbx_wavelength             ? 
_diffrn_source.pdbx_wavelength_list        1.05 
# 
_reflns.entry_id                     2DYW 
_reflns.observed_criterion_sigma_F   1.0 
_reflns.observed_criterion_sigma_I   ? 
_reflns.d_resolution_high            1.07 
_reflns.d_resolution_low             50 
_reflns.number_all                   23727 
_reflns.number_obs                   21375 
_reflns.percent_possible_obs         90.1 
_reflns.pdbx_Rmerge_I_obs            ? 
_reflns.pdbx_Rsym_value              ? 
_reflns.pdbx_netI_over_sigmaI        ? 
_reflns.B_iso_Wilson_estimate        ? 
_reflns.pdbx_redundancy              12.5 
_reflns.R_free_details               ? 
_reflns.pdbx_chi_squared             ? 
_reflns.pdbx_scaling_rejects         ? 
_reflns.pdbx_diffrn_id               1 
_reflns.pdbx_ordinal                 1 
# 
_refine.entry_id                                 2DYW 
_refine.ls_number_reflns_obs                     18995 
_refine.ls_number_reflns_all                     20317 
_refine.pdbx_ls_sigma_I                          ? 
_refine.pdbx_ls_sigma_F                          2.0 
_refine.pdbx_data_cutoff_high_absF               ? 
_refine.pdbx_data_cutoff_low_absF                ? 
_refine.pdbx_data_cutoff_high_rms_absF           ? 
_refine.ls_d_res_low                             5.50 
_refine.ls_d_res_high                            1.13 
_refine.ls_percent_reflns_obs                    81.9 
_refine.ls_R_factor_obs                          ? 
_refine.ls_R_factor_all                          0.1879 
_refine.ls_R_factor_R_work                       0.1818 
_refine.ls_R_factor_R_free                       0.2321 
_refine.ls_R_factor_R_free_error                 ? 
_refine.ls_R_factor_R_free_error_details         ? 
_refine.ls_percent_reflns_R_free                 ? 
_refine.ls_number_reflns_R_free                  2112 
_refine.ls_number_parameters                     5106 
_refine.ls_number_restraints                     5941 
_refine.occupancy_min                            ? 
_refine.occupancy_max                            ? 
_refine.correlation_coeff_Fo_to_Fc               ? 
_refine.correlation_coeff_Fo_to_Fc_free          ? 
_refine.B_iso_mean                               ? 
_refine.aniso_B[1][1]                            ? 
_refine.aniso_B[2][2]                            ? 
_refine.aniso_B[3][3]                            ? 
_refine.aniso_B[1][2]                            ? 
_refine.aniso_B[1][3]                            ? 
_refine.aniso_B[2][3]                            ? 
_refine.solvent_model_details                    ? 
_refine.solvent_model_param_ksol                 ? 
_refine.solvent_model_param_bsol                 ? 
_refine.pdbx_solvent_vdw_probe_radii             ? 
_refine.pdbx_solvent_ion_probe_radii             ? 
_refine.pdbx_solvent_shrinkage_radii             ? 
_refine.pdbx_ls_cross_valid_method               'FREE R' 
_refine.details                                  'ANISOTROPIC REFINEMENT REDUCED FREE R (NO CUTOFF)' 
_refine.pdbx_starting_model                      '355D(NDB entry: bdl084)' 
_refine.pdbx_method_to_determine_struct          'MOLECULAR REPLACEMENT' 
_refine.pdbx_isotropic_thermal_model             'anisotropic: DNA and NO5, isotropic: AH78, AH79 and solvent' 
_refine.pdbx_stereochemistry_target_values       
;Gelbin, A., Schneider, B., Clowney, L., Hsieh, S.-H., Olson, W.K., and Berman, H.M. (1996). Geometric parameters in nucleic acids: sugar and phosphate constituents. J. Am. Chem. Soc. 118(3), 519-528.
;
_refine.pdbx_stereochem_target_val_spec_case     ? 
_refine.pdbx_R_Free_selection_details            RANDOM 
_refine.pdbx_overall_ESU_R                       ? 
_refine.pdbx_overall_ESU_R_Free                  ? 
_refine.overall_SU_ML                            ? 
_refine.overall_SU_B                             ? 
_refine.ls_redundancy_reflns_obs                 ? 
_refine.overall_SU_R_Cruickshank_DPI             ? 
_refine.overall_SU_R_free                        ? 
_refine.ls_wR_factor_R_free                      ? 
_refine.ls_wR_factor_R_work                      ? 
_refine.overall_FOM_free_R_set                   ? 
_refine.overall_FOM_work_R_set                   ? 
_refine.pdbx_refine_id                           'X-RAY DIFFRACTION' 
_refine.pdbx_diffrn_id                           1 
_refine.pdbx_TLS_residual_ADP_flag               ? 
_refine.pdbx_overall_phase_error                 ? 
_refine.pdbx_overall_SU_R_free_Cruickshank_DPI   ? 
_refine.pdbx_overall_SU_R_Blow_DPI               ? 
_refine.pdbx_overall_SU_R_free_Blow_DPI          ? 
# 
_refine_analyze.entry_id                        2DYW 
_refine_analyze.Luzzati_coordinate_error_obs    ? 
_refine_analyze.Luzzati_sigma_a_obs             ? 
_refine_analyze.Luzzati_d_res_low_obs           ? 
_refine_analyze.Luzzati_coordinate_error_free   ? 
_refine_analyze.Luzzati_sigma_a_free            ? 
_refine_analyze.Luzzati_d_res_low_free          ? 
_refine_analyze.number_disordered_residues      0 
_refine_analyze.occupancy_sum_hydrogen          0.00 
_refine_analyze.occupancy_sum_non_hydrogen      647.55 
_refine_analyze.pdbx_refine_id                  'X-RAY DIFFRACTION' 
# 
_refine_hist.pdbx_refine_id                   'X-RAY DIFFRACTION' 
_refine_hist.cycle_id                         LAST 
_refine_hist.pdbx_number_atoms_protein        0 
_refine_hist.pdbx_number_atoms_nucleic_acid   486 
_refine_hist.pdbx_number_atoms_ligand         50 
_refine_hist.number_atoms_solvent             125 
_refine_hist.number_atoms_total               661 
_refine_hist.d_res_high                       1.13 
_refine_hist.d_res_low                        5.50 
# 
loop_
_refine_ls_restr.type 
_refine_ls_restr.dev_ideal 
_refine_ls_restr.dev_ideal_target 
_refine_ls_restr.weight 
_refine_ls_restr.number 
_refine_ls_restr.pdbx_refine_id 
_refine_ls_restr.pdbx_restraint_function 
s_bond_d               0.012  ? ? ? 'X-RAY DIFFRACTION' ? 
s_angle_d              0.022  ? ? ? 'X-RAY DIFFRACTION' ? 
s_similar_dist         0.000  ? ? ? 'X-RAY DIFFRACTION' ? 
s_from_restr_planes    0.0014 ? ? ? 'X-RAY DIFFRACTION' ? 
s_zero_chiral_vol      0.000  ? ? ? 'X-RAY DIFFRACTION' ? 
s_non_zero_chiral_vol  0.000  ? ? ? 'X-RAY DIFFRACTION' ? 
s_anti_bump_dis_restr  0.013  ? ? ? 'X-RAY DIFFRACTION' ? 
s_rigid_bond_adp_cmpnt 0.004  ? ? ? 'X-RAY DIFFRACTION' ? 
s_similar_adp_cmpnt    0.042  ? ? ? 'X-RAY DIFFRACTION' ? 
s_approx_iso_adps      0.000  ? ? ? 'X-RAY DIFFRACTION' ? 
# 
_refine_ls_shell.pdbx_total_number_of_bins_used   ? 
_refine_ls_shell.d_res_high                       1.13 
_refine_ls_shell.d_res_low                        ? 
_refine_ls_shell.number_reflns_R_work             ? 
_refine_ls_shell.R_factor_R_work                  0.1818 
_refine_ls_shell.percent_reflns_obs               ? 
_refine_ls_shell.R_factor_R_free                  0.2321 
_refine_ls_shell.R_factor_R_free_error            ? 
_refine_ls_shell.percent_reflns_R_free            ? 
_refine_ls_shell.number_reflns_R_free             2112 
_refine_ls_shell.number_reflns_all                ? 
_refine_ls_shell.R_factor_all                     ? 
_refine_ls_shell.number_reflns_obs                18995 
_refine_ls_shell.redundancy_reflns_obs            ? 
_refine_ls_shell.pdbx_refine_id                   'X-RAY DIFFRACTION' 
# 
_pdbx_refine.entry_id                                    2DYW 
_pdbx_refine.R_factor_all_no_cutoff                      0.1879 
_pdbx_refine.R_factor_obs_no_cutoff                      ? 
_pdbx_refine.free_R_factor_no_cutoff                     ? 
_pdbx_refine.free_R_val_test_set_size_perc_no_cutoff     ? 
_pdbx_refine.free_R_val_test_set_ct_no_cutoff            ? 
_pdbx_refine.R_factor_all_4sig_cutoff                    0.1772 
_pdbx_refine.R_factor_obs_4sig_cutoff                    ? 
_pdbx_refine.free_R_factor_4sig_cutoff                   ? 
_pdbx_refine.free_R_val_test_set_size_perc_4sig_cutoff   ? 
_pdbx_refine.free_R_val_test_set_ct_4sig_cutoff          ? 
_pdbx_refine.number_reflns_obs_4sig_cutoff               18136 
_pdbx_refine.pdbx_refine_id                              'X-RAY DIFFRACTION' 
_pdbx_refine.free_R_error_no_cutoff                      ? 
# 
_struct.entry_id                  2DYW 
_struct.title                     'A Backbone binding DNA complex' 
_struct.pdbx_model_details        ? 
_struct.pdbx_CASP_flag            ? 
_struct.pdbx_model_type_details   ? 
# 
_struct_keywords.entry_id        2DYW 
_struct_keywords.pdbx_keywords   DNA 
_struct_keywords.text            'Platinum, Phosphate Clamp, Anticancer Drug, DNA' 
# 
loop_
_struct_asym.id 
_struct_asym.pdbx_blank_PDB_chainid_flag 
_struct_asym.pdbx_modified 
_struct_asym.entity_id 
_struct_asym.details 
A N N 1 ? 
B N N 1 ? 
C N N 2 ? 
D N N 3 ? 
E N N 2 ? 
F N N 4 ? 
G N N 2 ? 
H N N 5 ? 
I N N 5 ? 
# 
loop_
_struct_conn.id 
_struct_conn.conn_type_id 
_struct_conn.pdbx_leaving_atom_flag 
_struct_conn.pdbx_PDB_id 
_struct_conn.ptnr1_label_asym_id 
_struct_conn.ptnr1_label_comp_id 
_struct_conn.ptnr1_label_seq_id 
_struct_conn.ptnr1_label_atom_id 
_struct_conn.pdbx_ptnr1_label_alt_id 
_struct_conn.pdbx_ptnr1_PDB_ins_code 
_struct_conn.pdbx_ptnr1_standard_comp_id 
_struct_conn.ptnr1_symmetry 
_struct_conn.ptnr2_label_asym_id 
_struct_conn.ptnr2_label_comp_id 
_struct_conn.ptnr2_label_seq_id 
_struct_conn.ptnr2_label_atom_id 
_struct_conn.pdbx_ptnr2_label_alt_id 
_struct_conn.pdbx_ptnr2_PDB_ins_code 
_struct_conn.ptnr1_auth_asym_id 
_struct_conn.ptnr1_auth_comp_id 
_struct_conn.ptnr1_auth_seq_id 
_struct_conn.ptnr2_auth_asym_id 
_struct_conn.ptnr2_auth_comp_id 
_struct_conn.ptnr2_auth_seq_id 
_struct_conn.ptnr2_symmetry 
_struct_conn.pdbx_ptnr3_label_atom_id 
_struct_conn.pdbx_ptnr3_label_seq_id 
_struct_conn.pdbx_ptnr3_label_comp_id 
_struct_conn.pdbx_ptnr3_label_asym_id 
_struct_conn.pdbx_ptnr3_label_alt_id 
_struct_conn.pdbx_ptnr3_PDB_ins_code 
_struct_conn.details 
_struct_conn.pdbx_dist_value 
_struct_conn.pdbx_value_order 
_struct_conn.pdbx_role 
covale1  covale none ? E A71 .  N11 ? ? ? 1_555 F A72 .  C12 ? ? B A71 201  B A72 202  1_555 ? ? ? ? ? ? ?            1.512 ? ? 
covale2  covale none ? F A72 .  C27 ? ? ? 1_555 G A71 .  N10 ? ? B A72 202  B A71 203  1_555 ? ? ? ? ? ? ?            1.495 ? ? 
metalc1  metalc ?    ? H HOH .  O   ? ? ? 1_555 D NA  .  NA  ? ? A HOH 3001 B NA  101  1_555 ? ? ? ? ? ? ?            2.426 ? ? 
metalc2  metalc ?    ? H HOH .  O   ? ? ? 1_555 D NA  .  NA  ? ? A HOH 3002 B NA  101  1_555 ? ? ? ? ? ? ?            2.461 ? ? 
metalc3  metalc ?    ? H HOH .  O   ? ? ? 1_555 D NA  .  NA  ? ? A HOH 3005 B NA  101  1_555 ? ? ? ? ? ? ?            2.464 ? ? 
metalc4  metalc ?    ? B DG  10 O6  ? ? ? 1_555 D NA  .  NA  ? ? B DG  10   B NA  101  1_555 ? ? ? ? ? ? ?            2.406 ? ? 
metalc5  metalc ?    ? D NA  .  NA  ? ? ? 1_555 I HOH .  O   ? ? B NA  101  B HOH 3003 1_555 ? ? ? ? ? ? ?            2.551 ? ? 
metalc6  metalc ?    ? D NA  .  NA  ? ? ? 1_555 I HOH .  O   ? ? B NA  101  B HOH 3004 1_555 ? ? ? ? ? ? ?            2.341 ? ? 
hydrog1  hydrog ?    ? A DC  1  N3  ? ? ? 1_555 B DG  12 N1  ? ? A DC  1    B DG  12   1_555 ? ? ? ? ? ? WATSON-CRICK ?     ? ? 
hydrog2  hydrog ?    ? A DC  1  N4  ? ? ? 1_555 B DG  12 O6  ? ? A DC  1    B DG  12   1_555 ? ? ? ? ? ? WATSON-CRICK ?     ? ? 
hydrog3  hydrog ?    ? A DC  1  O2  ? ? ? 1_555 B DG  12 N2  ? ? A DC  1    B DG  12   1_555 ? ? ? ? ? ? WATSON-CRICK ?     ? ? 
hydrog4  hydrog ?    ? A DG  2  N1  ? ? ? 1_555 B DC  11 N3  ? ? A DG  2    B DC  11   1_555 ? ? ? ? ? ? WATSON-CRICK ?     ? ? 
hydrog5  hydrog ?    ? A DG  2  N2  ? ? ? 1_555 B DC  11 O2  ? ? A DG  2    B DC  11   1_555 ? ? ? ? ? ? WATSON-CRICK ?     ? ? 
hydrog6  hydrog ?    ? A DG  2  O6  ? ? ? 1_555 B DC  11 N4  ? ? A DG  2    B DC  11   1_555 ? ? ? ? ? ? WATSON-CRICK ?     ? ? 
hydrog7  hydrog ?    ? A DC  3  N3  ? ? ? 1_555 B DG  10 N1  ? ? A DC  3    B DG  10   1_555 ? ? ? ? ? ? WATSON-CRICK ?     ? ? 
hydrog8  hydrog ?    ? A DC  3  N4  ? ? ? 1_555 B DG  10 O6  ? ? A DC  3    B DG  10   1_555 ? ? ? ? ? ? WATSON-CRICK ?     ? ? 
hydrog9  hydrog ?    ? A DC  3  O2  ? ? ? 1_555 B DG  10 N2  ? ? A DC  3    B DG  10   1_555 ? ? ? ? ? ? WATSON-CRICK ?     ? ? 
hydrog10 hydrog ?    ? A DG  4  N1  ? ? ? 1_555 B DC  9  N3  ? ? A DG  4    B DC  9    1_555 ? ? ? ? ? ? WATSON-CRICK ?     ? ? 
hydrog11 hydrog ?    ? A DG  4  N2  ? ? ? 1_555 B DC  9  O2  ? ? A DG  4    B DC  9    1_555 ? ? ? ? ? ? WATSON-CRICK ?     ? ? 
hydrog12 hydrog ?    ? A DG  4  O6  ? ? ? 1_555 B DC  9  N4  ? ? A DG  4    B DC  9    1_555 ? ? ? ? ? ? WATSON-CRICK ?     ? ? 
hydrog13 hydrog ?    ? A DA  5  N1  ? ? ? 1_555 B DT  8  N3  ? ? A DA  5    B DT  8    1_555 ? ? ? ? ? ? WATSON-CRICK ?     ? ? 
hydrog14 hydrog ?    ? A DA  5  N6  ? ? ? 1_555 B DT  8  O4  ? ? A DA  5    B DT  8    1_555 ? ? ? ? ? ? WATSON-CRICK ?     ? ? 
hydrog15 hydrog ?    ? A DA  6  N1  ? ? ? 1_555 B DT  7  N3  ? ? A DA  6    B DT  7    1_555 ? ? ? ? ? ? WATSON-CRICK ?     ? ? 
hydrog16 hydrog ?    ? A DA  6  N6  ? ? ? 1_555 B DT  7  O4  ? ? A DA  6    B DT  7    1_555 ? ? ? ? ? ? WATSON-CRICK ?     ? ? 
hydrog17 hydrog ?    ? A DT  7  N3  ? ? ? 1_555 B DA  6  N1  ? ? A DT  7    B DA  6    1_555 ? ? ? ? ? ? WATSON-CRICK ?     ? ? 
hydrog18 hydrog ?    ? A DT  7  O4  ? ? ? 1_555 B DA  6  N6  ? ? A DT  7    B DA  6    1_555 ? ? ? ? ? ? WATSON-CRICK ?     ? ? 
hydrog19 hydrog ?    ? A DT  8  N3  ? ? ? 1_555 B DA  5  N1  ? ? A DT  8    B DA  5    1_555 ? ? ? ? ? ? WATSON-CRICK ?     ? ? 
hydrog20 hydrog ?    ? A DT  8  O4  ? ? ? 1_555 B DA  5  N6  ? ? A DT  8    B DA  5    1_555 ? ? ? ? ? ? WATSON-CRICK ?     ? ? 
hydrog21 hydrog ?    ? A DC  9  N3  ? ? ? 1_555 B DG  4  N1  ? ? A DC  9    B DG  4    1_555 ? ? ? ? ? ? WATSON-CRICK ?     ? ? 
hydrog22 hydrog ?    ? A DC  9  N4  ? ? ? 1_555 B DG  4  O6  ? ? A DC  9    B DG  4    1_555 ? ? ? ? ? ? WATSON-CRICK ?     ? ? 
hydrog23 hydrog ?    ? A DC  9  O2  ? ? ? 1_555 B DG  4  N2  ? ? A DC  9    B DG  4    1_555 ? ? ? ? ? ? WATSON-CRICK ?     ? ? 
hydrog24 hydrog ?    ? A DG  10 N1  ? ? ? 1_555 B DC  3  N3  ? ? A DG  10   B DC  3    1_555 ? ? ? ? ? ? WATSON-CRICK ?     ? ? 
hydrog25 hydrog ?    ? A DG  10 N2  ? ? ? 1_555 B DC  3  O2  ? ? A DG  10   B DC  3    1_555 ? ? ? ? ? ? WATSON-CRICK ?     ? ? 
hydrog26 hydrog ?    ? A DG  10 O6  ? ? ? 1_555 B DC  3  N4  ? ? A DG  10   B DC  3    1_555 ? ? ? ? ? ? WATSON-CRICK ?     ? ? 
hydrog27 hydrog ?    ? A DC  11 N3  ? ? ? 1_555 B DG  2  N1  ? ? A DC  11   B DG  2    1_555 ? ? ? ? ? ? WATSON-CRICK ?     ? ? 
hydrog28 hydrog ?    ? A DC  11 N4  ? ? ? 1_555 B DG  2  O6  ? ? A DC  11   B DG  2    1_555 ? ? ? ? ? ? WATSON-CRICK ?     ? ? 
hydrog29 hydrog ?    ? A DC  11 O2  ? ? ? 1_555 B DG  2  N2  ? ? A DC  11   B DG  2    1_555 ? ? ? ? ? ? WATSON-CRICK ?     ? ? 
hydrog30 hydrog ?    ? A DG  12 N1  ? ? ? 1_555 B DC  1  N3  ? ? A DG  12   B DC  1    1_555 ? ? ? ? ? ? WATSON-CRICK ?     ? ? 
hydrog31 hydrog ?    ? A DG  12 N2  ? ? ? 1_555 B DC  1  O2  ? ? A DG  12   B DC  1    1_555 ? ? ? ? ? ? WATSON-CRICK ?     ? ? 
hydrog32 hydrog ?    ? A DG  12 O6  ? ? ? 1_555 B DC  1  N4  ? ? A DG  12   B DC  1    1_555 ? ? ? ? ? ? WATSON-CRICK ?     ? ? 
# 
loop_
_struct_conn_type.id 
_struct_conn_type.criteria 
_struct_conn_type.reference 
covale ? ? 
metalc ? ? 
hydrog ? ? 
# 
loop_
_struct_site.id 
_struct_site.pdbx_evidence_code 
_struct_site.pdbx_auth_asym_id 
_struct_site.pdbx_auth_comp_id 
_struct_site.pdbx_auth_seq_id 
_struct_site.pdbx_auth_ins_code 
_struct_site.pdbx_num_residues 
_struct_site.details 
AC1 Software B NA  101 ? 6  'BINDING SITE FOR RESIDUE NA B 101'  
AC2 Software B A71 201 ? 11 'BINDING SITE FOR RESIDUE A71 B 201' 
AC3 Software B A72 202 ? 12 'BINDING SITE FOR RESIDUE A72 B 202' 
AC4 Software B A71 203 ? 8  'BINDING SITE FOR RESIDUE A71 B 203' 
AC5 Software A A71 301 ? 7  'BINDING SITE FOR RESIDUE A71 A 301' 
1   ?        ? ?   ?   ? ?  ?                                    
# 
loop_
_struct_site_gen.id 
_struct_site_gen.site_id 
_struct_site_gen.pdbx_num_res 
_struct_site_gen.label_comp_id 
_struct_site_gen.label_asym_id 
_struct_site_gen.label_seq_id 
_struct_site_gen.pdbx_auth_ins_code 
_struct_site_gen.auth_comp_id 
_struct_site_gen.auth_asym_id 
_struct_site_gen.auth_seq_id 
_struct_site_gen.label_atom_id 
_struct_site_gen.label_alt_id 
_struct_site_gen.symmetry 
_struct_site_gen.details 
1  AC1 6  HOH H .  ? HOH A 3001 . ? 1_555 ? 
2  AC1 6  HOH H .  ? HOH A 3002 . ? 1_555 ? 
3  AC1 6  HOH H .  ? HOH A 3005 . ? 1_555 ? 
4  AC1 6  DG  B 10 ? DG  B 10   . ? 1_555 ? 
5  AC1 6  HOH I .  ? HOH B 3003 . ? 1_555 ? 
6  AC1 6  HOH I .  ? HOH B 3004 . ? 1_555 ? 
7  AC2 11 DC  A 11 ? DC  A 11   . ? 1_655 ? 
8  AC2 11 DG  A 12 ? DG  A 12   . ? 1_655 ? 
9  AC2 11 DG  B 2  ? DG  B 2    . ? 1_555 ? 
10 AC2 11 DC  B 3  ? DC  B 3    . ? 1_555 ? 
11 AC2 11 DC  B 9  ? DC  B 9    . ? 3_455 ? 
12 AC2 11 DG  B 12 ? DG  B 12   . ? 2_464 ? 
13 AC2 11 A72 F .  ? A72 B 202  . ? 1_555 ? 
14 AC2 11 A71 G .  ? A71 B 203  . ? 1_655 ? 
15 AC2 11 HOH I .  ? HOH B 2006 . ? 1_555 ? 
16 AC2 11 HOH I .  ? HOH B 2014 . ? 1_555 ? 
17 AC2 11 HOH I .  ? HOH B 2046 . ? 1_555 ? 
18 AC3 12 DC  A 1  ? DC  A 1    . ? 2_364 ? 
19 AC3 12 DA  A 6  ? DA  A 6    . ? 3_455 ? 
20 AC3 12 DT  A 7  ? DT  A 7    . ? 3_455 ? 
21 AC3 12 DC  B 3  ? DC  B 3    . ? 1_555 ? 
22 AC3 12 DG  B 4  ? DG  B 4    . ? 1_555 ? 
23 AC3 12 DT  B 8  ? DT  B 8    . ? 3_355 ? 
24 AC3 12 DC  B 9  ? DC  B 9    . ? 3_455 ? 
25 AC3 12 DG  B 10 ? DG  B 10   . ? 3_455 ? 
26 AC3 12 DG  B 12 ? DG  B 12   . ? 2_364 ? 
27 AC3 12 A71 E .  ? A71 B 201  . ? 1_555 ? 
28 AC3 12 A71 G .  ? A71 B 203  . ? 1_555 ? 
29 AC3 12 HOH I .  ? HOH B 2073 . ? 2_364 ? 
30 AC4 8  DA  B 5  ? DA  B 5    . ? 1_555 ? 
31 AC4 8  DA  B 6  ? DA  B 6    . ? 1_555 ? 
32 AC4 8  DT  B 8  ? DT  B 8    . ? 3_355 ? 
33 AC4 8  DG  B 12 ? DG  B 12   . ? 2_364 ? 
34 AC4 8  A71 E .  ? A71 B 201  . ? 1_455 ? 
35 AC4 8  A72 F .  ? A72 B 202  . ? 1_555 ? 
36 AC4 8  HOH I .  ? HOH B 2046 . ? 1_455 ? 
37 AC4 8  HOH I .  ? HOH B 2104 . ? 1_555 ? 
38 AC5 7  DC  A 3  ? DC  A 3    . ? 1_555 ? 
39 AC5 7  DG  A 4  ? DG  A 4    . ? 1_555 ? 
40 AC5 7  DG  A 12 ? DG  A 12   . ? 2_365 ? 
41 AC5 7  HOH H .  ? HOH A 2027 . ? 2_365 ? 
42 AC5 7  HOH H .  ? HOH A 2085 . ? 2_365 ? 
43 AC5 7  HOH H .  ? HOH A 2106 . ? 1_555 ? 
44 AC5 7  DC  B 1  ? DC  B 1    . ? 3_455 ? 
# 
_atom_sites.entry_id                    2DYW 
_atom_sites.fract_transf_matrix[1][1]   0.03493023 
_atom_sites.fract_transf_matrix[1][2]   0.02353581 
_atom_sites.fract_transf_matrix[1][3]   0.00317452 
_atom_sites.fract_transf_matrix[2][1]   0.00758818 
_atom_sites.fract_transf_matrix[2][2]   -0.00841027 
_atom_sites.fract_transf_matrix[2][3]   -0.02114160 
_atom_sites.fract_transf_matrix[3][1]   -0.00707977 
_atom_sites.fract_transf_matrix[3][2]   0.01146524 
_atom_sites.fract_transf_matrix[3][3]   -0.00710204 
_atom_sites.fract_transf_vector[1]      -0.740225 
_atom_sites.fract_transf_vector[2]      0.421697 
_atom_sites.fract_transf_vector[3]      0.282312 
# 
loop_
_atom_type.symbol 
C  
N  
NA 
O  
P  
PT 
# 
loop_
_atom_site.group_PDB 
_atom_site.id 
_atom_site.type_symbol 
_atom_site.label_atom_id 
_atom_site.label_alt_id 
_atom_site.label_comp_id 
_atom_site.label_asym_id 
_atom_site.label_entity_id 
_atom_site.label_seq_id 
_atom_site.pdbx_PDB_ins_code 
_atom_site.Cartn_x 
_atom_site.Cartn_y 
_atom_site.Cartn_z 
_atom_site.occupancy 
_atom_site.B_iso_or_equiv 
_atom_site.pdbx_formal_charge 
_atom_site.auth_seq_id 
_atom_site.auth_comp_id 
_atom_site.auth_asym_id 
_atom_site.auth_atom_id 
_atom_site.pdbx_PDB_model_num 
ATOM   1   O  "O5'" . DC  A 1 1  ? -17.380 2.081   -10.484 1.00 20.90 ? 1    DC  A "O5'" 1 
ATOM   2   C  "C5'" . DC  A 1 1  ? -17.146 3.447   -10.137 1.00 15.53 ? 1    DC  A "C5'" 1 
ATOM   3   C  "C4'" . DC  A 1 1  ? -15.706 3.703   -10.525 1.00 15.61 ? 1    DC  A "C4'" 1 
ATOM   4   O  "O4'" . DC  A 1 1  ? -15.523 5.154   -10.555 1.00 13.13 ? 1    DC  A "O4'" 1 
ATOM   5   C  "C3'" . DC  A 1 1  ? -14.608 3.078   -9.658  1.00 15.40 ? 1    DC  A "C3'" 1 
ATOM   6   O  "O3'" . DC  A 1 1  ? -13.445 2.883   -10.485 1.00 16.81 ? 1    DC  A "O3'" 1 
ATOM   7   C  "C2'" . DC  A 1 1  ? -14.207 4.245   -8.803  1.00 14.27 ? 1    DC  A "C2'" 1 
ATOM   8   C  "C1'" . DC  A 1 1  ? -14.420 5.444   -9.736  1.00 11.67 ? 1    DC  A "C1'" 1 
ATOM   9   N  N1    . DC  A 1 1  ? -14.506 6.677   -8.934  1.00 10.77 ? 1    DC  A N1    1 
ATOM   10  C  C2    . DC  A 1 1  ? -13.730 7.779   -9.270  1.00 8.92  ? 1    DC  A C2    1 
ATOM   11  O  O2    . DC  A 1 1  ? -12.968 7.728   -10.247 1.00 10.02 ? 1    DC  A O2    1 
ATOM   12  N  N3    . DC  A 1 1  ? -13.796 8.905   -8.544  1.00 10.92 ? 1    DC  A N3    1 
ATOM   13  C  C4    . DC  A 1 1  ? -14.635 8.912   -7.502  1.00 11.30 ? 1    DC  A C4    1 
ATOM   14  N  N4    . DC  A 1 1  ? -14.707 10.019  -6.783  1.00 11.72 ? 1    DC  A N4    1 
ATOM   15  C  C5    . DC  A 1 1  ? -15.461 7.816   -7.102  1.00 15.16 ? 1    DC  A C5    1 
ATOM   16  C  C6    . DC  A 1 1  ? -15.353 6.721   -7.857  1.00 13.68 ? 1    DC  A C6    1 
ATOM   17  P  P     . DG  A 1 2  ? -12.492 1.625   -10.205 1.00 16.29 ? 2    DG  A P     1 
ATOM   18  O  OP1   . DG  A 1 2  ? -12.922 0.437   -10.972 1.00 20.66 ? 2    DG  A OP1   1 
ATOM   19  O  OP2   . DG  A 1 2  ? -12.227 1.528   -8.728  1.00 20.47 ? 2    DG  A OP2   1 
ATOM   20  O  "O5'" . DG  A 1 2  ? -11.205 2.110   -10.950 1.00 14.51 ? 2    DG  A "O5'" 1 
ATOM   21  C  "C5'" . DG  A 1 2  ? -11.122 2.253   -12.366 1.00 13.40 ? 2    DG  A "C5'" 1 
ATOM   22  C  "C4'" . DG  A 1 2  ? -10.211 3.400   -12.749 1.00 13.44 ? 2    DG  A "C4'" 1 
ATOM   23  O  "O4'" . DG  A 1 2  ? -10.782 4.547   -12.101 1.00 12.84 ? 2    DG  A "O4'" 1 
ATOM   24  C  "C3'" . DG  A 1 2  ? -8.773  3.409   -12.177 1.00 12.96 ? 2    DG  A "C3'" 1 
ATOM   25  O  "O3'" . DG  A 1 2  ? -8.053  2.621   -13.150 1.00 14.56 ? 2    DG  A "O3'" 1 
ATOM   26  C  "C2'" . DG  A 1 2  ? -8.301  4.861   -12.160 1.00 12.44 ? 2    DG  A "C2'" 1 
ATOM   27  C  "C1'" . DG  A 1 2  ? -9.612  5.218   -11.642 1.00 14.83 ? 2    DG  A "C1'" 1 
ATOM   28  N  N9    . DG  A 1 2  ? -9.972  5.843   -10.393 1.00 11.24 ? 2    DG  A N9    1 
ATOM   29  C  C8    . DG  A 1 2  ? -10.870 5.287   -9.497  1.00 10.93 ? 2    DG  A C8    1 
ATOM   30  N  N7    . DG  A 1 2  ? -11.036 6.023   -8.450  1.00 11.67 ? 2    DG  A N7    1 
ATOM   31  C  C5    . DG  A 1 2  ? -10.199 7.112   -8.685  1.00 10.71 ? 2    DG  A C5    1 
ATOM   32  C  C6    . DG  A 1 2  ? -10.012 8.226   -7.826  1.00 9.25  ? 2    DG  A C6    1 
ATOM   33  O  O6    . DG  A 1 2  ? -10.548 8.432   -6.729  1.00 11.40 ? 2    DG  A O6    1 
ATOM   34  N  N1    . DG  A 1 2  ? -9.116  9.124   -8.367  1.00 8.84  ? 2    DG  A N1    1 
ATOM   35  C  C2    . DG  A 1 2  ? -8.474  8.971   -9.580  1.00 10.02 ? 2    DG  A C2    1 
ATOM   36  N  N2    . DG  A 1 2  ? -7.634  9.953   -9.936  1.00 8.38  ? 2    DG  A N2    1 
ATOM   37  N  N3    . DG  A 1 2  ? -8.671  7.917   -10.362 1.00 9.27  ? 2    DG  A N3    1 
ATOM   38  C  C4    . DG  A 1 2  ? -9.543  7.016   -9.874  1.00 9.23  ? 2    DG  A C4    1 
ATOM   39  P  P     . DC  A 1 3  ? -6.619  2.034   -12.709 1.00 16.19 ? 3    DC  A P     1 
ATOM   40  O  OP1   . DC  A 1 3  ? -6.141  1.246   -13.837 1.00 17.67 ? 3    DC  A OP1   1 
ATOM   41  O  OP2   . DC  A 1 3  ? -6.736  1.426   -11.341 1.00 18.18 ? 3    DC  A OP2   1 
ATOM   42  O  "O5'" . DC  A 1 3  ? -5.632  3.221   -12.487 1.00 13.49 ? 3    DC  A "O5'" 1 
ATOM   43  C  "C5'" . DC  A 1 3  ? -5.408  4.120   -13.582 1.00 12.49 ? 3    DC  A "C5'" 1 
ATOM   44  C  "C4'" . DC  A 1 3  ? -4.696  5.243   -12.871 1.00 11.89 ? 3    DC  A "C4'" 1 
ATOM   45  O  "O4'" . DC  A 1 3  ? -5.511  5.874   -11.875 1.00 11.95 ? 3    DC  A "O4'" 1 
ATOM   46  C  "C3'" . DC  A 1 3  ? -3.452  4.926   -12.057 1.00 15.31 ? 3    DC  A "C3'" 1 
ATOM   47  O  "O3'" . DC  A 1 3  ? -2.301  5.222   -12.863 1.00 17.98 ? 3    DC  A "O3'" 1 
ATOM   48  C  "C2'" . DC  A 1 3  ? -3.306  5.818   -10.848 1.00 15.83 ? 3    DC  A "C2'" 1 
ATOM   49  C  "C1'" . DC  A 1 3  ? -4.737  6.211   -10.706 1.00 13.82 ? 3    DC  A "C1'" 1 
ATOM   50  N  N1    . DC  A 1 3  ? -5.600  5.844   -9.596  1.00 10.77 ? 3    DC  A N1    1 
ATOM   51  C  C2    . DC  A 1 3  ? -5.862  6.774   -8.587  1.00 10.21 ? 3    DC  A C2    1 
ATOM   52  O  O2    . DC  A 1 3  ? -5.350  7.916   -8.647  1.00 10.18 ? 3    DC  A O2    1 
ATOM   53  N  N3    . DC  A 1 3  ? -6.668  6.406   -7.573  1.00 10.50 ? 3    DC  A N3    1 
ATOM   54  C  C4    . DC  A 1 3  ? -7.198  5.190   -7.531  1.00 9.89  ? 3    DC  A C4    1 
ATOM   55  N  N4    . DC  A 1 3  ? -7.990  4.865   -6.503  1.00 11.79 ? 3    DC  A N4    1 
ATOM   56  C  C5    . DC  A 1 3  ? -6.938  4.237   -8.546  1.00 12.26 ? 3    DC  A C5    1 
ATOM   57  C  C6    . DC  A 1 3  ? -6.138  4.590   -9.561  1.00 12.20 ? 3    DC  A C6    1 
ATOM   58  P  P     . DG  A 1 4  ? -0.755  4.913   -12.542 1.00 20.02 ? 4    DG  A P     1 
ATOM   59  O  OP1   . DG  A 1 4  ? 0.054   5.162   -13.742 1.00 27.00 ? 4    DG  A OP1   1 
ATOM   60  O  OP2   . DG  A 1 4  ? -0.811  3.644   -11.766 1.00 26.98 ? 4    DG  A OP2   1 
ATOM   61  O  "O5'" . DG  A 1 4  ? -0.224  5.921   -11.448 1.00 16.19 ? 4    DG  A "O5'" 1 
ATOM   62  C  "C5'" . DG  A 1 4  ? -0.055  7.321   -11.714 1.00 14.53 ? 4    DG  A "C5'" 1 
ATOM   63  C  "C4'" . DG  A 1 4  ? 0.311   8.047   -10.444 1.00 15.85 ? 4    DG  A "C4'" 1 
ATOM   64  O  "O4'" . DG  A 1 4  ? -0.656  7.843   -9.399  1.00 15.72 ? 4    DG  A "O4'" 1 
ATOM   65  C  "C3'" . DG  A 1 4  ? 1.544   7.354   -9.871  1.00 18.25 ? 4    DG  A "C3'" 1 
ATOM   66  O  "O3'" . DG  A 1 4  ? 2.376   8.454   -9.470  1.00 21.55 ? 4    DG  A "O3'" 1 
ATOM   67  C  "C2'" . DG  A 1 4  ? 1.139   6.474   -8.700  1.00 17.95 ? 4    DG  A "C2'" 1 
ATOM   68  C  "C1'" . DG  A 1 4  ? -0.140  7.148   -8.263  1.00 15.32 ? 4    DG  A "C1'" 1 
ATOM   69  N  N9    . DG  A 1 4  ? -1.255  6.390   -7.699  1.00 14.91 ? 4    DG  A N9    1 
ATOM   70  C  C8    . DG  A 1 4  ? -1.684  5.143   -8.107  1.00 16.15 ? 4    DG  A C8    1 
ATOM   71  N  N7    . DG  A 1 4  ? -2.700  4.690   -7.438  1.00 14.42 ? 4    DG  A N7    1 
ATOM   72  C  C5    . DG  A 1 4  ? -2.968  5.698   -6.521  1.00 12.08 ? 4    DG  A C5    1 
ATOM   73  C  C6    . DG  A 1 4  ? -3.973  5.754   -5.525  1.00 13.29 ? 4    DG  A C6    1 
ATOM   74  O  O6    . DG  A 1 4  ? -4.845  4.923   -5.240  1.00 13.09 ? 4    DG  A O6    1 
ATOM   75  N  N1    . DG  A 1 4  ? -3.906  6.938   -4.809  1.00 12.03 ? 4    DG  A N1    1 
ATOM   76  C  C2    . DG  A 1 4  ? -2.987  7.942   -5.027  1.00 11.70 ? 4    DG  A C2    1 
ATOM   77  N  N2    . DG  A 1 4  ? -3.109  8.996   -4.217  1.00 15.35 ? 4    DG  A N2    1 
ATOM   78  N  N3    . DG  A 1 4  ? -2.059  7.876   -5.955  1.00 14.27 ? 4    DG  A N3    1 
ATOM   79  C  C4    . DG  A 1 4  ? -2.084  6.746   -6.676  1.00 12.74 ? 4    DG  A C4    1 
ATOM   80  P  P     . DA  A 1 5  ? 3.812   8.321   -8.748  1.00 29.54 ? 5    DA  A P     1 
ATOM   81  O  OP1   . DA  A 1 5  ? 4.482   9.606   -9.093  1.00 36.31 ? 5    DA  A OP1   1 
ATOM   82  O  OP2   . DA  A 1 5  ? 4.194   6.950   -9.148  1.00 29.67 ? 5    DA  A OP2   1 
ATOM   83  O  "O5'" . DA  A 1 5  ? 3.469   8.406   -7.186  1.00 27.67 ? 5    DA  A "O5'" 1 
ATOM   84  C  "C5'" . DA  A 1 5  ? 2.697   9.576   -6.892  1.00 25.42 ? 5    DA  A "C5'" 1 
ATOM   85  C  "C4'" . DA  A 1 5  ? 2.723   9.606   -5.371  1.00 25.02 ? 5    DA  A "C4'" 1 
ATOM   86  O  "O4'" . DA  A 1 5  ? 1.673   8.711   -4.929  1.00 25.27 ? 5    DA  A "O4'" 1 
ATOM   87  C  "C3'" . DA  A 1 5  ? 3.565   9.011   -4.242  1.00 27.82 ? 5    DA  A "C3'" 1 
ATOM   88  O  "O3'" . DA  A 1 5  ? 4.018   9.987   -3.299  1.00 30.11 ? 5    DA  A "O3'" 1 
ATOM   89  C  "C2'" . DA  A 1 5  ? 3.347   7.569   -3.851  1.00 23.91 ? 5    DA  A "C2'" 1 
ATOM   90  C  "C1'" . DA  A 1 5  ? 1.837   7.806   -3.845  1.00 24.86 ? 5    DA  A "C1'" 1 
ATOM   91  N  N9    . DA  A 1 5  ? 1.060   6.595   -4.130  1.00 23.73 ? 5    DA  A N9    1 
ATOM   92  C  C8    . DA  A 1 5  ? 1.311   5.635   -5.083  1.00 22.18 ? 5    DA  A C8    1 
ATOM   93  N  N7    . DA  A 1 5  ? 0.430   4.662   -5.101  1.00 20.61 ? 5    DA  A N7    1 
ATOM   94  C  C5    . DA  A 1 5  ? -0.466  4.991   -4.094  1.00 20.71 ? 5    DA  A C5    1 
ATOM   95  C  C6    . DA  A 1 5  ? -1.626  4.368   -3.606  1.00 19.31 ? 5    DA  A C6    1 
ATOM   96  N  N6    . DA  A 1 5  ? -2.154  3.223   -4.048  1.00 18.07 ? 5    DA  A N6    1 
ATOM   97  N  N1    . DA  A 1 5  ? -2.275  4.982   -2.588  1.00 20.57 ? 5    DA  A N1    1 
ATOM   98  C  C2    . DA  A 1 5  ? -1.783  6.129   -2.112  1.00 20.83 ? 5    DA  A C2    1 
ATOM   99  N  N3    . DA  A 1 5  ? -0.700  6.809   -2.495  1.00 20.46 ? 5    DA  A N3    1 
ATOM   100 C  C4    . DA  A 1 5  ? -0.087  6.178   -3.492  1.00 21.41 ? 5    DA  A C4    1 
ATOM   101 P  P     . DA  A 1 6  ? 5.042   9.646   -2.114  1.00 27.61 ? 6    DA  A P     1 
ATOM   102 O  OP1   . DA  A 1 6  ? 5.227   11.087  -1.789  1.00 35.90 ? 6    DA  A OP1   1 
ATOM   103 O  OP2   . DA  A 1 6  ? 6.184   8.729   -2.248  1.00 33.01 ? 6    DA  A OP2   1 
ATOM   104 O  "O5'" . DA  A 1 6  ? 4.240   9.327   -0.780  1.00 22.28 ? 6    DA  A "O5'" 1 
ATOM   105 C  "C5'" . DA  A 1 6  ? 3.103   10.111  -0.404  1.00 20.49 ? 6    DA  A "C5'" 1 
ATOM   106 C  "C4'" . DA  A 1 6  ? 2.267   9.500   0.697   1.00 15.19 ? 6    DA  A "C4'" 1 
ATOM   107 O  "O4'" . DA  A 1 6  ? 1.685   8.272   0.177   1.00 16.14 ? 6    DA  A "O4'" 1 
ATOM   108 C  "C3'" . DA  A 1 6  ? 3.194   8.896   1.741   1.00 16.06 ? 6    DA  A "C3'" 1 
ATOM   109 O  "O3'" . DA  A 1 6  ? 2.601   9.366   2.957   1.00 17.24 ? 6    DA  A "O3'" 1 
ATOM   110 C  "C2'" . DA  A 1 6  ? 3.157   7.381   1.707   1.00 16.68 ? 6    DA  A "C2'" 1 
ATOM   111 C  "C1'" . DA  A 1 6  ? 1.806   7.135   1.052   1.00 16.57 ? 6    DA  A "C1'" 1 
ATOM   112 N  N9    . DA  A 1 6  ? 1.734   5.998   0.123   1.00 15.07 ? 6    DA  A N9    1 
ATOM   113 C  C8    . DA  A 1 6  ? 2.592   5.708   -0.910  1.00 15.63 ? 6    DA  A C8    1 
ATOM   114 N  N7    . DA  A 1 6  ? 2.264   4.622   -1.562  1.00 12.73 ? 6    DA  A N7    1 
ATOM   115 C  C5    . DA  A 1 6  ? 1.119   4.174   -0.928  1.00 14.40 ? 6    DA  A C5    1 
ATOM   116 C  C6    . DA  A 1 6  ? 0.295   3.056   -1.170  1.00 12.08 ? 6    DA  A C6    1 
ATOM   117 N  N6    . DA  A 1 6  ? 0.464   2.136   -2.125  1.00 13.58 ? 6    DA  A N6    1 
ATOM   118 N  N1    . DA  A 1 6  ? -0.754  2.932   -0.333  1.00 11.62 ? 6    DA  A N1    1 
ATOM   119 C  C2    . DA  A 1 6  ? -0.995  3.807   0.652   1.00 14.30 ? 6    DA  A C2    1 
ATOM   120 N  N3    . DA  A 1 6  ? -0.270  4.896   0.957   1.00 14.07 ? 6    DA  A N3    1 
ATOM   121 C  C4    . DA  A 1 6  ? 0.779   5.008   0.110   1.00 12.41 ? 6    DA  A C4    1 
ATOM   122 P  P     . DT  A 1 7  ? 3.317   9.233   4.381   1.00 16.94 ? 7    DT  A P     1 
ATOM   123 O  OP1   . DT  A 1 7  ? 2.904   10.422  5.187   1.00 17.41 ? 7    DT  A OP1   1 
ATOM   124 O  OP2   . DT  A 1 7  ? 4.747   8.920   4.162   1.00 18.85 ? 7    DT  A OP2   1 
ATOM   125 O  "O5'" . DT  A 1 7  ? 2.541   7.938   4.859   1.00 18.46 ? 7    DT  A "O5'" 1 
ATOM   126 C  "C5'" . DT  A 1 7  ? 1.124   7.780   5.029   1.00 16.92 ? 7    DT  A "C5'" 1 
ATOM   127 C  "C4'" . DT  A 1 7  ? 0.712   6.352   5.348   1.00 18.63 ? 7    DT  A "C4'" 1 
ATOM   128 O  "O4'" . DT  A 1 7  ? 1.063   5.587   4.177   1.00 14.24 ? 7    DT  A "O4'" 1 
ATOM   129 C  "C3'" . DT  A 1 7  ? 1.628   5.736   6.406   1.00 20.55 ? 7    DT  A "C3'" 1 
ATOM   130 O  "O3'" . DT  A 1 7  ? 0.754   5.637   7.545   1.00 23.35 ? 7    DT  A "O3'" 1 
ATOM   131 C  "C2'" . DT  A 1 7  ? 2.023   4.397   5.818   1.00 20.73 ? 7    DT  A "C2'" 1 
ATOM   132 C  "C1'" . DT  A 1 7  ? 1.102   4.250   4.623   1.00 16.67 ? 7    DT  A "C1'" 1 
ATOM   133 N  N1    . DT  A 1 7  ? 1.678   3.522   3.480   1.00 14.29 ? 7    DT  A N1    1 
ATOM   134 C  C2    . DT  A 1 7  ? 0.988   2.439   2.978   1.00 12.64 ? 7    DT  A C2    1 
ATOM   135 O  O2    . DT  A 1 7  ? -0.094  2.007   3.392   1.00 14.39 ? 7    DT  A O2    1 
ATOM   136 N  N3    . DT  A 1 7  ? 1.562   1.789   1.913   1.00 12.31 ? 7    DT  A N3    1 
ATOM   137 C  C4    . DT  A 1 7  ? 2.765   2.100   1.292   1.00 12.19 ? 7    DT  A C4    1 
ATOM   138 O  O4    . DT  A 1 7  ? 3.161   1.430   0.346   1.00 15.30 ? 7    DT  A O4    1 
ATOM   139 C  C5    . DT  A 1 7  ? 3.432   3.249   1.881   1.00 14.36 ? 7    DT  A C5    1 
ATOM   140 C  C7    . DT  A 1 7  ? 4.743   3.691   1.300   1.00 15.66 ? 7    DT  A C7    1 
ATOM   141 C  C6    . DT  A 1 7  ? 2.876   3.889   2.921   1.00 14.07 ? 7    DT  A C6    1 
ATOM   142 P  P     . DT  A 1 8  ? 1.023   4.803   8.904   1.00 28.12 ? 8    DT  A P     1 
ATOM   143 O  OP1   . DT  A 1 8  ? 0.189   5.495   9.922   1.00 37.17 ? 8    DT  A OP1   1 
ATOM   144 O  OP2   . DT  A 1 8  ? 2.507   4.695   8.930   1.00 36.39 ? 8    DT  A OP2   1 
ATOM   145 O  "O5'" . DT  A 1 8  ? 0.398   3.369   8.562   1.00 24.42 ? 8    DT  A "O5'" 1 
ATOM   146 C  "C5'" . DT  A 1 8  ? -0.979  3.227   8.199   1.00 21.51 ? 8    DT  A "C5'" 1 
ATOM   147 C  "C4'" . DT  A 1 8  ? -1.331  1.780   7.926   1.00 18.80 ? 8    DT  A "C4'" 1 
ATOM   148 O  "O4'" . DT  A 1 8  ? -0.550  1.394   6.765   1.00 17.37 ? 8    DT  A "O4'" 1 
ATOM   149 C  "C3'" . DT  A 1 8  ? -0.842  0.927   9.098   1.00 20.82 ? 8    DT  A "C3'" 1 
ATOM   150 O  "O3'" . DT  A 1 8  ? -1.979  0.148   9.494   1.00 20.08 ? 8    DT  A "O3'" 1 
ATOM   151 C  "C2'" . DT  A 1 8  ? 0.202   -0.024  8.538   1.00 19.34 ? 8    DT  A "C2'" 1 
ATOM   152 C  "C1'" . DT  A 1 8  ? -0.014  0.080   7.052   1.00 15.65 ? 8    DT  A "C1'" 1 
ATOM   153 N  N1    . DT  A 1 8  ? 1.042   -0.059  6.048   1.00 13.04 ? 8    DT  A N1    1 
ATOM   154 C  C2    . DT  A 1 8  ? 0.948   -0.979  5.039   1.00 11.82 ? 8    DT  A C2    1 
ATOM   155 O  O2    . DT  A 1 8  ? 0.022   -1.768  4.853   1.00 13.47 ? 8    DT  A O2    1 
ATOM   156 N  N3    . DT  A 1 8  ? 2.008   -1.003  4.154   1.00 12.15 ? 8    DT  A N3    1 
ATOM   157 C  C4    . DT  A 1 8  ? 3.128   -0.196  4.209   1.00 13.15 ? 8    DT  A C4    1 
ATOM   158 O  O4    . DT  A 1 8  ? 4.028   -0.296  3.369   1.00 13.01 ? 8    DT  A O4    1 
ATOM   159 C  C5    . DT  A 1 8  ? 3.151   0.749   5.306   1.00 14.37 ? 8    DT  A C5    1 
ATOM   160 C  C7    . DT  A 1 8  ? 4.342   1.657   5.416   1.00 20.01 ? 8    DT  A C7    1 
ATOM   161 C  C6    . DT  A 1 8  ? 2.137   0.797   6.172   1.00 13.08 ? 8    DT  A C6    1 
ATOM   162 P  P     . DC  A 1 9  ? -2.007  -1.137  10.460  1.00 21.41 ? 9    DC  A P     1 
ATOM   163 O  OP1   . DC  A 1 9  ? -3.247  -1.195  11.270  1.00 29.08 ? 9    DC  A OP1   1 
ATOM   164 O  OP2   . DC  A 1 9  ? -0.814  -1.371  11.319  1.00 23.12 ? 9    DC  A OP2   1 
ATOM   165 O  "O5'" . DC  A 1 9  ? -1.840  -2.379  9.456   1.00 22.91 ? 9    DC  A "O5'" 1 
ATOM   166 C  "C5'" . DC  A 1 9  ? -2.965  -2.587  8.590   1.00 20.99 ? 9    DC  A "C5'" 1 
ATOM   167 C  "C4'" . DC  A 1 9  ? -2.836  -3.677  7.537   1.00 16.66 ? 9    DC  A "C4'" 1 
ATOM   168 O  "O4'" . DC  A 1 9  ? -1.526  -3.704  6.926   1.00 17.96 ? 9    DC  A "O4'" 1 
ATOM   169 C  "C3'" . DC  A 1 9  ? -2.606  -4.948  8.390   1.00 18.66 ? 9    DC  A "C3'" 1 
ATOM   170 O  "O3'" . DC  A 1 9  ? -3.441  -5.997  7.883   1.00 19.66 ? 9    DC  A "O3'" 1 
ATOM   171 C  "C2'" . DC  A 1 9  ? -1.230  -5.596  8.447   1.00 17.32 ? 9    DC  A "C2'" 1 
ATOM   172 C  "C1'" . DC  A 1 9  ? -0.721  -4.896  7.217   1.00 15.89 ? 9    DC  A "C1'" 1 
ATOM   173 N  N1    . DC  A 1 9  ? 0.608   -4.350  6.917   1.00 14.41 ? 9    DC  A N1    1 
ATOM   174 C  C2    . DC  A 1 9  ? 1.360   -4.882  5.855   1.00 11.18 ? 9    DC  A C2    1 
ATOM   175 O  O2    . DC  A 1 9  ? 0.940   -5.811  5.158   1.00 13.10 ? 9    DC  A O2    1 
ATOM   176 N  N3    . DC  A 1 9  ? 2.583   -4.353  5.603   1.00 11.82 ? 9    DC  A N3    1 
ATOM   177 C  C4    . DC  A 1 9  ? 3.038   -3.351  6.359   1.00 11.98 ? 9    DC  A C4    1 
ATOM   178 N  N4    . DC  A 1 9  ? 4.241   -2.809  6.132   1.00 12.73 ? 9    DC  A N4    1 
ATOM   179 C  C5    . DC  A 1 9  ? 2.284   -2.794  7.447   1.00 14.57 ? 9    DC  A C5    1 
ATOM   180 C  C6    . DC  A 1 9  ? 1.093   -3.324  7.677   1.00 14.62 ? 9    DC  A C6    1 
ATOM   181 P  P     . DG  A 1 10 ? -3.967  -7.309  8.652   1.00 21.96 ? 10   DG  A P     1 
ATOM   182 O  OP1   . DG  A 1 10 ? -5.191  -7.780  7.936   1.00 25.80 ? 10   DG  A OP1   1 
ATOM   183 O  OP2   . DG  A 1 10 ? -3.933  -7.269  10.130  1.00 27.74 ? 10   DG  A OP2   1 
ATOM   184 O  "O5'" . DG  A 1 10 ? -2.794  -8.346  8.350   1.00 18.11 ? 10   DG  A "O5'" 1 
ATOM   185 C  "C5'" . DG  A 1 10 ? -2.605  -8.860  7.026   1.00 13.63 ? 10   DG  A "C5'" 1 
ATOM   186 C  "C4'" . DG  A 1 10 ? -1.305  -9.612  7.015   1.00 13.43 ? 10   DG  A "C4'" 1 
ATOM   187 O  "O4'" . DG  A 1 10 ? -0.209  -8.688  7.128   1.00 14.09 ? 10   DG  A "O4'" 1 
ATOM   188 C  "C3'" . DG  A 1 10 ? -1.048  -10.620 8.151   1.00 12.92 ? 10   DG  A "C3'" 1 
ATOM   189 O  "O3'" . DG  A 1 10 ? -0.283  -11.716 7.616   1.00 14.40 ? 10   DG  A "O3'" 1 
ATOM   190 C  "C2'" . DG  A 1 10 ? 0.006   -9.997  9.082   1.00 12.36 ? 10   DG  A "C2'" 1 
ATOM   191 C  "C1'" . DG  A 1 10 ? 0.741   -9.255  7.999   1.00 13.32 ? 10   DG  A "C1'" 1 
ATOM   192 N  N9    . DG  A 1 10 ? 1.632   -8.133  8.321   1.00 12.24 ? 10   DG  A N9    1 
ATOM   193 C  C8    . DG  A 1 10 ? 1.573   -7.189  9.317   1.00 13.67 ? 10   DG  A C8    1 
ATOM   194 N  N7    . DG  A 1 10 ? 2.565   -6.338  9.277   1.00 13.93 ? 10   DG  A N7    1 
ATOM   195 C  C5    . DG  A 1 10 ? 3.345   -6.731  8.184   1.00 12.71 ? 10   DG  A C5    1 
ATOM   196 C  C6    . DG  A 1 10 ? 4.547   -6.169  7.667   1.00 11.35 ? 10   DG  A C6    1 
ATOM   197 O  O6    . DG  A 1 10 ? 5.217   -5.192  8.044   1.00 12.05 ? 10   DG  A O6    1 
ATOM   198 N  N1    . DG  A 1 10 ? 4.982   -6.896  6.554   1.00 11.64 ? 10   DG  A N1    1 
ATOM   199 C  C2    . DG  A 1 10 ? 4.341   -7.993  6.034   1.00 10.67 ? 10   DG  A C2    1 
ATOM   200 N  N2    . DG  A 1 10 ? 4.881   -8.596  4.949   1.00 10.13 ? 10   DG  A N2    1 
ATOM   201 N  N3    . DG  A 1 10 ? 3.231   -8.498  6.522   1.00 11.20 ? 10   DG  A N3    1 
ATOM   202 C  C4    . DG  A 1 10 ? 2.764   -7.842  7.595   1.00 11.44 ? 10   DG  A C4    1 
ATOM   203 P  P     . DC  A 1 11 ? -1.022  -13.103 7.249   1.00 18.06 ? 11   DC  A P     1 
ATOM   204 O  OP1   . DC  A 1 11 ? -2.199  -12.747 6.431   1.00 26.45 ? 11   DC  A OP1   1 
ATOM   205 O  OP2   . DC  A 1 11 ? -0.999  -14.001 8.414   1.00 25.32 ? 11   DC  A OP2   1 
ATOM   206 O  "O5'" . DC  A 1 11 ? 0.048   -13.710 6.267   1.00 13.26 ? 11   DC  A "O5'" 1 
ATOM   207 C  "C5'" . DC  A 1 11 ? 0.069   -13.245 4.909   1.00 13.95 ? 11   DC  A "C5'" 1 
ATOM   208 C  "C4'" . DC  A 1 11 ? 1.383   -13.724 4.353   1.00 12.00 ? 11   DC  A "C4'" 1 
ATOM   209 O  "O4'" . DC  A 1 11 ? 2.497   -12.879 4.717   1.00 12.71 ? 11   DC  A "O4'" 1 
ATOM   210 C  "C3'" . DC  A 1 11 ? 1.836   -15.141 4.685   1.00 10.14 ? 11   DC  A "C3'" 1 
ATOM   211 O  "O3'" . DC  A 1 11 ? 2.346   -15.818 3.521   1.00 10.76 ? 11   DC  A "O3'" 1 
ATOM   212 C  "C2'" . DC  A 1 11 ? 2.923   -14.972 5.737   1.00 10.86 ? 11   DC  A "C2'" 1 
ATOM   213 C  "C1'" . DC  A 1 11 ? 3.496   -13.583 5.471   1.00 9.91  ? 11   DC  A "C1'" 1 
ATOM   214 N  N1    . DC  A 1 11 ? 3.807   -12.640 6.564   1.00 10.51 ? 11   DC  A N1    1 
ATOM   215 C  C2    . DC  A 1 11 ? 4.939   -11.830 6.454   1.00 10.12 ? 11   DC  A C2    1 
ATOM   216 O  O2    . DC  A 1 11 ? 5.647   -11.940 5.452   1.00 9.62  ? 11   DC  A O2    1 
ATOM   217 N  N3    . DC  A 1 11 ? 5.210   -10.953 7.459   1.00 9.30  ? 11   DC  A N3    1 
ATOM   218 C  C4    . DC  A 1 11 ? 4.383   -10.895 8.508   1.00 10.94 ? 11   DC  A C4    1 
ATOM   219 N  N4    . DC  A 1 11 ? 4.718   -10.010 9.457   1.00 10.87 ? 11   DC  A N4    1 
ATOM   220 C  C5    . DC  A 1 11 ? 3.227   -11.696 8.638   1.00 14.02 ? 11   DC  A C5    1 
ATOM   221 C  C6    . DC  A 1 11 ? 2.966   -12.557 7.644   1.00 12.10 ? 11   DC  A C6    1 
ATOM   222 P  P     . DG  A 1 12 ? 2.743   -17.373 3.564   1.00 11.37 ? 12   DG  A P     1 
ATOM   223 O  OP1   . DG  A 1 12 ? 2.617   -17.890 2.172   1.00 15.02 ? 12   DG  A OP1   1 
ATOM   224 O  OP2   . DG  A 1 12 ? 2.007   -18.022 4.682   1.00 14.56 ? 12   DG  A OP2   1 
ATOM   225 O  "O5'" . DG  A 1 12 ? 4.284   -17.338 3.911   1.00 11.57 ? 12   DG  A "O5'" 1 
ATOM   226 C  "C5'" . DG  A 1 12 ? 5.290   -16.680 3.123   1.00 11.11 ? 12   DG  A "C5'" 1 
ATOM   227 C  "C4'" . DG  A 1 12 ? 6.564   -16.591 3.922   1.00 9.71  ? 12   DG  A "C4'" 1 
ATOM   228 O  "O4'" . DG  A 1 12 ? 6.289   -15.724 5.011   1.00 11.03 ? 12   DG  A "O4'" 1 
ATOM   229 C  "C3'" . DG  A 1 12 ? 6.880   -17.905 4.654   1.00 13.40 ? 12   DG  A "C3'" 1 
ATOM   230 O  "O3'" . DG  A 1 12 ? 7.914   -18.605 3.949   1.00 16.99 ? 12   DG  A "O3'" 1 
ATOM   231 C  "C2'" . DG  A 1 12 ? 7.480   -17.463 5.986   1.00 12.30 ? 12   DG  A "C2'" 1 
ATOM   232 C  "C1'" . DG  A 1 12 ? 7.333   -15.938 5.971   1.00 10.73 ? 12   DG  A "C1'" 1 
ATOM   233 N  N9    . DG  A 1 12 ? 6.808   -15.320 7.199   1.00 10.23 ? 12   DG  A N9    1 
ATOM   234 C  C8    . DG  A 1 12 ? 5.705   -15.716 7.950   1.00 12.41 ? 12   DG  A C8    1 
ATOM   235 N  N7    . DG  A 1 12 ? 5.526   -14.939 8.978   1.00 12.18 ? 12   DG  A N7    1 
ATOM   236 C  C5    . DG  A 1 12 ? 6.549   -13.973 8.916   1.00 10.64 ? 12   DG  A C5    1 
ATOM   237 C  C6    . DG  A 1 12 ? 6.848   -12.872 9.780   1.00 11.10 ? 12   DG  A C6    1 
ATOM   238 O  O6    . DG  A 1 12 ? 6.268   -12.476 10.825  1.00 13.44 ? 12   DG  A O6    1 
ATOM   239 N  N1    . DG  A 1 12 ? 7.968   -12.177 9.326   1.00 11.28 ? 12   DG  A N1    1 
ATOM   240 C  C2    . DG  A 1 12 ? 8.709   -12.476 8.212   1.00 9.83  ? 12   DG  A C2    1 
ATOM   241 N  N2    . DG  A 1 12 ? 9.762   -11.668 7.953   1.00 11.88 ? 12   DG  A N2    1 
ATOM   242 N  N3    . DG  A 1 12 ? 8.415   -13.501 7.426   1.00 9.45  ? 12   DG  A N3    1 
ATOM   243 C  C4    . DG  A 1 12 ? 7.340   -14.206 7.820   1.00 9.81  ? 12   DG  A C4    1 
ATOM   244 O  "O5'" . DC  B 1 1  ? 12.029  -5.243  13.399  1.00 27.49 ? 1    DC  B "O5'" 1 
ATOM   245 C  "C5'" . DC  B 1 1  ? 13.185  -6.032  13.722  1.00 25.48 ? 1    DC  B "C5'" 1 
ATOM   246 C  "C4'" . DC  B 1 1  ? 13.645  -6.996  12.644  1.00 18.60 ? 1    DC  B "C4'" 1 
ATOM   247 O  "O4'" . DC  B 1 1  ? 12.449  -7.811  12.669  1.00 20.29 ? 1    DC  B "O4'" 1 
ATOM   248 C  "C3'" . DC  B 1 1  ? 13.626  -6.350  11.263  1.00 19.13 ? 1    DC  B "C3'" 1 
ATOM   249 O  "O3'" . DC  B 1 1  ? 14.674  -7.081  10.627  1.00 17.87 ? 1    DC  B "O3'" 1 
ATOM   250 C  "C2'" . DC  B 1 1  ? 12.470  -6.990  10.544  1.00 19.82 ? 1    DC  B "C2'" 1 
ATOM   251 C  "C1'" . DC  B 1 1  ? 11.921  -8.120  11.385  1.00 16.24 ? 1    DC  B "C1'" 1 
ATOM   252 N  N1    . DC  B 1 1  ? 10.529  -8.535  11.597  1.00 15.19 ? 1    DC  B N1    1 
ATOM   253 C  C2    . DC  B 1 1  ? 10.049  -9.638  10.910  1.00 13.51 ? 1    DC  B C2    1 
ATOM   254 O  O2    . DC  B 1 1  ? 10.803  -10.229 10.150  1.00 17.65 ? 1    DC  B O2    1 
ATOM   255 N  N3    . DC  B 1 1  ? 8.776   -10.073 11.063  1.00 15.45 ? 1    DC  B N3    1 
ATOM   256 C  C4    . DC  B 1 1  ? 7.976   -9.411  11.893  1.00 17.51 ? 1    DC  B C4    1 
ATOM   257 N  N4    . DC  B 1 1  ? 6.734   -9.870  12.013  1.00 17.14 ? 1    DC  B N4    1 
ATOM   258 C  C5    . DC  B 1 1  ? 8.430   -8.270  12.622  1.00 18.18 ? 1    DC  B C5    1 
ATOM   259 C  C6    . DC  B 1 1  ? 9.692   -7.860  12.452  1.00 18.35 ? 1    DC  B C6    1 
ATOM   260 P  P     . DG  B 1 2  ? 15.719  -6.217  9.788   1.00 18.03 ? 2    DG  B P     1 
ATOM   261 O  OP1   . DG  B 1 2  ? 16.995  -6.997  9.817   1.00 22.29 ? 2    DG  B OP1   1 
ATOM   262 O  OP2   . DG  B 1 2  ? 15.825  -4.829  10.263  1.00 24.10 ? 2    DG  B OP2   1 
ATOM   263 O  "O5'" . DG  B 1 2  ? 15.006  -6.243  8.357   1.00 14.60 ? 2    DG  B "O5'" 1 
ATOM   264 C  "C5'" . DG  B 1 2  ? 15.230  -7.371  7.490   1.00 13.99 ? 2    DG  B "C5'" 1 
ATOM   265 C  "C4'" . DG  B 1 2  ? 14.198  -7.266  6.386   1.00 12.55 ? 2    DG  B "C4'" 1 
ATOM   266 O  "O4'" . DG  B 1 2  ? 12.915  -7.700  6.917   1.00 10.61 ? 2    DG  B "O4'" 1 
ATOM   267 C  "C3'" . DG  B 1 2  ? 13.963  -5.905  5.735   1.00 12.27 ? 2    DG  B "C3'" 1 
ATOM   268 O  "O3'" . DG  B 1 2  ? 14.386  -6.073  4.373   1.00 11.70 ? 2    DG  B "O3'" 1 
ATOM   269 C  "C2'" . DG  B 1 2  ? 12.467  -5.611  5.830   1.00 12.63 ? 2    DG  B "C2'" 1 
ATOM   270 C  "C1'" . DG  B 1 2  ? 11.936  -7.001  6.122   1.00 10.98 ? 2    DG  B "C1'" 1 
ATOM   271 N  N9    . DG  B 1 2  ? 10.756  -7.015  7.007   1.00 10.98 ? 2    DG  B N9    1 
ATOM   272 C  C8    . DG  B 1 2  ? 10.469  -6.176  8.055   1.00 14.04 ? 2    DG  B C8    1 
ATOM   273 N  N7    . DG  B 1 2  ? 9.329   -6.468  8.635   1.00 13.00 ? 2    DG  B N7    1 
ATOM   274 C  C5    . DG  B 1 2  ? 8.840   -7.573  7.915   1.00 11.29 ? 2    DG  B C5    1 
ATOM   275 C  C6    . DG  B 1 2  ? 7.642   -8.286  8.126   1.00 9.94  ? 2    DG  B C6    1 
ATOM   276 O  O6    . DG  B 1 2  ? 6.752   -8.109  8.979   1.00 10.83 ? 2    DG  B O6    1 
ATOM   277 N  N1    . DG  B 1 2  ? 7.531   -9.315  7.190   1.00 8.39  ? 2    DG  B N1    1 
ATOM   278 C  C2    . DG  B 1 2  ? 8.453   -9.602  6.207   1.00 8.85  ? 2    DG  B C2    1 
ATOM   279 N  N2    . DG  B 1 2  ? 8.159   -10.642 5.402   1.00 8.86  ? 2    DG  B N2    1 
ATOM   280 N  N3    . DG  B 1 2  ? 9.567   -8.917  6.036   1.00 9.62  ? 2    DG  B N3    1 
ATOM   281 C  C4    . DG  B 1 2  ? 9.717   -7.907  6.917   1.00 10.45 ? 2    DG  B C4    1 
ATOM   282 P  P     . DC  B 1 3  ? 14.156  -4.930  3.257   1.00 11.58 ? 3    DC  B P     1 
ATOM   283 O  OP1   . DC  B 1 3  ? 15.391  -4.941  2.461   1.00 12.01 ? 3    DC  B OP1   1 
ATOM   284 O  OP2   . DC  B 1 3  ? 13.726  -3.657  3.881   1.00 14.06 ? 3    DC  B OP2   1 
ATOM   285 O  "O5'" . DC  B 1 3  ? 12.889  -5.482  2.493   1.00 11.48 ? 3    DC  B "O5'" 1 
ATOM   286 C  "C5'" . DC  B 1 3  ? 13.007  -6.735  1.834   1.00 12.15 ? 3    DC  B "C5'" 1 
ATOM   287 C  "C4'" . DC  B 1 3  ? 11.680  -7.402  1.658   1.00 9.39  ? 3    DC  B "C4'" 1 
ATOM   288 O  "O4'" . DC  B 1 3  ? 10.995  -7.408  2.928   1.00 11.16 ? 3    DC  B "O4'" 1 
ATOM   289 C  "C3'" . DC  B 1 3  ? 10.673  -6.747  0.720   1.00 10.91 ? 3    DC  B "C3'" 1 
ATOM   290 O  "O3'" . DC  B 1 3  ? 10.994  -7.116  -0.623  1.00 10.66 ? 3    DC  B "O3'" 1 
ATOM   291 C  "C2'" . DC  B 1 3  ? 9.326   -7.263  1.170   1.00 12.05 ? 3    DC  B "C2'" 1 
ATOM   292 C  "C1'" . DC  B 1 3  ? 9.598   -7.310  2.638   1.00 11.14 ? 3    DC  B "C1'" 1 
ATOM   293 N  N1    . DC  B 1 3  ? 9.028   -6.415  3.636   1.00 11.32 ? 3    DC  B N1    1 
ATOM   294 C  C2    . DC  B 1 3  ? 7.816   -6.756  4.206   1.00 10.37 ? 3    DC  B C2    1 
ATOM   295 O  O2    . DC  B 1 3  ? 7.202   -7.799  3.904   1.00 11.90 ? 3    DC  B O2    1 
ATOM   296 N  N3    . DC  B 1 3  ? 7.285   -5.934  5.151   1.00 11.72 ? 3    DC  B N3    1 
ATOM   297 C  C4    . DC  B 1 3  ? 7.951   -4.820  5.468   1.00 11.91 ? 3    DC  B C4    1 
ATOM   298 N  N4    . DC  B 1 3  ? 7.454   -3.976  6.386   1.00 14.72 ? 3    DC  B N4    1 
ATOM   299 C  C5    . DC  B 1 3  ? 9.183   -4.464  4.884   1.00 13.97 ? 3    DC  B C5    1 
ATOM   300 C  C6    . DC  B 1 3  ? 9.705   -5.285  3.960   1.00 12.30 ? 3    DC  B C6    1 
ATOM   301 P  P     . DG  B 1 4  ? 10.322  -6.395  -1.862  1.00 11.79 ? 4    DG  B P     1 
ATOM   302 O  OP1   . DG  B 1 4  ? 11.141  -6.813  -3.000  1.00 12.57 ? 4    DG  B OP1   1 
ATOM   303 O  OP2   . DG  B 1 4  ? 10.033  -4.939  -1.617  1.00 12.91 ? 4    DG  B OP2   1 
ATOM   304 O  "O5'" . DG  B 1 4  ? 8.864   -7.029  -1.944  1.00 11.16 ? 4    DG  B "O5'" 1 
ATOM   305 C  "C5'" . DG  B 1 4  ? 8.674   -8.439  -2.114  1.00 11.28 ? 4    DG  B "C5'" 1 
ATOM   306 C  "C4'" . DG  B 1 4  ? 7.210   -8.784  -2.193  1.00 11.09 ? 4    DG  B "C4'" 1 
ATOM   307 O  "O4'" . DG  B 1 4  ? 6.678   -8.438  -0.884  1.00 10.21 ? 4    DG  B "O4'" 1 
ATOM   308 C  "C3'" . DG  B 1 4  ? 6.280   -8.040  -3.150  1.00 12.34 ? 4    DG  B "C3'" 1 
ATOM   309 O  "O3'" . DG  B 1 4  ? 5.342   -9.041  -3.570  1.00 12.78 ? 4    DG  B "O3'" 1 
ATOM   310 C  "C2'" . DG  B 1 4  ? 5.893   -6.755  -2.443  1.00 11.49 ? 4    DG  B "C2'" 1 
ATOM   311 C  "C1'" . DG  B 1 4  ? 5.809   -7.355  -1.050  1.00 10.95 ? 4    DG  B "C1'" 1 
ATOM   312 N  N9    . DG  B 1 4  ? 5.949   -6.316  -0.036  1.00 11.40 ? 4    DG  B N9    1 
ATOM   313 C  C8    . DG  B 1 4  ? 6.873   -5.283  -0.047  1.00 9.97  ? 4    DG  B C8    1 
ATOM   314 N  N7    . DG  B 1 4  ? 6.773   -4.488  0.995   1.00 11.68 ? 4    DG  B N7    1 
ATOM   315 C  C5    . DG  B 1 4  ? 5.725   -5.021  1.739   1.00 11.35 ? 4    DG  B C5    1 
ATOM   316 C  C6    . DG  B 1 4  ? 5.142   -4.605  2.969   1.00 10.08 ? 4    DG  B C6    1 
ATOM   317 O  O6    . DG  B 1 4  ? 5.443   -3.646  3.682   1.00 11.71 ? 4    DG  B O6    1 
ATOM   318 N  N1    . DG  B 1 4  ? 4.101   -5.450  3.343   1.00 10.51 ? 4    DG  B N1    1 
ATOM   319 C  C2    . DG  B 1 4  ? 3.632   -6.561  2.676   1.00 10.26 ? 4    DG  B C2    1 
ATOM   320 N  N2    . DG  B 1 4  ? 2.596   -7.251  3.220   1.00 12.43 ? 4    DG  B N2    1 
ATOM   321 N  N3    . DG  B 1 4  ? 4.183   -6.933  1.538   1.00 10.85 ? 4    DG  B N3    1 
ATOM   322 C  C4    . DG  B 1 4  ? 5.206   -6.143  1.119   1.00 9.51  ? 4    DG  B C4    1 
ATOM   323 P  P     . DA  B 1 5  ? 3.927   -8.669  -4.258  1.00 13.95 ? 5    DA  B P     1 
ATOM   324 O  OP1   . DA  B 1 5  ? 3.707   -9.849  -5.127  1.00 16.60 ? 5    DA  B OP1   1 
ATOM   325 O  OP2   . DA  B 1 5  ? 3.998   -7.300  -4.828  1.00 17.19 ? 5    DA  B OP2   1 
ATOM   326 O  "O5'" . DA  B 1 5  ? 2.919   -8.458  -3.047  1.00 13.48 ? 5    DA  B "O5'" 1 
ATOM   327 C  "C5'" . DA  B 1 5  ? 2.577   -9.558  -2.195  1.00 12.92 ? 5    DA  B "C5'" 1 
ATOM   328 C  "C4'" . DA  B 1 5  ? 1.365   -9.365  -1.318  1.00 12.52 ? 5    DA  B "C4'" 1 
ATOM   329 O  "O4'" . DA  B 1 5  ? 1.617   -8.188  -0.497  1.00 14.76 ? 5    DA  B "O4'" 1 
ATOM   330 C  "C3'" . DA  B 1 5  ? 0.250   -8.809  -2.218  1.00 12.59 ? 5    DA  B "C3'" 1 
ATOM   331 O  "O3'" . DA  B 1 5  ? -0.939  -9.341  -1.623  1.00 13.94 ? 5    DA  B "O3'" 1 
ATOM   332 C  "C2'" . DA  B 1 5  ? 0.197   -7.302  -2.104  1.00 12.22 ? 5    DA  B "C2'" 1 
ATOM   333 C  "C1'" . DA  B 1 5  ? 0.783   -7.025  -0.756  1.00 12.76 ? 5    DA  B "C1'" 1 
ATOM   334 N  N9    . DA  B 1 5  ? 1.648   -5.865  -0.561  1.00 11.49 ? 5    DA  B N9    1 
ATOM   335 C  C8    . DA  B 1 5  ? 2.664   -5.432  -1.395  1.00 11.06 ? 5    DA  B C8    1 
ATOM   336 N  N7    . DA  B 1 5  ? 3.271   -4.363  -0.965  1.00 12.07 ? 5    DA  B N7    1 
ATOM   337 C  C5    . DA  B 1 5  ? 2.623   -4.062  0.237   1.00 10.33 ? 5    DA  B C5    1 
ATOM   338 C  C6    . DA  B 1 5  ? 2.837   -3.011  1.156   1.00 11.90 ? 5    DA  B C6    1 
ATOM   339 N  N6    . DA  B 1 5  ? 3.760   -2.040  1.063   1.00 11.78 ? 5    DA  B N6    1 
ATOM   340 N  N1    . DA  B 1 5  ? 2.034   -2.989  2.239   1.00 11.82 ? 5    DA  B N1    1 
ATOM   341 C  C2    . DA  B 1 5  ? 1.100   -3.935  2.375   1.00 12.60 ? 5    DA  B C2    1 
ATOM   342 N  N3    . DA  B 1 5  ? 0.822   -4.955  1.565   1.00 11.71 ? 5    DA  B N3    1 
ATOM   343 C  C4    . DA  B 1 5  ? 1.625   -4.978  0.489   1.00 12.04 ? 5    DA  B C4    1 
ATOM   344 P  P     . DA  B 1 6  ? -2.411  -9.044  -2.189  1.00 17.44 ? 6    DA  B P     1 
ATOM   345 O  OP1   . DA  B 1 6  ? -3.178  -10.276 -1.878  1.00 19.13 ? 6    DA  B OP1   1 
ATOM   346 O  OP2   . DA  B 1 6  ? -2.343  -8.529  -3.586  1.00 17.87 ? 6    DA  B OP2   1 
ATOM   347 O  "O5'" . DA  B 1 6  ? -2.890  -7.852  -1.238  1.00 17.03 ? 6    DA  B "O5'" 1 
ATOM   348 C  "C5'" . DA  B 1 6  ? -3.137  -8.160  0.138   1.00 19.28 ? 6    DA  B "C5'" 1 
ATOM   349 C  "C4'" . DA  B 1 6  ? -3.488  -6.845  0.789   1.00 17.00 ? 6    DA  B "C4'" 1 
ATOM   350 O  "O4'" . DA  B 1 6  ? -2.419  -5.878  0.651   1.00 15.11 ? 6    DA  B "O4'" 1 
ATOM   351 C  "C3'" . DA  B 1 6  ? -4.708  -6.272  0.064   1.00 17.04 ? 6    DA  B "C3'" 1 
ATOM   352 O  "O3'" . DA  B 1 6  ? -5.761  -6.224  1.040   1.00 17.30 ? 6    DA  B "O3'" 1 
ATOM   353 C  "C2'" . DA  B 1 6  ? -4.317  -4.864  -0.347  1.00 14.18 ? 6    DA  B "C2'" 1 
ATOM   354 C  "C1'" . DA  B 1 6  ? -3.054  -4.599  0.444   1.00 14.94 ? 6    DA  B "C1'" 1 
ATOM   355 N  N9    . DA  B 1 6  ? -1.961  -3.759  -0.040  1.00 14.37 ? 6    DA  B N9    1 
ATOM   356 C  C8    . DA  B 1 6  ? -1.335  -3.982  -1.252  1.00 11.91 ? 6    DA  B C8    1 
ATOM   357 N  N7    . DA  B 1 6  ? -0.385  -3.156  -1.536  1.00 11.53 ? 6    DA  B N7    1 
ATOM   358 C  C5    . DA  B 1 6  ? -0.366  -2.304  -0.446  1.00 12.95 ? 6    DA  B C5    1 
ATOM   359 C  C6    . DA  B 1 6  ? 0.441   -1.187  -0.146  1.00 12.43 ? 6    DA  B C6    1 
ATOM   360 N  N6    . DA  B 1 6  ? 1.401   -0.753  -0.971  1.00 12.18 ? 6    DA  B N6    1 
ATOM   361 N  N1    . DA  B 1 6  ? 0.188   -0.576  1.024   1.00 12.29 ? 6    DA  B N1    1 
ATOM   362 C  C2    . DA  B 1 6  ? -0.770  -1.007  1.854   1.00 11.73 ? 6    DA  B C2    1 
ATOM   363 N  N3    . DA  B 1 6  ? -1.584  -2.042  1.673   1.00 15.53 ? 6    DA  B N3    1 
ATOM   364 C  C4    . DA  B 1 6  ? -1.330  -2.662  0.487   1.00 13.61 ? 6    DA  B C4    1 
ATOM   365 P  P     . DT  B 1 7  ? -7.130  -5.382  1.010   1.00 20.06 ? 7    DT  B P     1 
ATOM   366 O  OP1   . DT  B 1 7  ? -8.111  -6.046  1.900   1.00 23.19 ? 7    DT  B OP1   1 
ATOM   367 O  OP2   . DT  B 1 7  ? -7.538  -5.165  -0.404  1.00 23.07 ? 7    DT  B OP2   1 
ATOM   368 O  "O5'" . DT  B 1 7  ? -6.891  -3.892  1.520   1.00 18.63 ? 7    DT  B "O5'" 1 
ATOM   369 C  "C5'" . DT  B 1 7  ? -6.429  -3.847  2.878   1.00 17.74 ? 7    DT  B "C5'" 1 
ATOM   370 C  "C4'" . DT  B 1 7  ? -5.999  -2.406  2.980   1.00 16.75 ? 7    DT  B "C4'" 1 
ATOM   371 O  "O4'" . DT  B 1 7  ? -4.893  -1.962  2.161   1.00 16.39 ? 7    DT  B "O4'" 1 
ATOM   372 C  "C3'" . DT  B 1 7  ? -7.130  -1.372  3.011   1.00 20.22 ? 7    DT  B "C3'" 1 
ATOM   373 O  "O3'" . DT  B 1 7  ? -7.269  -0.802  4.322   1.00 19.65 ? 7    DT  B "O3'" 1 
ATOM   374 C  "C2'" . DT  B 1 7  ? -6.728  -0.514  1.824   1.00 17.29 ? 7    DT  B "C2'" 1 
ATOM   375 C  "C1'" . DT  B 1 7  ? -5.223  -0.587  1.849   1.00 16.83 ? 7    DT  B "C1'" 1 
ATOM   376 N  N1    . DT  B 1 7  ? -4.334  -0.355  0.694   1.00 16.30 ? 7    DT  B N1    1 
ATOM   377 C  C2    . DT  B 1 7  ? -3.389  0.648   0.783   1.00 14.06 ? 7    DT  B C2    1 
ATOM   378 O  O2    . DT  B 1 7  ? -3.255  1.363   1.786   1.00 15.90 ? 7    DT  B O2    1 
ATOM   379 N  N3    . DT  B 1 7  ? -2.603  0.791   -0.331  1.00 14.31 ? 7    DT  B N3    1 
ATOM   380 C  C4    . DT  B 1 7  ? -2.671  0.049   -1.488  1.00 14.37 ? 7    DT  B C4    1 
ATOM   381 O  O4    . DT  B 1 7  ? -1.920  0.255   -2.443  1.00 16.16 ? 7    DT  B O4    1 
ATOM   382 C  C5    . DT  B 1 7  ? -3.686  -0.986  -1.514  1.00 16.41 ? 7    DT  B C5    1 
ATOM   383 C  C7    . DT  B 1 7  ? -3.817  -1.832  -2.743  1.00 22.55 ? 7    DT  B C7    1 
ATOM   384 C  C6    . DT  B 1 7  ? -4.461  -1.134  -0.424  1.00 16.10 ? 7    DT  B C6    1 
ATOM   385 P  P     . DT  B 1 8  ? -8.537  0.186   4.405   1.00 22.09 ? 8    DT  B P     1 
ATOM   386 O  OP1   . DT  B 1 8  ? -8.718  0.116   5.864   1.00 28.91 ? 8    DT  B OP1   1 
ATOM   387 O  OP2   . DT  B 1 8  ? -9.639  -0.188  3.474   1.00 26.72 ? 8    DT  B OP2   1 
ATOM   388 O  "O5'" . DT  B 1 8  ? -7.920  1.613   4.028   1.00 16.23 ? 8    DT  B "O5'" 1 
ATOM   389 C  "C5'" . DT  B 1 8  ? -6.901  2.091   4.913   1.00 17.04 ? 8    DT  B "C5'" 1 
ATOM   390 C  "C4'" . DT  B 1 8  ? -6.461  3.323   4.179   1.00 14.32 ? 8    DT  B "C4'" 1 
ATOM   391 O  "O4'" . DT  B 1 8  ? -5.770  3.079   2.937   1.00 13.94 ? 8    DT  B "O4'" 1 
ATOM   392 C  "C3'" . DT  B 1 8  ? -7.511  4.403   3.964   1.00 16.04 ? 8    DT  B "C3'" 1 
ATOM   393 O  "O3'" . DT  B 1 8  ? -7.249  5.475   4.882   1.00 15.00 ? 8    DT  B "O3'" 1 
ATOM   394 C  "C2'" . DT  B 1 8  ? -7.290  4.761   2.499   1.00 14.34 ? 8    DT  B "C2'" 1 
ATOM   395 C  "C1'" . DT  B 1 8  ? -5.932  4.231   2.087   1.00 13.49 ? 8    DT  B "C1'" 1 
ATOM   396 N  N1    . DT  B 1 8  ? -5.642  3.694   0.753   1.00 12.44 ? 8    DT  B N1    1 
ATOM   397 C  C2    . DT  B 1 8  ? -4.605  4.250   0.053   1.00 12.83 ? 8    DT  B C2    1 
ATOM   398 O  O2    . DT  B 1 8  ? -3.954  5.156   0.547   1.00 13.61 ? 8    DT  B O2    1 
ATOM   399 N  N3    . DT  B 1 8  ? -4.367  3.733   -1.185  1.00 12.65 ? 8    DT  B N3    1 
ATOM   400 C  C4    . DT  B 1 8  ? -5.065  2.706   -1.799  1.00 12.60 ? 8    DT  B C4    1 
ATOM   401 O  O4    . DT  B 1 8  ? -4.669  2.395   -2.937  1.00 16.20 ? 8    DT  B O4    1 
ATOM   402 C  C5    . DT  B 1 8  ? -6.153  2.154   -1.029  1.00 16.23 ? 8    DT  B C5    1 
ATOM   403 C  C7    . DT  B 1 8  ? -7.002  1.039   -1.569  1.00 19.26 ? 8    DT  B C7    1 
ATOM   404 C  C6    . DT  B 1 8  ? -6.394  2.675   0.198   1.00 13.01 ? 8    DT  B C6    1 
ATOM   405 P  P     . DC  B 1 9  ? -8.190  6.784   4.745   1.00 17.64 ? 9    DC  B P     1 
ATOM   406 O  OP1   . DC  B 1 9  ? -8.112  7.385   6.102   1.00 15.51 ? 9    DC  B OP1   1 
ATOM   407 O  OP2   . DC  B 1 9  ? -9.532  6.535   4.146   1.00 19.59 ? 9    DC  B OP2   1 
ATOM   408 O  "O5'" . DC  B 1 9  ? -7.391  7.707   3.739   1.00 15.89 ? 9    DC  B "O5'" 1 
ATOM   409 C  "C5'" . DC  B 1 9  ? -6.088  8.173   4.094   1.00 14.61 ? 9    DC  B "C5'" 1 
ATOM   410 C  "C4'" . DC  B 1 9  ? -5.575  9.059   2.980   1.00 15.19 ? 9    DC  B "C4'" 1 
ATOM   411 O  "O4'" . DC  B 1 9  ? -5.316  8.307   1.763   1.00 16.29 ? 9    DC  B "O4'" 1 
ATOM   412 C  "C3'" . DC  B 1 9  ? -6.467  10.251  2.597   1.00 14.25 ? 9    DC  B "C3'" 1 
ATOM   413 O  "O3'" . DC  B 1 9  ? -5.740  11.481  2.795   1.00 15.96 ? 9    DC  B "O3'" 1 
ATOM   414 C  "C2'" . DC  B 1 9  ? -6.867  10.128  1.141   1.00 15.62 ? 9    DC  B "C2'" 1 
ATOM   415 C  "C1'" . DC  B 1 9  ? -5.797  9.163   0.711   1.00 13.89 ? 9    DC  B "C1'" 1 
ATOM   416 N  N1    . DC  B 1 9  ? -6.067  8.129   -0.304  1.00 13.29 ? 9    DC  B N1    1 
ATOM   417 C  C2    . DC  B 1 9  ? -5.301  8.023   -1.460  1.00 14.35 ? 9    DC  B C2    1 
ATOM   418 O  O2    . DC  B 1 9  ? -4.361  8.803   -1.671  1.00 18.95 ? 9    DC  B O2    1 
ATOM   419 N  N3    . DC  B 1 9  ? -5.607  7.047   -2.347  1.00 13.20 ? 9    DC  B N3    1 
ATOM   420 C  C4    . DC  B 1 9  ? -6.605  6.193   -2.148  1.00 13.83 ? 9    DC  B C4    1 
ATOM   421 N  N4    . DC  B 1 9  ? -6.823  5.272   -3.076  1.00 13.31 ? 9    DC  B N4    1 
ATOM   422 C  C5    . DC  B 1 9  ? -7.410  6.279   -0.968  1.00 12.44 ? 9    DC  B C5    1 
ATOM   423 C  C6    . DC  B 1 9  ? -7.105  7.243   -0.098  1.00 14.73 ? 9    DC  B C6    1 
ATOM   424 P  P     . DG  B 1 10 ? -6.437  12.937  2.738   1.00 16.57 ? 10   DG  B P     1 
ATOM   425 O  OP1   . DG  B 1 10 ? -5.400  13.894  3.244   1.00 18.88 ? 10   DG  B OP1   1 
ATOM   426 O  OP2   . DG  B 1 10 ? -7.735  12.809  3.443   1.00 16.50 ? 10   DG  B OP2   1 
ATOM   427 O  "O5'" . DG  B 1 10 ? -6.722  13.222  1.187   1.00 16.71 ? 10   DG  B "O5'" 1 
ATOM   428 C  "C5'" . DG  B 1 10 ? -5.584  13.572  0.396   1.00 14.53 ? 10   DG  B "C5'" 1 
ATOM   429 C  "C4'" . DG  B 1 10 ? -6.003  13.534  -1.056  1.00 14.95 ? 10   DG  B "C4'" 1 
ATOM   430 O  "O4'" . DG  B 1 10 ? -6.244  12.157  -1.418  1.00 15.13 ? 10   DG  B "O4'" 1 
ATOM   431 C  "C3'" . DG  B 1 10 ? -7.326  14.263  -1.281  1.00 15.41 ? 10   DG  B "C3'" 1 
ATOM   432 O  "O3'" . DG  B 1 10 ? -7.160  14.950  -2.528  1.00 17.44 ? 10   DG  B "O3'" 1 
ATOM   433 C  "C2'" . DG  B 1 10 ? -8.328  13.172  -1.623  1.00 15.44 ? 10   DG  B "C2'" 1 
ATOM   434 C  "C1'" . DG  B 1 10 ? -7.341  12.223  -2.289  1.00 14.82 ? 10   DG  B "C1'" 1 
ATOM   435 N  N9    . DG  B 1 10 ? -7.938  10.910  -2.544  1.00 12.88 ? 10   DG  B N9    1 
ATOM   436 C  C8    . DG  B 1 10 ? -8.893  10.225  -1.817  1.00 14.55 ? 10   DG  B C8    1 
ATOM   437 N  N7    . DG  B 1 10 ? -9.180  9.061   -2.366  1.00 12.92 ? 10   DG  B N7    1 
ATOM   438 C  C5    . DG  B 1 10 ? -8.387  8.968   -3.499  1.00 12.05 ? 10   DG  B C5    1 
ATOM   439 C  C6    . DG  B 1 10 ? -8.267  7.940   -4.483  1.00 11.94 ? 10   DG  B C6    1 
ATOM   440 O  O6    . DG  B 1 10 ? -8.843  6.849   -4.585  1.00 12.28 ? 10   DG  B O6    1 
ATOM   441 N  N1    . DG  B 1 10 ? -7.313  8.379   -5.402  1.00 10.83 ? 10   DG  B N1    1 
ATOM   442 C  C2    . DG  B 1 10 ? -6.593  9.514   -5.453  1.00 11.00 ? 10   DG  B C2    1 
ATOM   443 N  N2    . DG  B 1 10 ? -5.740  9.648   -6.485  1.00 10.96 ? 10   DG  B N2    1 
ATOM   444 N  N3    . DG  B 1 10 ? -6.715  10.460  -4.533  1.00 11.74 ? 10   DG  B N3    1 
ATOM   445 C  C4    . DG  B 1 10 ? -7.623  10.100  -3.613  1.00 13.02 ? 10   DG  B C4    1 
ATOM   446 P  P     . DC  B 1 11 ? -7.452  16.519  -2.643  1.00 22.20 ? 11   DC  B P     1 
ATOM   447 O  OP1   . DC  B 1 11 ? -6.541  17.181  -1.687  1.00 36.38 ? 11   DC  B OP1   1 
ATOM   448 O  OP2   . DC  B 1 11 ? -8.909  16.799  -2.549  1.00 30.98 ? 11   DC  B OP2   1 
ATOM   449 O  "O5'" . DC  B 1 11 ? -6.731  16.695  -4.052  1.00 18.86 ? 11   DC  B "O5'" 1 
ATOM   450 C  "C5'" . DC  B 1 11 ? -5.421  16.457  -4.587  1.00 19.41 ? 11   DC  B "C5'" 1 
ATOM   451 C  "C4'" . DC  B 1 11 ? -5.430  16.155  -6.069  1.00 13.42 ? 11   DC  B "C4'" 1 
ATOM   452 O  "O4'" . DC  B 1 11 ? -5.958  14.827  -6.215  1.00 14.42 ? 11   DC  B "O4'" 1 
ATOM   453 C  "C3'" . DC  B 1 11 ? -6.461  16.963  -6.853  1.00 13.23 ? 11   DC  B "C3'" 1 
ATOM   454 O  "O3'" . DC  B 1 11 ? -5.707  17.589  -7.897  1.00 11.34 ? 11   DC  B "O3'" 1 
ATOM   455 C  "C2'" . DC  B 1 11 ? -7.662  16.125  -7.238  1.00 14.13 ? 11   DC  B "C2'" 1 
ATOM   456 C  "C1'" . DC  B 1 11 ? -7.032  14.753  -7.151  1.00 11.85 ? 11   DC  B "C1'" 1 
ATOM   457 N  N1    . DC  B 1 11 ? -7.969  13.749  -6.655  1.00 12.79 ? 11   DC  B N1    1 
ATOM   458 C  C2    . DC  B 1 11 ? -8.085  12.550  -7.353  1.00 10.97 ? 11   DC  B C2    1 
ATOM   459 O  O2    . DC  B 1 11 ? -7.395  12.357  -8.372  1.00 10.88 ? 11   DC  B O2    1 
ATOM   460 N  N3    . DC  B 1 11 ? -8.956  11.625  -6.886  1.00 10.79 ? 11   DC  B N3    1 
ATOM   461 C  C4    . DC  B 1 11 ? -9.691  11.834  -5.788  1.00 9.49  ? 11   DC  B C4    1 
ATOM   462 N  N4    . DC  B 1 11 ? -10.523 10.867  -5.404  1.00 11.99 ? 11   DC  B N4    1 
ATOM   463 C  C5    . DC  B 1 11 ? -9.589  13.066  -5.058  1.00 12.41 ? 11   DC  B C5    1 
ATOM   464 C  C6    . DC  B 1 11 ? -8.718  13.976  -5.536  1.00 12.57 ? 11   DC  B C6    1 
ATOM   465 P  P     . DG  B 1 12 ? -6.422  18.615  -8.913  1.00 11.20 ? 12   DG  B P     1 
ATOM   466 O  OP1   . DG  B 1 12 ? -5.316  19.504  -9.456  1.00 13.46 ? 12   DG  B OP1   1 
ATOM   467 O  OP2   . DG  B 1 12 ? -7.556  19.259  -8.184  1.00 14.01 ? 12   DG  B OP2   1 
ATOM   468 O  "O5'" . DG  B 1 12 ? -7.160  17.704  -9.994  1.00 10.57 ? 12   DG  B "O5'" 1 
ATOM   469 C  "C5'" . DG  B 1 12 ? -6.274  16.979  -10.864 1.00 10.23 ? 12   DG  B "C5'" 1 
ATOM   470 C  "C4'" . DG  B 1 12 ? -7.185  16.012  -11.564 1.00 9.48  ? 12   DG  B "C4'" 1 
ATOM   471 O  "O4'" . DG  B 1 12 ? -7.562  14.978  -10.627 1.00 9.23  ? 12   DG  B "O4'" 1 
ATOM   472 C  "C3'" . DG  B 1 12 ? -8.515  16.432  -12.223 1.00 9.75  ? 12   DG  B "C3'" 1 
ATOM   473 O  "O3'" . DG  B 1 12 ? -8.234  17.199  -13.403 1.00 13.00 ? 12   DG  B "O3'" 1 
ATOM   474 C  "C2'" . DG  B 1 12 ? -9.171  15.071  -12.449 1.00 11.90 ? 12   DG  B "C2'" 1 
ATOM   475 C  "C1'" . DG  B 1 12 ? -8.619  14.299  -11.277 1.00 9.98  ? 12   DG  B "C1'" 1 
ATOM   476 N  N9    . DG  B 1 12 ? -9.641  14.114  -10.245 1.00 10.63 ? 12   DG  B N9    1 
ATOM   477 C  C8    . DG  B 1 12 ? -10.070 15.012  -9.273  1.00 9.76  ? 12   DG  B C8    1 
ATOM   478 N  N7    . DG  B 1 12 ? -11.016 14.507  -8.504  1.00 10.58 ? 12   DG  B N7    1 
ATOM   479 C  C5    . DG  B 1 12 ? -11.200 13.215  -9.015  1.00 9.99  ? 12   DG  B C5    1 
ATOM   480 C  C6    . DG  B 1 12 ? -12.097 12.200  -8.577  1.00 9.69  ? 12   DG  B C6    1 
ATOM   481 O  O6    . DG  B 1 12 ? -12.929 12.210  -7.649  1.00 12.09 ? 12   DG  B O6    1 
ATOM   482 N  N1    . DG  B 1 12 ? -11.980 11.041  -9.349  1.00 8.88  ? 12   DG  B N1    1 
ATOM   483 C  C2    . DG  B 1 12 ? -11.103 10.884  -10.410 1.00 8.57  ? 12   DG  B C2    1 
ATOM   484 N  N2    . DG  B 1 12 ? -11.146 9.692   -11.020 1.00 10.37 ? 12   DG  B N2    1 
ATOM   485 N  N3    . DG  B 1 12 ? -10.280 11.848  -10.788 1.00 8.58  ? 12   DG  B N3    1 
ATOM   486 C  C4    . DG  B 1 12 ? -10.372 12.974  -10.063 1.00 10.28 ? 12   DG  B C4    1 
HETATM 487 C  C5    . A71 C 2 .  ? 3.907   10.941  -19.116 0.60 22.16 ? 301  A71 A C5    1 
HETATM 488 C  C6    . A71 C 2 .  ? 3.248   10.649  -17.743 0.60 20.29 ? 301  A71 A C6    1 
HETATM 489 C  C7    . A71 C 2 .  ? 2.058   9.657   -17.740 0.60 23.36 ? 301  A71 A C7    1 
HETATM 490 N  N8    . A71 C 2 .  ? 1.542   9.572   -16.338 0.60 30.24 ? 301  A71 A N8    1 
HETATM 491 N  N9    . A71 C 2 .  ? -1.207  9.320   -16.768 0.60 15.26 ? 301  A71 A N9    1 
HETATM 492 N  N10   . A71 C 2 .  ? 1.672   6.940   -15.443 0.60 16.59 ? 301  A71 A N10   1 
HETATM 493 PT PT    . A71 C 2 .  ? 0.240   8.114   -16.137 0.60 19.09 ? 301  A71 A PT    1 
HETATM 494 N  N11   . A71 C 2 .  ? -1.248  6.747   -15.819 0.60 15.50 ? 301  A71 A N11   1 
HETATM 495 NA NA    . NA  D 3 .  ? -10.840 5.736   -3.836  1.00 16.08 ? 101  NA  B NA    1 
HETATM 496 N  N1    . A71 E 2 .  ? 17.635  -3.406  9.161   0.75 20.14 ? 201  A71 B N1    1 
HETATM 497 C  C2    . A71 E 2 .  ? 17.027  -3.348  7.786   0.75 22.71 ? 201  A71 B C2    1 
HETATM 498 C  C3    . A71 E 2 .  ? 17.691  -4.446  6.921   0.75 19.36 ? 201  A71 B C3    1 
HETATM 499 C  C4    . A71 E 2 .  ? 17.373  -4.231  5.427   0.75 17.55 ? 201  A71 B C4    1 
HETATM 500 C  C5    . A71 E 2 .  ? 18.563  -3.630  4.658   0.75 20.04 ? 201  A71 B C5    1 
HETATM 501 C  C6    . A71 E 2 .  ? 18.270  -3.353  3.165   0.75 23.67 ? 201  A71 B C6    1 
HETATM 502 C  C7    . A71 E 2 .  ? 19.282  -2.341  2.593   0.75 15.15 ? 201  A71 B C7    1 
HETATM 503 N  N8    . A71 E 2 .  ? 20.483  -3.112  2.173   0.75 9.36  ? 201  A71 B N8    1 
HETATM 504 N  N9    . A71 E 2 .  ? 20.084  -5.897  2.089   0.75 9.89  ? 201  A71 B N9    1 
HETATM 505 N  N10   . A71 E 2 .  ? 20.023  -2.985  -0.554  0.75 10.05 ? 201  A71 B N10   1 
HETATM 506 PT PT    . A71 E 2 .  ? 20.056  -4.454  0.771   0.75 11.19 ? 201  A71 B PT    1 
HETATM 507 N  N11   . A71 E 2 .  ? 19.736  -5.758  -0.692  0.75 12.92 ? 201  A71 B N11   1 
HETATM 508 C  C12   . A72 F 4 .  ? 18.587  -6.708  -0.440  0.75 8.46  ? 202  A72 B C12   1 
HETATM 509 C  C13   . A72 F 4 .  ? 17.311  -5.870  -0.569  0.75 14.36 ? 202  A72 B C13   1 
HETATM 510 C  C14   . A72 F 4 .  ? 15.950  -6.589  -0.486  0.75 12.40 ? 202  A72 B C14   1 
HETATM 511 C  C15   . A72 F 4 .  ? 15.610  -7.541  -1.658  0.75 12.67 ? 202  A72 B C15   1 
HETATM 512 C  C16   . A72 F 4 .  ? 14.216  -8.210  -1.537  0.75 9.29  ? 202  A72 B C16   1 
HETATM 513 C  C17   . A72 F 4 .  ? 13.819  -9.139  -2.700  0.75 12.65 ? 202  A72 B C17   1 
HETATM 514 N  N18   . A72 F 4 .  ? 12.382  -9.513  -2.718  0.75 8.84  ? 202  A72 B N18   1 
HETATM 515 N  N19   . A72 F 4 .  ? 11.729  -8.900  -5.383  0.75 14.07 ? 202  A72 B N19   1 
HETATM 516 N  N20   . A72 F 4 .  ? 11.317  -12.077 -3.101  0.75 13.69 ? 202  A72 B N20   1 
HETATM 517 PT PT    . A72 F 4 .  ? 11.714  -10.519 -4.261  0.75 14.31 ? 202  A72 B PT    1 
HETATM 518 N  N21   . A72 F 4 .  ? 10.982  -11.495 -5.801  0.75 12.12 ? 202  A72 B N21   1 
HETATM 519 C  C22   . A72 F 4 .  ? 12.068  -12.149 -6.587  0.75 21.16 ? 202  A72 B C22   1 
HETATM 520 C  C23   . A72 F 4 .  ? 11.496  -13.385 -7.330  0.75 30.73 ? 202  A72 B C23   1 
HETATM 521 C  C24   . A72 F 4 .  ? 10.443  -13.115 -8.431  0.75 31.09 ? 202  A72 B C24   1 
HETATM 522 C  C25   . A72 F 4 .  ? 9.260   -14.113 -8.438  0.75 33.70 ? 202  A72 B C25   1 
HETATM 523 C  C26   . A72 F 4 .  ? 7.963   -13.604 -9.123  0.75 34.66 ? 202  A72 B C26   1 
HETATM 524 C  C27   . A72 F 4 .  ? 7.110   -12.700 -8.190  0.75 28.70 ? 202  A72 B C27   1 
HETATM 525 N  N1    . A71 G 2 .  ? -3.995  -13.254 -3.426  0.75 31.05 ? 203  A71 B N1    1 
HETATM 526 C  C2    . A71 G 2 .  ? -3.632  -11.952 -4.071  0.75 22.38 ? 203  A71 B C2    1 
HETATM 527 C  C3    . A71 G 2 .  ? -2.455  -12.180 -5.058  0.75 28.37 ? 203  A71 B C3    1 
HETATM 528 C  C4    . A71 G 2 .  ? -1.285  -12.894 -4.335  0.75 27.43 ? 203  A71 B C4    1 
HETATM 529 C  C5    . A71 G 2 .  ? 0.124   -12.398 -4.734  0.75 25.63 ? 203  A71 B C5    1 
HETATM 530 C  C6    . A71 G 2 .  ? 1.182   -13.523 -4.636  0.75 24.55 ? 203  A71 B C6    1 
HETATM 531 C  C7    . A71 G 2 .  ? 2.284   -13.509 -5.721  0.75 19.23 ? 203  A71 B C7    1 
HETATM 532 N  N8    . A71 G 2 .  ? 3.479   -12.801 -5.163  0.75 16.06 ? 203  A71 B N8    1 
HETATM 533 N  N9    . A71 G 2 .  ? 4.838   -11.629 -7.326  0.75 19.00 ? 203  A71 B N9    1 
HETATM 534 N  N10   . A71 G 2 .  ? 6.955   -13.429 -6.894  0.75 25.18 ? 203  A71 B N10   1 
HETATM 535 PT PT    . A71 G 2 .  ? 5.078   -13.277 -6.263  0.75 24.09 ? 203  A71 B PT    1 
HETATM 536 N  N11   . A71 G 2 .  ? 5.233   -15.036 -5.377  0.75 18.56 ? 203  A71 B N11   1 
HETATM 537 O  O     . HOH H 5 .  ? 1.908   -10.062 4.633   1.00 13.88 ? 2001 HOH A O     1 
HETATM 538 O  O     . HOH H 5 .  ? -0.881  -6.588  3.351   1.00 15.20 ? 2002 HOH A O     1 
HETATM 539 O  O     . HOH H 5 .  ? 2.579   -9.798  11.692  1.00 16.44 ? 2005 HOH A O     1 
HETATM 540 O  O     . HOH H 5 .  ? -2.710  1.905   4.541   1.00 19.82 ? 2010 HOH A O     1 
HETATM 541 O  O     . HOH H 5 .  ? -3.760  2.261   -7.366  1.00 23.81 ? 2011 HOH A O     1 
HETATM 542 O  O     . HOH H 5 .  ? -13.938 8.614   -3.669  1.00 25.58 ? 2012 HOH A O     1 
HETATM 543 O  O     . HOH H 5 .  ? 5.341   -0.956  8.051   1.00 22.62 ? 2015 HOH A O     1 
HETATM 544 O  O     . HOH H 5 .  ? 3.939   -19.485 0.614   1.00 23.75 ? 2017 HOH A O     1 
HETATM 545 O  O     . HOH H 5 .  ? 6.375   0.567   2.576   1.00 22.19 ? 2018 HOH A O     1 
HETATM 546 O  O     . HOH H 5 .  ? 2.767   1.548   -3.972  1.00 24.30 ? 2019 HOH A O     1 
HETATM 547 O  O     . HOH H 5 .  ? -12.727 2.243   -6.179  1.00 25.55 ? 2020 HOH A O     1 
HETATM 548 O  O     . HOH H 5 .  ? -4.418  1.281   -9.942  1.00 25.62 ? 2024 HOH A O     1 
HETATM 549 O  O     . HOH H 5 .  ? -0.890  10.385  -5.845  1.00 21.20 ? 2025 HOH A O     1 
HETATM 550 O  O     . HOH H 5 .  ? -5.453  -6.954  5.148   1.00 32.37 ? 2026 HOH A O     1 
HETATM 551 O  O     . HOH H 5 .  ? 2.988   -15.785 10.309  1.00 29.27 ? 2027 HOH A O     1 
HETATM 552 O  O     . HOH H 5 .  ? 3.313   -4.219  10.870  1.00 24.99 ? 2030 HOH A O     1 
HETATM 553 O  O     . HOH H 5 .  ? -14.748 -0.906  -11.236 1.00 20.21 ? 2035 HOH A O     1 
HETATM 554 O  O     . HOH H 5 .  ? 3.739   11.608  8.145   1.00 36.73 ? 2036 HOH A O     1 
HETATM 555 O  O     . HOH H 5 .  ? 0.760   2.451   -6.218  1.00 37.15 ? 2037 HOH A O     1 
HETATM 556 O  O     . HOH H 5 .  ? 5.526   -3.176  9.894   1.00 27.33 ? 2038 HOH A O     1 
HETATM 557 O  O     . HOH H 5 .  ? -0.880  9.427   -1.253  1.00 32.00 ? 2039 HOH A O     1 
HETATM 558 O  O     . HOH H 5 .  ? -3.274  -5.385  4.288   1.00 16.27 ? 2040 HOH A O     1 
HETATM 559 O  O     . HOH H 5 .  ? -3.756  -0.190  5.675   1.00 19.32 ? 2041 HOH A O     1 
HETATM 560 O  O     . HOH H 5 .  ? -0.660  -9.325  3.250   1.00 22.88 ? 2042 HOH A O     1 
HETATM 561 O  O     . HOH H 5 .  ? 3.901   3.429   -3.298  1.00 23.82 ? 2043 HOH A O     1 
HETATM 562 O  O     . HOH H 5 .  ? 3.919   -18.552 6.934   1.00 19.30 ? 2045 HOH A O     1 
HETATM 563 O  O     . HOH H 5 .  ? -6.358  -3.444  10.368  1.00 19.53 ? 2047 HOH A O     1 
HETATM 564 O  O     . HOH H 5 .  ? 5.944   6.234   -1.257  1.00 27.33 ? 2049 HOH A O     1 
HETATM 565 O  O     . HOH H 5 .  ? -3.226  4.269   5.571   1.00 26.32 ? 2052 HOH A O     1 
HETATM 566 O  O     . HOH H 5 .  ? -2.844  -10.748 3.564   1.00 23.85 ? 2054 HOH A O     1 
HETATM 567 O  O     . HOH H 5 .  ? -9.831  2.457   -7.353  1.00 37.42 ? 2056 HOH A O     1 
HETATM 568 O  O     . HOH H 5 .  ? -2.888  8.685   5.971   1.00 20.99 ? 2058 HOH A O     1 
HETATM 569 O  O     . HOH H 5 .  ? -1.902  -7.319  11.207  1.00 36.15 ? 2060 HOH A O     1 
HETATM 570 O  O     . HOH H 5 .  ? -5.578  2.527   -5.570  1.00 25.64 ? 2062 HOH A O     1 
HETATM 571 O  O     . HOH H 5 .  ? 7.541   3.020   4.189   1.00 27.16 ? 2065 HOH A O     1 
HETATM 572 O  O     . HOH H 5 .  ? 3.422   -18.683 10.585  1.00 27.82 ? 2067 HOH A O     1 
HETATM 573 O  O     . HOH H 5 .  ? -0.393  3.400   12.397  1.00 38.49 ? 2068 HOH A O     1 
HETATM 574 O  O     . HOH H 5 .  ? -5.570  0.506   7.455   1.00 35.85 ? 2070 HOH A O     1 
HETATM 575 O  O     . HOH H 5 .  ? 4.675   5.098   7.854   1.00 43.56 ? 2071 HOH A O     1 
HETATM 576 O  O     . HOH H 5 .  ? 3.794   -11.149 14.354  1.00 29.44 ? 2076 HOH A O     1 
HETATM 577 O  O     . HOH H 5 .  ? 1.009   2.444   -9.559  1.00 30.27 ? 2077 HOH A O     1 
HETATM 578 O  O     . HOH H 5 .  ? -17.002 -1.840  -12.577 1.00 42.55 ? 2080 HOH A O     1 
HETATM 579 O  O     . HOH H 5 .  ? -2.932  6.153   7.594   1.00 36.53 ? 2081 HOH A O     1 
HETATM 580 O  O     . HOH H 5 .  ? -6.076  -9.994  7.926   1.00 29.38 ? 2082 HOH A O     1 
HETATM 581 O  O     . HOH H 5 .  ? 0.454   12.035  -7.284  1.00 27.68 ? 2083 HOH A O     1 
HETATM 582 O  O     . HOH H 5 .  ? 0.990   -13.589 10.857  1.00 24.13 ? 2085 HOH A O     1 
HETATM 583 O  O     . HOH H 5 .  ? 3.554   4.936   -7.653  1.00 31.40 ? 2087 HOH A O     1 
HETATM 584 O  O     . HOH H 5 .  ? -2.657  -14.769 10.544  1.00 27.73 ? 2090 HOH A O     1 
HETATM 585 O  O     . HOH H 5 .  ? 0.540   -9.015  12.415  1.00 31.97 ? 2091 HOH A O     1 
HETATM 586 O  O     . HOH H 5 .  ? -4.792  3.162   8.003   1.00 41.80 ? 2092 HOH A O     1 
HETATM 587 O  O     . HOH H 5 .  ? -8.727  1.812   -5.441  1.00 46.14 ? 2095 HOH A O     1 
HETATM 588 O  O     . HOH H 5 .  ? -2.347  8.837   8.224   1.00 29.45 ? 2096 HOH A O     1 
HETATM 589 O  O     . HOH H 5 .  ? 7.675   7.629   6.903   1.00 40.94 ? 2097 HOH A O     1 
HETATM 590 O  O     . HOH H 5 .  ? 8.897   3.751   1.697   1.00 35.03 ? 2099 HOH A O     1 
HETATM 591 O  O     . HOH H 5 .  ? 3.392   -19.794 -1.651  1.00 29.08 ? 2102 HOH A O     1 
HETATM 592 O  O     . HOH H 5 .  ? -2.801  4.869   -16.356 1.00 35.61 ? 2106 HOH A O     1 
HETATM 593 O  O     . HOH H 5 .  ? -5.027  -10.082 3.829   1.00 42.34 ? 2107 HOH A O     1 
HETATM 594 O  O     . HOH H 5 .  ? -13.667 6.671   -1.777  1.00 41.46 ? 2108 HOH A O     1 
HETATM 595 O  O     . HOH H 5 .  ? 3.724   13.929  7.609   1.00 38.68 ? 2112 HOH A O     1 
HETATM 596 O  O     . HOH H 5 .  ? -3.320  3.912   11.316  1.00 43.99 ? 2117 HOH A O     1 
HETATM 597 O  O     . HOH H 5 .  ? -8.396  -6.897  7.356   1.00 37.29 ? 2118 HOH A O     1 
HETATM 598 O  O     . HOH H 5 .  ? -12.291 7.312   -4.974  1.00 19.62 ? 3001 HOH A O     1 
HETATM 599 O  O     . HOH H 5 .  ? -11.373 4.527   -5.912  1.00 21.01 ? 3002 HOH A O     1 
HETATM 600 O  O     . HOH H 5 .  ? -12.793 4.429   -3.092  1.00 35.66 ? 3005 HOH A O     1 
HETATM 601 O  O     . HOH I 5 .  ? 5.986   -6.204  10.796  1.00 18.18 ? 2003 HOH B O     1 
HETATM 602 O  O     . HOH I 5 .  ? -2.671  -2.543  4.237   1.00 14.69 ? 2004 HOH B O     1 
HETATM 603 O  O     . HOH I 5 .  ? 17.428  -6.519  2.878   1.00 16.17 ? 2006 HOH B O     1 
HETATM 604 O  O     . HOH I 5 .  ? -9.983  18.466  -8.391  1.00 14.33 ? 2007 HOH B O     1 
HETATM 605 O  O     . HOH I 5 .  ? -4.800  12.604  -4.523  1.00 17.48 ? 2008 HOH B O     1 
HETATM 606 O  O     . HOH I 5 .  ? -1.270  -0.986  -4.831  1.00 24.72 ? 2009 HOH B O     1 
HETATM 607 O  O     . HOH I 5 .  ? -5.293  20.522  -11.771 1.00 20.26 ? 2013 HOH B O     1 
HETATM 608 O  O     . HOH I 5 .  ? 19.762  -4.699  10.496  1.00 18.13 ? 2014 HOH B O     1 
HETATM 609 O  O     . HOH I 5 .  ? 15.124  -3.123  0.299   1.00 20.36 ? 2016 HOH B O     1 
HETATM 610 O  O     . HOH I 5 .  ? -6.201  6.707   7.922   1.00 20.37 ? 2021 HOH B O     1 
HETATM 611 O  O     . HOH I 5 .  ? 7.314   -1.654  3.623   1.00 20.92 ? 2022 HOH B O     1 
HETATM 612 O  O     . HOH I 5 .  ? -3.120  -5.663  -3.642  1.00 20.83 ? 2023 HOH B O     1 
HETATM 613 O  O     . HOH I 5 .  ? 11.739  -2.463  2.434   1.00 25.13 ? 2028 HOH B O     1 
HETATM 614 O  O     . HOH I 5 .  ? -7.541  -2.363  -1.252  1.00 21.00 ? 2029 HOH B O     1 
HETATM 615 O  O     . HOH I 5 .  ? -5.943  18.687  -13.908 1.00 17.57 ? 2031 HOH B O     1 
HETATM 616 O  O     . HOH I 5 .  ? 2.707   -0.909  -3.572  1.00 22.48 ? 2032 HOH B O     1 
HETATM 617 O  O     . HOH I 5 .  ? 14.021  -2.372  6.219   1.00 20.96 ? 2033 HOH B O     1 
HETATM 618 O  O     . HOH I 5 .  ? -2.346  6.567   1.974   1.00 31.14 ? 2034 HOH B O     1 
HETATM 619 O  O     . HOH I 5 .  ? -11.720 11.651  -2.766  1.00 21.25 ? 2044 HOH B O     1 
HETATM 620 O  O     . HOH I 5 .  ? 17.181  -2.041  -1.050  1.00 24.04 ? 2046 HOH B O     1 
HETATM 621 O  O     . HOH I 5 .  ? 16.109  -3.983  12.614  1.00 28.69 ? 2048 HOH B O     1 
HETATM 622 O  O     . HOH I 5 .  ? -10.223 16.807  -4.444  1.00 30.75 ? 2050 HOH B O     1 
HETATM 623 O  O     . HOH I 5 .  ? -11.626 7.018   5.249   1.00 29.91 ? 2051 HOH B O     1 
HETATM 624 O  O     . HOH I 5 .  ? 7.774   -4.200  10.134  1.00 26.01 ? 2053 HOH B O     1 
HETATM 625 O  O     . HOH I 5 .  ? 4.317   -7.519  12.558  1.00 25.57 ? 2055 HOH B O     1 
HETATM 626 O  O     . HOH I 5 .  ? 1.676   -5.671  -4.691  1.00 27.25 ? 2057 HOH B O     1 
HETATM 627 O  O     . HOH I 5 .  ? -2.593  13.116  2.832   1.00 22.18 ? 2059 HOH B O     1 
HETATM 628 O  O     . HOH I 5 .  ? 13.882  -0.872  9.326   1.00 18.35 ? 2061 HOH B O     1 
HETATM 629 O  O     . HOH I 5 .  ? -6.091  -9.651  0.814   1.00 33.64 ? 2063 HOH B O     1 
HETATM 630 O  O     . HOH I 5 .  ? -9.915  3.413   -0.306  1.00 28.57 ? 2064 HOH B O     1 
HETATM 631 O  O     . HOH I 5 .  ? -10.310 -5.155  -1.368  1.00 25.90 ? 2066 HOH B O     1 
HETATM 632 O  O     . HOH I 5 .  ? -9.927  11.590  2.159   1.00 35.53 ? 2069 HOH B O     1 
HETATM 633 O  O     . HOH I 5 .  ? 5.998   -1.219  -0.936  1.00 29.35 ? 2072 HOH B O     1 
HETATM 634 O  O     . HOH I 5 .  ? -13.420 12.900  -4.421  1.00 31.49 ? 2073 HOH B O     1 
HETATM 635 O  O     . HOH I 5 .  ? 17.768  -7.906  12.325  1.00 31.48 ? 2074 HOH B O     1 
HETATM 636 O  O     . HOH I 5 .  ? 4.899   -3.168  -2.822  1.00 29.93 ? 2075 HOH B O     1 
HETATM 637 O  O     . HOH I 5 .  ? 9.120   -3.600  0.671   1.00 30.78 ? 2078 HOH B O     1 
HETATM 638 O  O     . HOH I 5 .  ? 1.424   -9.626  -6.542  1.00 22.58 ? 2079 HOH B O     1 
HETATM 639 O  O     . HOH I 5 .  ? -2.044  10.085  3.898   1.00 36.88 ? 2084 HOH B O     1 
HETATM 640 O  O     . HOH I 5 .  ? 11.598  -15.057 -4.198  1.00 31.55 ? 2086 HOH B O     1 
HETATM 641 O  O     . HOH I 5 .  ? -9.514  14.998  3.309   1.00 34.22 ? 2088 HOH B O     1 
HETATM 642 O  O     . HOH I 5 .  ? -9.814  -2.326  -0.966  1.00 41.34 ? 2089 HOH B O     1 
HETATM 643 O  O     . HOH I 5 .  ? 7.076   -0.965  6.545   1.00 27.66 ? 2093 HOH B O     1 
HETATM 644 O  O     . HOH I 5 .  ? -12.293 -6.716  -0.804  1.00 38.54 ? 2094 HOH B O     1 
HETATM 645 O  O     . HOH I 5 .  ? -2.444  15.308  -1.926  1.00 31.21 ? 2098 HOH B O     1 
HETATM 646 O  O     . HOH I 5 .  ? -10.809 -3.757  -3.631  1.00 31.92 ? 2100 HOH B O     1 
HETATM 647 O  O     . HOH I 5 .  ? 16.084  -5.955  14.456  1.00 42.64 ? 2101 HOH B O     1 
HETATM 648 O  O     . HOH I 5 .  ? 12.025  -2.912  8.120   1.00 26.41 ? 2103 HOH B O     1 
HETATM 649 O  O     . HOH I 5 .  ? -4.779  -9.635  -5.134  1.00 36.20 ? 2104 HOH B O     1 
HETATM 650 O  O     . HOH I 5 .  ? 9.691   -1.976  7.233   1.00 27.88 ? 2105 HOH B O     1 
HETATM 651 O  O     . HOH I 5 .  ? -7.288  -7.050  -2.962  1.00 37.53 ? 2109 HOH B O     1 
HETATM 652 O  O     . HOH I 5 .  ? -11.557 9.362   1.794   1.00 34.92 ? 2110 HOH B O     1 
HETATM 653 O  O     . HOH I 5 .  ? -5.871  -5.424  -3.964  1.00 33.32 ? 2111 HOH B O     1 
HETATM 654 O  O     . HOH I 5 .  ? -6.639  -3.265  6.967   1.00 41.30 ? 2113 HOH B O     1 
HETATM 655 O  O     . HOH I 5 .  ? 12.798  -2.744  13.049  1.00 42.52 ? 2114 HOH B O     1 
HETATM 656 O  O     . HOH I 5 .  ? 10.637  -2.844  -0.881  1.00 37.41 ? 2115 HOH B O     1 
HETATM 657 O  O     . HOH I 5 .  ? -3.068  11.136  -1.372  1.00 30.25 ? 2116 HOH B O     1 
HETATM 658 O  O     . HOH I 5 .  ? -14.284 16.867  1.420   1.00 38.53 ? 2119 HOH B O     1 
HETATM 659 O  O     . HOH I 5 .  ? -1.706  13.697  0.137   1.00 33.89 ? 2120 HOH B O     1 
HETATM 660 O  O     . HOH I 5 .  ? -9.266  3.902   -3.017  1.00 23.86 ? 3003 HOH B O     1 
HETATM 661 O  O     . HOH I 5 .  ? -10.862 6.955   -1.838  1.00 19.02 ? 3004 HOH B O     1 
# 
loop_
_atom_site_anisotrop.id 
_atom_site_anisotrop.type_symbol 
_atom_site_anisotrop.pdbx_label_atom_id 
_atom_site_anisotrop.pdbx_label_alt_id 
_atom_site_anisotrop.pdbx_label_comp_id 
_atom_site_anisotrop.pdbx_label_asym_id 
_atom_site_anisotrop.pdbx_label_seq_id 
_atom_site_anisotrop.pdbx_PDB_ins_code 
_atom_site_anisotrop.U[1][1] 
_atom_site_anisotrop.U[2][2] 
_atom_site_anisotrop.U[3][3] 
_atom_site_anisotrop.U[1][2] 
_atom_site_anisotrop.U[1][3] 
_atom_site_anisotrop.U[2][3] 
_atom_site_anisotrop.pdbx_auth_seq_id 
_atom_site_anisotrop.pdbx_auth_comp_id 
_atom_site_anisotrop.pdbx_auth_asym_id 
_atom_site_anisotrop.pdbx_auth_atom_id 
1   O  "O5'" . DC  A 1  ? 0.1843 0.1777 0.4321 -0.0357 -0.0183 -0.0749 1    DC  A "O5'" 
2   C  "C5'" . DC  A 1  ? 0.1959 0.1438 0.2504 -0.0636 0.0246  0.0243  1    DC  A "C5'" 
3   C  "C4'" . DC  A 1  ? 0.1731 0.1021 0.3181 0.0063  0.0363  0.0007  1    DC  A "C4'" 
4   O  "O4'" . DC  A 1  ? 0.1212 0.1119 0.2660 -0.0142 0.0119  0.0136  1    DC  A "O4'" 
5   C  "C3'" . DC  A 1  ? 0.2009 0.1219 0.2623 0.0014  0.0606  0.0459  1    DC  A "C3'" 
6   O  "O3'" . DC  A 1  ? 0.1820 0.1380 0.3189 0.0258  0.0612  0.0055  1    DC  A "O3'" 
7   C  "C2'" . DC  A 1  ? 0.1859 0.1155 0.2410 0.0165  0.0504  0.0549  1    DC  A "C2'" 
8   C  "C1'" . DC  A 1  ? 0.1203 0.1141 0.2090 0.0161  0.0196  0.0360  1    DC  A "C1'" 
9   N  N1    . DC  A 1  ? 0.0931 0.1139 0.2020 0.0149  0.0076  0.0413  1    DC  A N1    
10  C  C2    . DC  A 1  ? 0.0824 0.1060 0.1504 0.0258  -0.0030 0.0322  1    DC  A C2    
11  O  O2    . DC  A 1  ? 0.1479 0.0840 0.1487 -0.0186 0.0190  -0.0046 1    DC  A O2    
12  N  N3    . DC  A 1  ? 0.1206 0.1257 0.1687 0.0242  0.0201  0.0044  1    DC  A N3    
13  C  C4    . DC  A 1  ? 0.1749 0.1488 0.1058 -0.0165 0.0057  0.0123  1    DC  A C4    
14  N  N4    . DC  A 1  ? 0.1802 0.1305 0.1344 0.0095  0.0113  0.0142  1    DC  A N4    
15  C  C5    . DC  A 1  ? 0.2030 0.2186 0.1544 -0.0981 0.0090  -0.0290 1    DC  A C5    
16  C  C6    . DC  A 1  ? 0.0838 0.1728 0.2632 -0.0395 0.0480  -0.0183 1    DC  A C6    
17  P  P     . DG  A 2  ? 0.1694 0.1228 0.3268 -0.0139 0.0257  0.0347  2    DG  A P     
18  O  OP1   . DG  A 2  ? 0.2460 0.1077 0.4313 -0.0213 0.0328  0.0053  2    DG  A OP1   
19  O  OP2   . DG  A 2  ? 0.2954 0.1826 0.2997 0.0533  0.0929  0.0548  2    DG  A OP2   
20  O  "O5'" . DG  A 2  ? 0.1655 0.1417 0.2444 -0.0006 0.0351  -0.0411 2    DG  A "O5'" 
21  C  "C5'" . DG  A 2  ? 0.1665 0.1031 0.2394 -0.0125 -0.0442 0.0109  2    DG  A "C5'" 
22  C  "C4'" . DG  A 2  ? 0.1688 0.0951 0.2467 -0.0103 -0.0305 -0.0166 2    DG  A "C4'" 
23  O  "O4'" . DG  A 2  ? 0.1690 0.1103 0.2087 -0.0244 -0.0097 -0.0186 2    DG  A "O4'" 
24  C  "C3'" . DG  A 2  ? 0.1617 0.1272 0.2034 -0.0208 -0.0079 -0.0525 2    DG  A "C3'" 
25  O  "O3'" . DG  A 2  ? 0.1899 0.1543 0.2091 0.0065  0.0032  -0.0619 2    DG  A "O3'" 
26  C  "C2'" . DG  A 2  ? 0.1633 0.1138 0.1956 -0.0122 -0.0078 -0.0120 2    DG  A "C2'" 
27  C  "C1'" . DG  A 2  ? 0.1785 0.1359 0.2489 -0.0421 0.0274  -0.0605 2    DG  A "C1'" 
28  N  N9    . DG  A 2  ? 0.1363 0.1197 0.1710 -0.0264 -0.0135 0.0050  2    DG  A N9    
29  C  C8    . DG  A 2  ? 0.0868 0.1254 0.2032 -0.0154 -0.0305 0.0251  2    DG  A C8    
30  N  N7    . DG  A 2  ? 0.1203 0.1401 0.1831 -0.0167 -0.0092 0.0330  2    DG  A N7    
31  C  C5    . DG  A 2  ? 0.0893 0.1244 0.1932 0.0016  0.0090  0.0020  2    DG  A C5    
32  C  C6    . DG  A 2  ? 0.0792 0.1390 0.1333 0.0014  -0.0028 0.0240  2    DG  A C6    
33  O  O6    . DG  A 2  ? 0.0993 0.1720 0.1618 0.0089  0.0315  0.0115  2    DG  A O6    
34  N  N1    . DG  A 2  ? 0.0813 0.1290 0.1255 0.0031  -0.0011 0.0184  2    DG  A N1    
35  C  C2    . DG  A 2  ? 0.1715 0.0880 0.1212 -0.0168 0.0225  0.0261  2    DG  A C2    
36  N  N2    . DG  A 2  ? 0.0950 0.1188 0.1044 -0.0191 -0.0175 0.0219  2    DG  A N2    
37  N  N3    . DG  A 2  ? 0.1198 0.1005 0.1318 0.0001  -0.0191 0.0139  2    DG  A N3    
38  C  C4    . DG  A 2  ? 0.0624 0.1102 0.1781 0.0033  -0.0172 -0.0091 2    DG  A C4    
39  P  P     . DC  A 3  ? 0.1801 0.1490 0.2861 0.0041  0.0163  -0.0174 3    DC  A P     
40  O  OP1   . DC  A 3  ? 0.1844 0.1241 0.3631 0.0023  0.0086  -0.0715 3    DC  A OP1   
41  O  OP2   . DC  A 3  ? 0.2567 0.0856 0.3484 0.0388  0.0229  0.0390  3    DC  A OP2   
42  O  "O5'" . DC  A 3  ? 0.1880 0.1419 0.1827 0.0019  -0.0007 -0.0093 3    DC  A "O5'" 
43  C  "C5'" . DC  A 3  ? 0.1633 0.1291 0.1823 0.0296  -0.0153 -0.0055 3    DC  A "C5'" 
44  C  "C4'" . DC  A 3  ? 0.1442 0.1557 0.1519 0.0103  -0.0021 -0.0061 3    DC  A "C4'" 
45  O  "O4'" . DC  A 3  ? 0.1621 0.1425 0.1493 0.0332  -0.0015 0.0042  3    DC  A "O4'" 
46  C  "C3'" . DC  A 3  ? 0.1467 0.1745 0.2606 0.0257  -0.0344 -0.0082 3    DC  A "C3'" 
47  O  "O3'" . DC  A 3  ? 0.1410 0.2629 0.2791 0.0359  -0.0032 -0.0717 3    DC  A "O3'" 
48  C  "C2'" . DC  A 3  ? 0.1674 0.2726 0.1616 -0.0845 -0.0129 0.0365  3    DC  A "C2'" 
49  C  "C1'" . DC  A 3  ? 0.2135 0.1716 0.1400 -0.0383 0.0094  0.0042  3    DC  A "C1'" 
50  N  N1    . DC  A 3  ? 0.1442 0.1259 0.1392 -0.0134 -0.0307 0.0140  3    DC  A N1    
51  C  C2    . DC  A 3  ? 0.1103 0.1046 0.1729 0.0047  0.0065  0.0167  3    DC  A C2    
52  O  O2    . DC  A 3  ? 0.1690 0.1226 0.0951 -0.0316 -0.0176 0.0330  3    DC  A O2    
53  N  N3    . DC  A 3  ? 0.1441 0.1076 0.1474 -0.0112 -0.0090 0.0345  3    DC  A N3    
54  C  C4    . DC  A 3  ? 0.1389 0.1298 0.1071 -0.0284 -0.0310 0.0202  3    DC  A C4    
55  N  N4    . DC  A 3  ? 0.1191 0.1295 0.1994 -0.0465 0.0295  -0.0230 3    DC  A N4    
56  C  C5    . DC  A 3  ? 0.1198 0.1273 0.2187 -0.0030 0.0419  -0.0109 3    DC  A C5    
57  C  C6    . DC  A 3  ? 0.1682 0.1015 0.1937 0.0168  0.0393  0.0031  3    DC  A C6    
58  P  P     . DG  A 4  ? 0.1596 0.2640 0.3372 0.0795  -0.0272 -0.1226 4    DG  A P     
59  O  OP1   . DG  A 4  ? 0.1412 0.5387 0.3457 0.1008  0.0019  -0.1881 4    DG  A OP1   
60  O  OP2   . DG  A 4  ? 0.2844 0.1852 0.5555 0.0836  -0.1104 -0.1148 4    DG  A OP2   
61  O  "O5'" . DG  A 4  ? 0.1637 0.1890 0.2623 0.0447  -0.0271 -0.0299 4    DG  A "O5'" 
62  C  "C5'" . DG  A 4  ? 0.1611 0.2126 0.1785 0.0271  0.0017  0.0169  4    DG  A "C5'" 
63  C  "C4'" . DG  A 4  ? 0.2061 0.1900 0.2061 -0.0097 0.0166  0.0024  4    DG  A "C4'" 
64  O  "O4'" . DG  A 4  ? 0.2324 0.1685 0.1962 0.0245  0.0296  0.0015  4    DG  A "O4'" 
65  C  "C3'" . DG  A 4  ? 0.1835 0.3113 0.1985 -0.0196 -0.0192 -0.0127 4    DG  A "C3'" 
66  O  "O3'" . DG  A 4  ? 0.2518 0.3826 0.1843 -0.0754 0.0127  -0.0649 4    DG  A "O3'" 
67  C  "C2'" . DG  A 4  ? 0.2075 0.2918 0.1828 0.0267  -0.0344 -0.0074 4    DG  A "C2'" 
68  C  "C1'" . DG  A 4  ? 0.2213 0.2066 0.1541 -0.0049 -0.0135 -0.0390 4    DG  A "C1'" 
69  N  N9    . DG  A 4  ? 0.2231 0.1793 0.1640 0.0052  -0.0306 0.0057  4    DG  A N9    
70  C  C8    . DG  A 4  ? 0.2695 0.1394 0.2048 0.0259  0.0041  0.0181  4    DG  A C8    
71  N  N7    . DG  A 4  ? 0.2435 0.1600 0.1442 0.0100  -0.0433 0.0089  4    DG  A N7    
72  C  C5    . DG  A 4  ? 0.2095 0.1087 0.1408 0.0274  -0.0516 0.0379  4    DG  A C5    
73  C  C6    . DG  A 4  ? 0.1506 0.1256 0.2286 0.0365  -0.0365 0.0097  4    DG  A C6    
74  O  O6    . DG  A 4  ? 0.1935 0.1210 0.1829 0.0152  -0.0482 0.0185  4    DG  A O6    
75  N  N1    . DG  A 4  ? 0.1597 0.1041 0.1932 0.0241  -0.0082 0.0374  4    DG  A N1    
76  C  C2    . DG  A 4  ? 0.1247 0.1566 0.1633 0.0067  -0.0445 0.0237  4    DG  A C2    
77  N  N2    . DG  A 4  ? 0.2249 0.1160 0.2423 -0.0157 0.0542  0.0241  4    DG  A N2    
78  N  N3    . DG  A 4  ? 0.1760 0.1315 0.2346 -0.0023 0.0182  0.0157  4    DG  A N3    
79  C  C4    . DG  A 4  ? 0.2396 0.1289 0.1155 0.0101  -0.0373 0.0545  4    DG  A C4    
80  P  P     . DA  A 5  ? 0.2816 0.5123 0.3285 -0.1056 -0.0635 -0.1436 5    DA  A P     
81  O  OP1   . DA  A 5  ? 0.3559 0.5961 0.4274 -0.1989 -0.0792 -0.1056 5    DA  A OP1   
82  O  OP2   . DA  A 5  ? 0.1798 0.5667 0.3806 -0.0428 -0.1142 -0.1844 5    DA  A OP2   
83  O  "O5'" . DA  A 5  ? 0.1481 0.5862 0.3170 -0.0107 -0.0974 -0.1259 5    DA  A "O5'" 
84  C  "C5'" . DA  A 5  ? 0.1925 0.5378 0.2357 0.0127  0.0312  0.0906  5    DA  A "C5'" 
85  C  "C4'" . DA  A 5  ? 0.2537 0.4625 0.2346 0.0587  0.0856  0.1062  5    DA  A "C4'" 
86  O  "O4'" . DA  A 5  ? 0.2445 0.4398 0.2757 0.0665  0.0464  0.1416  5    DA  A "O4'" 
87  C  "C3'" . DA  A 5  ? 0.3079 0.5097 0.2392 -0.0329 0.0052  0.0995  5    DA  A "C3'" 
88  O  "O3'" . DA  A 5  ? 0.2893 0.5352 0.3196 0.0010  0.0409  0.0184  5    DA  A "O3'" 
89  C  "C2'" . DA  A 5  ? 0.2176 0.5078 0.1829 0.0122  -0.0117 0.1101  5    DA  A "C2'" 
90  C  "C1'" . DA  A 5  ? 0.2318 0.3960 0.3166 0.0600  0.0014  0.1393  5    DA  A "C1'" 
91  N  N9    . DA  A 5  ? 0.1618 0.3893 0.3507 0.0927  0.0397  0.0978  5    DA  A N9    
92  C  C8    . DA  A 5  ? 0.2191 0.3935 0.2304 0.0837  0.0335  0.1490  5    DA  A C8    
93  N  N7    . DA  A 5  ? 0.1316 0.4621 0.1895 0.0868  -0.0391 0.0989  5    DA  A N7    
94  C  C5    . DA  A 5  ? 0.1715 0.3400 0.2756 0.1161  0.0232  0.1328  5    DA  A C5    
95  C  C6    . DA  A 5  ? 0.1759 0.3476 0.2101 0.1128  -0.0027 0.1533  5    DA  A C6    
96  N  N6    . DA  A 5  ? 0.1406 0.3522 0.1938 0.1231  0.0089  0.1449  5    DA  A N6    
97  N  N1    . DA  A 5  ? 0.1990 0.3364 0.2461 0.0786  0.0300  0.1325  5    DA  A N1    
98  C  C2    . DA  A 5  ? 0.1647 0.3395 0.2872 0.0905  0.0161  0.1237  5    DA  A C2    
99  N  N3    . DA  A 5  ? 0.1566 0.3863 0.2343 0.0696  -0.0076 0.1123  5    DA  A N3    
100 C  C4    . DA  A 5  ? 0.1190 0.4087 0.2858 0.1044  -0.0095 0.0890  5    DA  A C4    
101 P  P     . DA  A 6  ? 0.2238 0.5127 0.3127 -0.0656 0.0437  -0.0253 6    DA  A P     
102 O  OP1   . DA  A 6  ? 0.5645 0.4832 0.3165 -0.1573 0.0134  0.0797  6    DA  A OP1   
103 O  OP2   . DA  A 6  ? 0.2582 0.6792 0.3169 0.0270  0.1094  0.1162  6    DA  A OP2   
104 O  "O5'" . DA  A 6  ? 0.1614 0.3771 0.3084 -0.0669 0.0159  -0.0304 6    DA  A "O5'" 
105 C  "C5'" . DA  A 6  ? 0.2118 0.2489 0.3179 -0.0648 0.0472  0.0476  6    DA  A "C5'" 
106 C  "C4'" . DA  A 6  ? 0.1395 0.1449 0.2926 -0.0422 0.0024  0.0292  6    DA  A "C4'" 
107 O  "O4'" . DA  A 6  ? 0.2269 0.1294 0.2570 -0.0236 -0.0151 0.0256  6    DA  A "O4'" 
108 C  "C3'" . DA  A 6  ? 0.1700 0.1441 0.2960 0.0039  -0.0071 -0.0087 6    DA  A "C3'" 
109 O  "O3'" . DA  A 6  ? 0.2040 0.1573 0.2938 0.0135  -0.0040 -0.0121 6    DA  A "O3'" 
110 C  "C2'" . DA  A 6  ? 0.2343 0.1438 0.2557 -0.0032 -0.0237 -0.0040 6    DA  A "C2'" 
111 C  "C1'" . DA  A 6  ? 0.2333 0.1344 0.2618 -0.0373 -0.0149 0.0331  6    DA  A "C1'" 
112 N  N9    . DA  A 6  ? 0.1494 0.1273 0.2960 0.0012  -0.0329 0.0245  6    DA  A N9    
113 C  C8    . DA  A 6  ? 0.1572 0.1227 0.3137 -0.0099 -0.0156 0.0235  6    DA  A C8    
114 N  N7    . DA  A 6  ? 0.1145 0.1391 0.2299 -0.0109 -0.0476 0.0511  6    DA  A N7    
115 C  C5    . DA  A 6  ? 0.1336 0.1043 0.3092 0.0106  0.0151  0.0254  6    DA  A C5    
116 C  C6    . DA  A 6  ? 0.0918 0.1099 0.2575 0.0272  -0.0129 0.0225  6    DA  A C6    
117 N  N6    . DA  A 6  ? 0.1295 0.1202 0.2664 0.0540  -0.0061 0.0130  6    DA  A N6    
118 N  N1    . DA  A 6  ? 0.1128 0.1045 0.2242 0.0273  -0.0124 0.0417  6    DA  A N1    
119 C  C2    . DA  A 6  ? 0.1383 0.1387 0.2663 0.0133  0.0052  0.0056  6    DA  A C2    
120 N  N3    . DA  A 6  ? 0.1997 0.0939 0.2412 0.0088  0.0014  0.0412  6    DA  A N3    
121 C  C4    . DA  A 6  ? 0.1542 0.1148 0.2027 0.0036  -0.0484 0.0553  6    DA  A C4    
122 P  P     . DT  A 7  ? 0.1573 0.1824 0.3039 0.0263  -0.0041 -0.0414 7    DT  A P     
123 O  OP1   . DT  A 7  ? 0.1507 0.1990 0.3117 0.0558  -0.0073 -0.0434 7    DT  A OP1   
124 O  OP2   . DT  A 7  ? 0.1890 0.2593 0.2680 0.0821  0.0372  -0.0088 7    DT  A OP2   
125 O  "O5'" . DT  A 7  ? 0.2485 0.2070 0.2461 0.0011  0.0033  -0.0220 7    DT  A "O5'" 
126 C  "C5'" . DT  A 7  ? 0.2584 0.1401 0.2445 -0.0323 0.0147  -0.0608 7    DT  A "C5'" 
127 C  "C4'" . DT  A 7  ? 0.3463 0.1418 0.2195 -0.0182 0.0404  -0.0307 7    DT  A "C4'" 
128 O  "O4'" . DT  A 7  ? 0.1966 0.1215 0.2230 -0.0108 0.0301  -0.0238 7    DT  A "O4'" 
129 C  "C3'" . DT  A 7  ? 0.3735 0.1932 0.2139 -0.0530 0.0113  -0.0210 7    DT  A "C3'" 
130 O  "O3'" . DT  A 7  ? 0.4756 0.2011 0.2102 -0.0736 0.0484  -0.0243 7    DT  A "O3'" 
131 C  "C2'" . DT  A 7  ? 0.3426 0.2094 0.2357 0.0103  -0.0198 -0.0033 7    DT  A "C2'" 
132 C  "C1'" . DT  A 7  ? 0.2679 0.1237 0.2419 -0.0336 0.0130  -0.0148 7    DT  A "C1'" 
133 N  N1    . DT  A 7  ? 0.1917 0.1034 0.2478 0.0158  -0.0170 0.0049  7    DT  A N1    
134 C  C2    . DT  A 7  ? 0.1368 0.1221 0.2216 0.0220  -0.0107 -0.0100 7    DT  A C2    
135 O  O2    . DT  A 7  ? 0.1579 0.1634 0.2255 0.0102  0.0088  0.0116  7    DT  A O2    
136 N  N3    . DT  A 7  ? 0.1525 0.1283 0.1870 0.0489  -0.0171 0.0198  7    DT  A N3    
137 C  C4    . DT  A 7  ? 0.1689 0.0970 0.1973 0.0516  -0.0066 0.0269  7    DT  A C4    
138 O  O4    . DT  A 7  ? 0.2018 0.1273 0.2521 0.0370  0.0360  -0.0024 7    DT  A O4    
139 C  C5    . DT  A 7  ? 0.2208 0.1096 0.2153 0.0103  -0.0126 0.0382  7    DT  A C5    
140 C  C7    . DT  A 7  ? 0.1829 0.1486 0.2635 0.0275  -0.0229 0.0423  7    DT  A C7    
141 C  C6    . DT  A 7  ? 0.1407 0.1733 0.2206 0.0003  -0.0691 -0.0195 7    DT  A C6    
142 P  P     . DT  A 8  ? 0.5480 0.2766 0.2439 -0.1523 -0.0052 0.0337  8    DT  A P     
143 O  OP1   . DT  A 8  ? 0.8140 0.4041 0.1942 -0.2388 0.0683  -0.0832 8    DT  A OP1   
144 O  OP2   . DT  A 8  ? 0.5401 0.5413 0.3014 -0.2325 -0.1886 -0.0061 8    DT  A OP2   
145 O  "O5'" . DT  A 8  ? 0.3895 0.2337 0.3045 -0.0682 -0.0304 0.0355  8    DT  A "O5'" 
146 C  "C5'" . DT  A 8  ? 0.3309 0.1725 0.3138 0.0233  0.0445  -0.0280 8    DT  A "C5'" 
147 C  "C4'" . DT  A 8  ? 0.1798 0.1559 0.3786 0.0487  0.0875  -0.0080 8    DT  A "C4'" 
148 O  "O4'" . DT  A 8  ? 0.2135 0.1447 0.3016 0.0653  0.0318  0.0002  8    DT  A "O4'" 
149 C  "C3'" . DT  A 8  ? 0.2770 0.1904 0.3240 0.0716  0.1355  -0.0040 8    DT  A "C3'" 
150 O  "O3'" . DT  A 8  ? 0.2512 0.2429 0.2687 0.0501  0.0843  -0.0042 8    DT  A "O3'" 
151 C  "C2'" . DT  A 8  ? 0.2672 0.2151 0.2526 0.1025  0.0913  0.0145  8    DT  A "C2'" 
152 C  "C1'" . DT  A 8  ? 0.1879 0.1386 0.2682 0.0569  0.0416  -0.0011 8    DT  A "C1'" 
153 N  N1    . DT  A 8  ? 0.1698 0.1114 0.2143 0.0159  0.0129  0.0021  8    DT  A N1    
154 C  C2    . DT  A 8  ? 0.1553 0.1176 0.1764 0.0278  -0.0219 0.0250  8    DT  A C2    
155 O  O2    . DT  A 8  ? 0.1285 0.2002 0.1829 0.0165  -0.0123 -0.0279 8    DT  A O2    
156 N  N3    . DT  A 8  ? 0.1343 0.1371 0.1901 0.0032  -0.0302 -0.0125 8    DT  A N3    
157 C  C4    . DT  A 8  ? 0.1618 0.1439 0.1938 -0.0227 -0.0365 -0.0021 8    DT  A C4    
158 O  O4    . DT  A 8  ? 0.1372 0.1421 0.2151 0.0049  -0.0372 0.0121  8    DT  A O4    
159 C  C5    . DT  A 8  ? 0.1341 0.1808 0.2310 -0.0093 -0.0426 -0.0323 8    DT  A C5    
160 C  C7    . DT  A 8  ? 0.1920 0.2724 0.2960 -0.0759 -0.0009 -0.1166 8    DT  A C7    
161 C  C6    . DT  A 8  ? 0.1971 0.1434 0.1565 -0.0085 -0.0319 0.0381  8    DT  A C6    
162 P  P     . DC  A 9  ? 0.3081 0.2320 0.2735 0.0146  0.0954  -0.0094 9    DC  A P     
163 O  OP1   . DC  A 9  ? 0.4019 0.2757 0.4272 0.0336  0.2154  0.0357  9    DC  A OP1   
164 O  OP2   . DC  A 9  ? 0.3949 0.2707 0.2130 -0.0599 0.0473  0.0524  9    DC  A OP2   
165 O  "O5'" . DC  A 9  ? 0.3335 0.2424 0.2947 0.0269  0.0407  -0.0321 9    DC  A "O5'" 
166 C  "C5'" . DC  A 9  ? 0.2551 0.2208 0.3218 0.0196  0.0811  -0.0222 9    DC  A "C5'" 
167 C  "C4'" . DC  A 9  ? 0.1998 0.2223 0.2107 0.0298  0.0809  0.0337  9    DC  A "C4'" 
168 O  "O4'" . DC  A 9  ? 0.1860 0.1849 0.3116 0.0381  0.0941  0.0631  9    DC  A "O4'" 
169 C  "C3'" . DC  A 9  ? 0.2223 0.2020 0.2848 -0.0013 0.0699  0.0475  9    DC  A "C3'" 
170 O  "O3'" . DC  A 9  ? 0.1602 0.2330 0.3538 -0.0101 0.1286  -0.0014 9    DC  A "O3'" 
171 C  "C2'" . DC  A 9  ? 0.2254 0.1608 0.2720 -0.0142 0.0100  0.0267  9    DC  A "C2'" 
172 C  "C1'" . DC  A 9  ? 0.2321 0.0787 0.2929 0.0074  0.0776  -0.0211 9    DC  A "C1'" 
173 N  N1    . DC  A 9  ? 0.1864 0.1445 0.2167 0.0197  0.0093  0.0001  9    DC  A N1    
174 C  C2    . DC  A 9  ? 0.1518 0.1431 0.1297 0.0107  -0.0395 0.0296  9    DC  A C2    
175 O  O2    . DC  A 9  ? 0.1473 0.1393 0.2108 -0.0155 0.0048  -0.0001 9    DC  A O2    
176 N  N3    . DC  A 9  ? 0.1458 0.1091 0.1943 0.0227  -0.0272 -0.0064 9    DC  A N3    
177 C  C4    . DC  A 9  ? 0.1540 0.1108 0.1904 0.0209  -0.0095 -0.0134 9    DC  A C4    
178 N  N4    . DC  A 9  ? 0.1275 0.1434 0.2127 0.0207  -0.0362 -0.0177 9    DC  A N4    
179 C  C5    . DC  A 9  ? 0.1640 0.1817 0.2079 0.0329  -0.0058 -0.0443 9    DC  A C5    
180 C  C6    . DC  A 9  ? 0.2229 0.1824 0.1502 -0.0140 0.0261  0.0060  9    DC  A C6    
181 P  P     . DG  A 10 ? 0.2165 0.2122 0.4055 -0.0002 0.1680  0.0013  10   DG  A P     
182 O  OP1   . DG  A 10 ? 0.1754 0.1775 0.6273 0.0116  0.0903  0.1244  10   DG  A OP1   
183 O  OP2   . DG  A 10 ? 0.3514 0.3054 0.3974 0.0517  0.2663  0.0251  10   DG  A OP2   
184 O  "O5'" . DG  A 10 ? 0.1784 0.2693 0.2404 0.0230  0.0988  0.0244  10   DG  A "O5'" 
185 C  "C5'" . DG  A 10 ? 0.1793 0.1261 0.2126 0.0072  0.0329  0.0502  10   DG  A "C5'" 
186 C  "C4'" . DG  A 10 ? 0.1639 0.1501 0.1964 0.0028  0.0437  0.0327  10   DG  A "C4'" 
187 O  "O4'" . DG  A 10 ? 0.1800 0.1813 0.1740 -0.0164 0.0176  0.0066  10   DG  A "O4'" 
188 C  "C3'" . DG  A 10 ? 0.1446 0.1705 0.1758 0.0325  0.0454  0.0206  10   DG  A "C3'" 
189 O  "O3'" . DG  A 10 ? 0.2007 0.1264 0.2201 0.0070  0.0597  0.0010  10   DG  A "O3'" 
190 C  "C2'" . DG  A 10 ? 0.1342 0.1838 0.1516 0.0352  0.0757  -0.0092 10   DG  A "C2'" 
191 C  "C1'" . DG  A 10 ? 0.1604 0.1679 0.1776 0.0212  0.0553  0.0190  10   DG  A "C1'" 
192 N  N9    . DG  A 10 ? 0.1459 0.1678 0.1512 0.0363  0.0233  0.0245  10   DG  A N9    
193 C  C8    . DG  A 10 ? 0.1127 0.2132 0.1936 0.0647  0.0061  -0.0194 10   DG  A C8    
194 N  N7    . DG  A 10 ? 0.1696 0.2048 0.1549 0.0349  0.0181  -0.0064 10   DG  A N7    
195 C  C5    . DG  A 10 ? 0.1780 0.2047 0.1000 0.0038  -0.0014 0.0124  10   DG  A C5    
196 C  C6    . DG  A 10 ? 0.1283 0.1429 0.1599 0.0444  -0.0012 -0.0223 10   DG  A C6    
197 O  O6    . DG  A 10 ? 0.1671 0.1454 0.1452 0.0337  0.0031  -0.0181 10   DG  A O6    
198 N  N1    . DG  A 10 ? 0.1343 0.1461 0.1618 0.0099  0.0018  -0.0267 10   DG  A N1    
199 C  C2    . DG  A 10 ? 0.1465 0.1445 0.1147 -0.0085 0.0097  -0.0036 10   DG  A C2    
200 N  N2    . DG  A 10 ? 0.1647 0.1092 0.1109 0.0215  0.0135  0.0146  10   DG  A N2    
201 N  N3    . DG  A 10 ? 0.1375 0.1566 0.1315 0.0035  0.0114  0.0240  10   DG  A N3    
202 C  C4    . DG  A 10 ? 0.1403 0.1765 0.1181 0.0191  0.0041  0.0289  10   DG  A C4    
203 P  P     . DC  A 11 ? 0.1874 0.1957 0.3032 -0.0423 0.0878  -0.0364 11   DC  A P     
204 O  OP1   . DC  A 11 ? 0.1498 0.4237 0.4317 0.0387  0.0411  -0.1914 11   DC  A OP1   
205 O  OP2   . DC  A 11 ? 0.3772 0.1793 0.4053 -0.0697 0.2263  0.0203  11   DC  A OP2   
206 O  "O5'" . DC  A 11 ? 0.1417 0.1545 0.2076 -0.0114 -0.0076 -0.0323 11   DC  A "O5'" 
207 C  "C5'" . DC  A 11 ? 0.1520 0.1302 0.2480 -0.0283 0.0267  0.0201  11   DC  A "C5'" 
208 C  "C4'" . DC  A 11 ? 0.1272 0.1516 0.1771 -0.0139 -0.0300 0.0023  11   DC  A "C4'" 
209 O  "O4'" . DC  A 11 ? 0.1282 0.1541 0.2007 -0.0020 -0.0534 -0.0057 11   DC  A "O4'" 
210 C  "C3'" . DC  A 11 ? 0.1191 0.1636 0.1026 -0.0206 -0.0196 0.0297  11   DC  A "C3'" 
211 O  "O3'" . DC  A 11 ? 0.1323 0.1480 0.1286 -0.0237 -0.0371 0.0044  11   DC  A "O3'" 
212 C  "C2'" . DC  A 11 ? 0.1259 0.1688 0.1178 -0.0372 -0.0206 0.0174  11   DC  A "C2'" 
213 C  "C1'" . DC  A 11 ? 0.0947 0.1538 0.1279 -0.0091 0.0035  0.0098  11   DC  A "C1'" 
214 N  N1    . DC  A 11 ? 0.1035 0.1576 0.1383 -0.0195 0.0066  0.0036  11   DC  A N1    
215 C  C2    . DC  A 11 ? 0.1400 0.0890 0.1555 -0.0071 0.0258  -0.0007 11   DC  A C2    
216 O  O2    . DC  A 11 ? 0.1092 0.1337 0.1225 -0.0292 -0.0048 -0.0094 11   DC  A O2    
217 N  N3    . DC  A 11 ? 0.1395 0.0887 0.1250 0.0093  0.0061  0.0133  11   DC  A N3    
218 C  C4    . DC  A 11 ? 0.1764 0.1320 0.1073 -0.0047 0.0089  0.0217  11   DC  A C4    
219 N  N4    . DC  A 11 ? 0.1366 0.1756 0.1010 0.0129  -0.0061 0.0047  11   DC  A N4    
220 C  C5    . DC  A 11 ? 0.1618 0.2261 0.1449 -0.0344 0.0227  -0.0191 11   DC  A C5    
221 C  C6    . DC  A 11 ? 0.1817 0.1369 0.1411 -0.0210 0.0403  0.0106  11   DC  A C6    
222 P  P     . DG  A 12 ? 0.1247 0.1484 0.1589 -0.0187 -0.0275 0.0256  12   DG  A P     
223 O  OP1   . DG  A 12 ? 0.2051 0.1746 0.1909 0.0371  -0.0685 -0.0217 12   DG  A OP1   
224 O  OP2   . DG  A 12 ? 0.1429 0.1672 0.2431 -0.0414 0.0284  0.0310  12   DG  A OP2   
225 O  "O5'" . DG  A 12 ? 0.1143 0.1517 0.1738 -0.0185 -0.0045 -0.0145 12   DG  A "O5'" 
226 C  "C5'" . DG  A 12 ? 0.1171 0.1413 0.1636 -0.0066 -0.0104 -0.0049 12   DG  A "C5'" 
227 C  "C4'" . DG  A 12 ? 0.1079 0.1147 0.1464 -0.0002 0.0049  -0.0099 12   DG  A "C4'" 
228 O  "O4'" . DG  A 12 ? 0.1471 0.1330 0.1391 0.0399  -0.0172 -0.0113 12   DG  A "O4'" 
229 C  "C3'" . DG  A 12 ? 0.1661 0.1178 0.2255 0.0073  -0.0452 0.0042  12   DG  A "C3'" 
230 O  "O3'" . DG  A 12 ? 0.1854 0.1473 0.3128 0.0453  -0.0793 -0.0712 12   DG  A "O3'" 
231 C  "C2'" . DG  A 12 ? 0.1226 0.1307 0.2141 -0.0001 -0.0445 0.0293  12   DG  A "C2'" 
232 C  "C1'" . DG  A 12 ? 0.1461 0.1295 0.1319 0.0001  -0.0156 0.0234  12   DG  A "C1'" 
233 N  N9    . DG  A 12 ? 0.1217 0.1476 0.1195 -0.0213 -0.0117 0.0311  12   DG  A N9    
234 C  C8    . DG  A 12 ? 0.1412 0.1502 0.1803 -0.0211 0.0172  0.0392  12   DG  A C8    
235 N  N7    . DG  A 12 ? 0.1408 0.1594 0.1626 -0.0026 0.0258  0.0515  12   DG  A N7    
236 C  C5    . DG  A 12 ? 0.1101 0.1803 0.1140 0.0014  -0.0074 0.0238  12   DG  A C5    
237 C  C6    . DG  A 12 ? 0.1106 0.2130 0.0983 0.0225  -0.0375 0.0098  12   DG  A C6    
238 O  O6    . DG  A 12 ? 0.1824 0.1882 0.1402 0.0304  0.0080  0.0050  12   DG  A O6    
239 N  N1    . DG  A 12 ? 0.1672 0.1500 0.1114 0.0044  -0.0204 0.0144  12   DG  A N1    
240 C  C2    . DG  A 12 ? 0.1565 0.0894 0.1276 0.0138  -0.0090 0.0275  12   DG  A C2    
241 N  N2    . DG  A 12 ? 0.1542 0.1516 0.1457 -0.0152 -0.0148 -0.0010 12   DG  A N2    
242 N  N3    . DG  A 12 ? 0.0973 0.1487 0.1131 -0.0062 -0.0229 0.0165  12   DG  A N3    
243 C  C4    . DG  A 12 ? 0.1174 0.1349 0.1206 -0.0034 -0.0019 0.0261  12   DG  A C4    
244 O  "O5'" . DC  B 1  ? 0.5098 0.3444 0.1901 -0.0222 0.0521  -0.1424 1    DC  B "O5'" 
245 C  "C5'" . DC  B 1  ? 0.4975 0.2176 0.2529 -0.1082 0.0269  -0.0382 1    DC  B "C5'" 
246 C  "C4'" . DC  B 1  ? 0.2988 0.2097 0.1981 -0.0835 -0.0587 -0.0148 1    DC  B "C4'" 
247 O  "O4'" . DC  B 1  ? 0.3079 0.2709 0.1923 -0.1139 -0.0925 0.0164  1    DC  B "O4'" 
248 C  "C3'" . DC  B 1  ? 0.3186 0.1767 0.2316 -0.0164 -0.0249 0.0150  1    DC  B "C3'" 
249 O  "O3'" . DC  B 1  ? 0.3061 0.1505 0.2225 -0.0352 -0.0345 0.0057  1    DC  B "O3'" 
250 C  "C2'" . DC  B 1  ? 0.3108 0.2568 0.1854 0.0130  -0.0453 0.0097  1    DC  B "C2'" 
251 C  "C1'" . DC  B 1  ? 0.2562 0.1575 0.2032 0.0141  -0.0920 -0.0340 1    DC  B "C1'" 
252 N  N1    . DC  B 1  ? 0.2393 0.1455 0.1922 0.0392  -0.0879 -0.0544 1    DC  B N1    
253 C  C2    . DC  B 1  ? 0.2061 0.1332 0.1738 0.0532  -0.0913 -0.0425 1    DC  B C2    
254 O  O2    . DC  B 1  ? 0.1941 0.2301 0.2465 0.0271  -0.0762 -0.1243 1    DC  B O2    
255 N  N3    . DC  B 1  ? 0.2344 0.1772 0.1755 0.0167  -0.0386 -0.0740 1    DC  B N3    
256 C  C4    . DC  B 1  ? 0.2330 0.2424 0.1898 0.0394  -0.0618 -0.1138 1    DC  B C4    
257 N  N4    . DC  B 1  ? 0.2918 0.2304 0.1290 -0.0123 0.0246  -0.0324 1    DC  B N4    
258 C  C5    . DC  B 1  ? 0.2689 0.2108 0.2110 0.0633  -0.0684 -0.1088 1    DC  B C5    
259 C  C6    . DC  B 1  ? 0.2756 0.1752 0.2464 0.0480  -0.0816 -0.1060 1    DC  B C6    
260 P  P     . DG  B 2  ? 0.2771 0.2213 0.1868 -0.0716 -0.0728 -0.0034 2    DG  B P     
261 O  OP1   . DG  B 2  ? 0.2435 0.3607 0.2427 -0.0573 -0.1217 0.0552  2    DG  B OP1   
262 O  OP2   . DG  B 2  ? 0.4875 0.2078 0.2203 -0.1432 -0.1261 0.0286  2    DG  B OP2   
263 O  "O5'" . DG  B 2  ? 0.1810 0.1744 0.1991 -0.0141 -0.0510 -0.0113 2    DG  B "O5'" 
264 C  "C5'" . DG  B 2  ? 0.1300 0.2078 0.1940 0.0078  -0.0671 -0.0268 2    DG  B "C5'" 
265 C  "C4'" . DG  B 2  ? 0.1389 0.1915 0.1467 -0.0187 -0.0412 0.0333  2    DG  B "C4'" 
266 O  "O4'" . DG  B 2  ? 0.1345 0.1570 0.1118 -0.0197 -0.0463 0.0150  2    DG  B "O4'" 
267 C  "C3'" . DG  B 2  ? 0.1570 0.1472 0.1621 -0.0437 -0.0355 0.0033  2    DG  B "C3'" 
268 O  "O3'" . DG  B 2  ? 0.1172 0.1518 0.1757 -0.0474 -0.0133 0.0404  2    DG  B "O3'" 
269 C  "C2'" . DG  B 2  ? 0.1784 0.1100 0.1914 -0.0142 0.0121  0.0017  2    DG  B "C2'" 
270 C  "C1'" . DG  B 2  ? 0.1416 0.1318 0.1440 -0.0096 -0.0202 0.0468  2    DG  B "C1'" 
271 N  N9    . DG  B 2  ? 0.1240 0.1565 0.1368 -0.0342 -0.0395 -0.0114 2    DG  B N9    
272 C  C8    . DG  B 2  ? 0.1923 0.1416 0.1994 -0.0479 0.0052  -0.0363 2    DG  B C8    
273 N  N7    . DG  B 2  ? 0.1834 0.1305 0.1802 -0.0247 0.0067  -0.0176 2    DG  B N7    
274 C  C5    . DG  B 2  ? 0.1454 0.1545 0.1290 -0.0218 -0.0242 0.0043  2    DG  B C5    
275 C  C6    . DG  B 2  ? 0.1767 0.1122 0.0889 -0.0169 0.0044  0.0178  2    DG  B C6    
276 O  O6    . DG  B 2  ? 0.1604 0.1311 0.1200 -0.0103 0.0031  -0.0211 2    DG  B O6    
277 N  N1    . DG  B 2  ? 0.1165 0.1078 0.0943 0.0178  -0.0048 0.0143  2    DG  B N1    
278 C  C2    . DG  B 2  ? 0.0918 0.1265 0.1179 -0.0138 -0.0051 -0.0114 2    DG  B C2    
279 N  N2    . DG  B 2  ? 0.0837 0.1312 0.1216 -0.0031 -0.0015 -0.0251 2    DG  B N2    
280 N  N3    . DG  B 2  ? 0.1183 0.1579 0.0894 -0.0469 -0.0305 0.0167  2    DG  B N3    
281 C  C4    . DG  B 2  ? 0.1425 0.1589 0.0958 -0.0495 -0.0357 0.0089  2    DG  B C4    
282 P  P     . DC  B 3  ? 0.1360 0.1350 0.1688 -0.0305 -0.0320 0.0153  3    DC  B P     
283 O  OP1   . DC  B 3  ? 0.1276 0.1407 0.1882 -0.0203 -0.0281 0.0808  3    DC  B OP1   
284 O  OP2   . DC  B 3  ? 0.2071 0.1418 0.1853 -0.0119 -0.0658 -0.0148 3    DC  B OP2   
285 O  "O5'" . DC  B 3  ? 0.1362 0.1260 0.1741 -0.0229 -0.0393 -0.0023 3    DC  B "O5'" 
286 C  "C5'" . DC  B 3  ? 0.1149 0.1344 0.2120 -0.0087 -0.0102 -0.0186 3    DC  B "C5'" 
287 C  "C4'" . DC  B 3  ? 0.1201 0.1023 0.1343 -0.0055 -0.0124 -0.0108 3    DC  B "C4'" 
288 O  "O4'" . DC  B 3  ? 0.1292 0.1520 0.1428 -0.0089 -0.0105 -0.0095 3    DC  B "O4'" 
289 C  "C3'" . DC  B 3  ? 0.1430 0.1102 0.1613 -0.0055 -0.0196 0.0171  3    DC  B "C3'" 
290 O  "O3'" . DC  B 3  ? 0.1375 0.1163 0.1510 -0.0379 -0.0382 0.0202  3    DC  B "O3'" 
291 C  "C2'" . DC  B 3  ? 0.1222 0.1597 0.1760 -0.0304 -0.0327 -0.0464 3    DC  B "C2'" 
292 C  "C1'" . DC  B 3  ? 0.1215 0.1280 0.1737 -0.0107 0.0005  -0.0190 3    DC  B "C1'" 
293 N  N1    . DC  B 3  ? 0.1455 0.1149 0.1697 0.0112  -0.0211 -0.0140 3    DC  B N1    
294 C  C2    . DC  B 3  ? 0.1592 0.0654 0.1694 0.0415  0.0038  0.0288  3    DC  B C2    
295 O  O2    . DC  B 3  ? 0.1770 0.1379 0.1371 -0.0106 0.0099  -0.0058 3    DC  B O2    
296 N  N3    . DC  B 3  ? 0.1364 0.1250 0.1837 0.0335  -0.0246 -0.0193 3    DC  B N3    
297 C  C4    . DC  B 3  ? 0.1904 0.1016 0.1606 0.0173  -0.0376 0.0085  3    DC  B C4    
298 N  N4    . DC  B 3  ? 0.1826 0.2040 0.1727 -0.0223 -0.0243 -0.0600 3    DC  B N4    
299 C  C5    . DC  B 3  ? 0.1942 0.1165 0.2199 0.0097  -0.0081 -0.0267 3    DC  B C5    
300 C  C6    . DC  B 3  ? 0.1639 0.1531 0.1504 -0.0114 -0.0546 -0.0340 3    DC  B C6    
301 P  P     . DG  B 4  ? 0.1615 0.1327 0.1537 -0.0133 -0.0215 0.0348  4    DG  B P     
302 O  OP1   . DG  B 4  ? 0.1497 0.1746 0.1532 -0.0061 -0.0145 0.0554  4    DG  B OP1   
303 O  OP2   . DG  B 4  ? 0.1661 0.1326 0.1918 -0.0202 -0.0404 0.0374  4    DG  B OP2   
304 O  "O5'" . DG  B 4  ? 0.1321 0.1308 0.1610 0.0174  -0.0161 -0.0112 4    DG  B "O5'" 
305 C  "C5'" . DG  B 4  ? 0.1230 0.1391 0.1667 -0.0090 0.0012  0.0047  4    DG  B "C5'" 
306 C  "C4'" . DG  B 4  ? 0.1118 0.1530 0.1566 0.0128  -0.0083 -0.0078 4    DG  B "C4'" 
307 O  "O4'" . DG  B 4  ? 0.1265 0.1160 0.1453 0.0045  0.0004  0.0124  4    DG  B "O4'" 
308 C  "C3'" . DG  B 4  ? 0.1563 0.1650 0.1474 0.0047  -0.0375 -0.0039 4    DG  B "C3'" 
309 O  "O3'" . DG  B 4  ? 0.1365 0.1707 0.1783 0.0136  -0.0295 -0.0230 4    DG  B "O3'" 
310 C  "C2'" . DG  B 4  ? 0.1333 0.1382 0.1652 -0.0016 -0.0276 0.0200  4    DG  B "C2'" 
311 C  "C1'" . DG  B 4  ? 0.1120 0.1524 0.1516 0.0230  -0.0067 0.0119  4    DG  B "C1'" 
312 N  N9    . DG  B 4  ? 0.1151 0.1446 0.1734 0.0088  0.0220  0.0009  4    DG  B N9    
313 C  C8    . DG  B 4  ? 0.0959 0.1195 0.1634 0.0278  -0.0010 0.0426  4    DG  B C8    
314 N  N7    . DG  B 4  ? 0.1447 0.1053 0.1939 0.0197  0.0061  0.0255  4    DG  B N7    
315 C  C5    . DG  B 4  ? 0.1749 0.1045 0.1518 0.0152  0.0106  0.0305  4    DG  B C5    
316 C  C6    . DG  B 4  ? 0.1132 0.0952 0.1747 0.0504  -0.0193 0.0112  4    DG  B C6    
317 O  O6    . DG  B 4  ? 0.1880 0.0893 0.1675 0.0285  -0.0069 0.0183  4    DG  B O6    
318 N  N1    . DG  B 4  ? 0.1579 0.0981 0.1432 0.0349  0.0017  0.0329  4    DG  B N1    
319 C  C2    . DG  B 4  ? 0.1499 0.1289 0.1109 0.0099  0.0040  0.0301  4    DG  B C2    
320 N  N2    . DG  B 4  ? 0.1197 0.2062 0.1463 -0.0105 0.0109  0.0063  4    DG  B N2    
321 N  N3    . DG  B 4  ? 0.1409 0.1657 0.1059 -0.0020 0.0026  0.0290  4    DG  B N3    
322 C  C4    . DG  B 4  ? 0.1300 0.1193 0.1121 0.0167  -0.0113 0.0446  4    DG  B C4    
323 P  P     . DA  B 5  ? 0.1607 0.1767 0.1927 -0.0271 -0.0567 0.0234  5    DA  B P     
324 O  OP1   . DA  B 5  ? 0.2465 0.2335 0.1509 -0.0967 -0.0442 0.0163  5    DA  B OP1   
325 O  OP2   . DA  B 5  ? 0.2026 0.2047 0.2459 -0.0264 -0.0574 0.0712  5    DA  B OP2   
326 O  "O5'" . DA  B 5  ? 0.1123 0.1376 0.2624 -0.0168 -0.0354 0.0236  5    DA  B "O5'" 
327 C  "C5'" . DA  B 5  ? 0.1225 0.1374 0.2310 -0.0192 -0.0286 0.0079  5    DA  B "C5'" 
328 C  "C4'" . DA  B 5  ? 0.1254 0.1279 0.2223 0.0085  -0.0374 0.0155  5    DA  B "C4'" 
329 O  "O4'" . DA  B 5  ? 0.1905 0.1275 0.2429 0.0445  -0.0730 -0.0029 5    DA  B "O4'" 
330 C  "C3'" . DA  B 5  ? 0.1331 0.1180 0.2270 0.0077  -0.0359 0.0295  5    DA  B "C3'" 
331 O  "O3'" . DA  B 5  ? 0.1193 0.1231 0.2871 -0.0162 -0.0356 -0.0114 5    DA  B "O3'" 
332 C  "C2'" . DA  B 5  ? 0.1058 0.1211 0.2372 0.0023  -0.0340 0.0203  5    DA  B "C2'" 
333 C  "C1'" . DA  B 5  ? 0.1055 0.1258 0.2536 0.0124  -0.0498 0.0181  5    DA  B "C1'" 
334 N  N9    . DA  B 5  ? 0.0994 0.1231 0.2141 0.0196  -0.0199 0.0060  5    DA  B N9    
335 C  C8    . DA  B 5  ? 0.0758 0.1309 0.2133 0.0164  -0.0320 -0.0149 5    DA  B C8    
336 N  N7    . DA  B 5  ? 0.1537 0.1602 0.1447 -0.0335 -0.0313 0.0064  5    DA  B N7    
337 C  C5    . DA  B 5  ? 0.1376 0.1136 0.1412 0.0193  -0.0427 0.0311  5    DA  B C5    
338 C  C6    . DA  B 5  ? 0.1780 0.0903 0.1840 0.0511  -0.0387 0.0121  5    DA  B C6    
339 N  N6    . DA  B 5  ? 0.2197 0.1173 0.1104 0.0203  -0.0377 0.0007  5    DA  B N6    
340 N  N1    . DA  B 5  ? 0.1090 0.1200 0.2200 0.0477  -0.0412 -0.0301 5    DA  B N1    
341 C  C2    . DA  B 5  ? 0.1997 0.1463 0.1328 -0.0053 -0.0775 0.0294  5    DA  B C2    
342 N  N3    . DA  B 5  ? 0.1334 0.1208 0.1907 0.0122  -0.0238 0.0091  5    DA  B N3    
343 C  C4    . DA  B 5  ? 0.1768 0.0992 0.1815 0.0132  -0.0086 0.0375  5    DA  B C4    
344 P  P     . DA  B 6  ? 0.1255 0.1934 0.3438 0.0156  -0.0416 -0.0228 6    DA  B P     
345 O  OP1   . DA  B 6  ? 0.1016 0.2149 0.4103 -0.0159 -0.0013 -0.0760 6    DA  B OP1   
346 O  OP2   . DA  B 6  ? 0.0880 0.2689 0.3220 0.0243  -0.0650 -0.0368 6    DA  B OP2   
347 O  "O5'" . DA  B 6  ? 0.1652 0.1684 0.3137 0.0413  -0.0628 0.0014  6    DA  B "O5'" 
348 C  "C5'" . DA  B 6  ? 0.2357 0.1460 0.3507 0.0490  0.0158  0.0213  6    DA  B "C5'" 
349 C  "C4'" . DA  B 6  ? 0.1357 0.1511 0.3590 0.0150  0.0167  0.0038  6    DA  B "C4'" 
350 O  "O4'" . DA  B 6  ? 0.1104 0.1622 0.3016 0.0312  0.0381  0.0306  6    DA  B "O4'" 
351 C  "C3'" . DA  B 6  ? 0.1373 0.1544 0.3558 0.0171  0.0026  -0.0366 6    DA  B "C3'" 
352 O  "O3'" . DA  B 6  ? 0.1060 0.1713 0.3800 -0.0175 0.0000  -0.0395 6    DA  B "O3'" 
353 C  "C2'" . DA  B 6  ? 0.1195 0.1508 0.2685 0.0320  0.0006  -0.0447 6    DA  B "C2'" 
354 C  "C1'" . DA  B 6  ? 0.1175 0.1476 0.3027 0.0237  -0.0188 0.0050  6    DA  B "C1'" 
355 N  N9    . DA  B 6  ? 0.1259 0.1318 0.2884 0.0230  -0.0144 -0.0046 6    DA  B N9    
356 C  C8    . DA  B 6  ? 0.0825 0.1098 0.2599 0.0438  -0.0548 0.0044  6    DA  B C8    
357 N  N7    . DA  B 6  ? 0.1265 0.1342 0.1772 0.0149  -0.0790 0.0299  6    DA  B N7    
358 C  C5    . DA  B 6  ? 0.1236 0.1108 0.2575 0.0240  -0.0168 -0.0191 6    DA  B C5    
359 C  C6    . DA  B 6  ? 0.1246 0.1199 0.2278 0.0188  -0.0471 0.0057  6    DA  B C6    
360 N  N6    . DA  B 6  ? 0.1585 0.1004 0.2040 0.0084  -0.0643 0.0498  6    DA  B N6    
361 N  N1    . DA  B 6  ? 0.1220 0.0966 0.2483 0.0197  -0.0421 -0.0055 6    DA  B N1    
362 C  C2    . DA  B 6  ? 0.0910 0.1057 0.2492 0.0574  -0.0469 0.0213  6    DA  B C2    
363 N  N3    . DA  B 6  ? 0.1392 0.1770 0.2741 -0.0073 0.0082  -0.0234 6    DA  B N3    
364 C  C4    . DA  B 6  ? 0.1099 0.1500 0.2573 0.0265  -0.0226 -0.0085 6    DA  B C4    
365 P  P     . DT  B 7  ? 0.1192 0.2391 0.4039 0.0069  0.0000  -0.0643 7    DT  B P     
366 O  OP1   . DT  B 7  ? 0.0973 0.2771 0.5066 -0.0105 0.0234  -0.0594 7    DT  B OP1   
367 O  OP2   . DT  B 7  ? 0.1798 0.2482 0.4484 0.0029  -0.0878 -0.0597 7    DT  B OP2   
368 O  "O5'" . DT  B 7  ? 0.1582 0.2055 0.3441 0.0446  -0.0037 -0.0221 7    DT  B "O5'" 
369 C  "C5'" . DT  B 7  ? 0.1733 0.1691 0.3316 0.0004  0.0135  -0.0003 7    DT  B "C5'" 
370 C  "C4'" . DT  B 7  ? 0.1766 0.1622 0.2979 0.0093  0.0562  0.0072  7    DT  B "C4'" 
371 O  "O4'" . DT  B 7  ? 0.1195 0.2166 0.2865 0.0106  0.0079  0.0339  7    DT  B "O4'" 
372 C  "C3'" . DT  B 7  ? 0.1896 0.1769 0.4019 0.0192  0.1072  0.0064  7    DT  B "C3'" 
373 O  "O3'" . DT  B 7  ? 0.1848 0.1569 0.4051 0.0032  0.1223  0.0088  7    DT  B "O3'" 
374 C  "C2'" . DT  B 7  ? 0.1384 0.1515 0.3670 0.0128  0.0295  0.0031  7    DT  B "C2'" 
375 C  "C1'" . DT  B 7  ? 0.1341 0.1790 0.3265 -0.0330 0.0034  0.0155  7    DT  B "C1'" 
376 N  N1    . DT  B 7  ? 0.1148 0.2144 0.2902 0.0019  -0.0213 0.0374  7    DT  B N1    
377 C  C2    . DT  B 7  ? 0.0925 0.1600 0.2817 0.0323  0.0052  0.0335  7    DT  B C2    
378 O  O2    . DT  B 7  ? 0.1080 0.1767 0.3195 0.0435  0.0395  -0.0098 7    DT  B O2    
379 N  N3    . DT  B 7  ? 0.0787 0.2063 0.2589 0.0285  -0.0197 0.0177  7    DT  B N3    
380 C  C4    . DT  B 7  ? 0.1232 0.1844 0.2383 0.0282  -0.0528 0.0428  7    DT  B C4    
381 O  O4    . DT  B 7  ? 0.1426 0.2067 0.2649 0.0177  -0.0148 -0.0143 7    DT  B O4    
382 C  C5    . DT  B 7  ? 0.1276 0.2041 0.2918 0.0168  -0.0406 0.0181  7    DT  B C5    
383 C  C7    . DT  B 7  ? 0.2179 0.4322 0.2066 -0.1343 -0.1095 0.0264  7    DT  B C7    
384 C  C6    . DT  B 7  ? 0.1019 0.1806 0.3292 0.0330  -0.0181 0.0124  7    DT  B C6    
385 P  P     . DT  B 8  ? 0.2274 0.1611 0.4510 0.0260  0.1149  -0.0129 8    DT  B P     
386 O  OP1   . DT  B 8  ? 0.3794 0.2303 0.4887 0.0242  0.2649  0.0169  8    DT  B OP1   
387 O  OP2   . DT  B 8  ? 0.1438 0.1940 0.6776 -0.0043 0.0997  -0.0707 8    DT  B OP2   
388 O  "O5'" . DT  B 8  ? 0.1315 0.1672 0.3180 0.0360  0.0578  -0.0280 8    DT  B "O5'" 
389 C  "C5'" . DT  B 8  ? 0.2645 0.1800 0.2029 0.0290  0.0170  0.0064  8    DT  B "C5'" 
390 C  "C4'" . DT  B 8  ? 0.1435 0.1852 0.2153 0.0279  0.0051  0.0027  8    DT  B "C4'" 
391 O  "O4'" . DT  B 8  ? 0.1451 0.1972 0.1875 0.0521  -0.0189 0.0116  8    DT  B "O4'" 
392 C  "C3'" . DT  B 8  ? 0.1703 0.1762 0.2629 0.0426  0.0331  0.0035  8    DT  B "C3'" 
393 O  "O3'" . DT  B 8  ? 0.1397 0.1547 0.2755 0.0015  0.0338  0.0255  8    DT  B "O3'" 
394 C  "C2'" . DT  B 8  ? 0.1482 0.1227 0.2739 0.0210  0.0164  0.0204  8    DT  B "C2'" 
395 C  "C1'" . DT  B 8  ? 0.1443 0.1304 0.2379 -0.0008 0.0133  0.0010  8    DT  B "C1'" 
396 N  N1    . DT  B 8  ? 0.1495 0.1162 0.2069 0.0222  -0.0154 0.0262  8    DT  B N1    
397 C  C2    . DT  B 8  ? 0.1720 0.1270 0.1884 0.0094  -0.0189 0.0295  8    DT  B C2    
398 O  O2    . DT  B 8  ? 0.1391 0.1418 0.2363 0.0131  -0.0074 0.0065  8    DT  B O2    
399 N  N3    . DT  B 8  ? 0.1161 0.1703 0.1942 0.0548  -0.0295 0.0215  8    DT  B N3    
400 C  C4    . DT  B 8  ? 0.1713 0.1462 0.1611 0.0633  -0.0314 0.0233  8    DT  B C4    
401 O  O4    . DT  B 8  ? 0.1858 0.2603 0.1695 0.1134  -0.0359 -0.0018 8    DT  B O4    
402 C  C5    . DT  B 8  ? 0.2109 0.1825 0.2233 -0.0014 -0.0048 -0.0138 8    DT  B C5    
403 C  C7    . DT  B 8  ? 0.2497 0.2326 0.2493 -0.0275 -0.0429 -0.0291 8    DT  B C7    
404 C  C6    . DT  B 8  ? 0.1458 0.1815 0.1671 -0.0014 -0.0418 0.0345  8    DT  B C6    
405 P  P     . DC  B 9  ? 0.1920 0.1542 0.3239 0.0207  -0.0179 -0.0102 9    DC  B P     
406 O  OP1   . DC  B 9  ? 0.1915 0.1249 0.2730 -0.0003 0.0130  0.0375  9    DC  B OP1   
407 O  OP2   . DC  B 9  ? 0.2213 0.1381 0.3846 0.0268  -0.0756 0.0168  9    DC  B OP2   
408 O  "O5'" . DC  B 9  ? 0.2114 0.1956 0.1970 0.0256  -0.0928 0.0278  9    DC  B "O5'" 
409 C  "C5'" . DC  B 9  ? 0.2534 0.1669 0.1350 -0.0323 -0.0727 -0.0049 9    DC  B "C5'" 
410 C  "C4'" . DC  B 9  ? 0.2482 0.1662 0.1629 0.0445  -0.0036 0.0000  9    DC  B "C4'" 
411 O  "O4'" . DC  B 9  ? 0.2756 0.2003 0.1431 0.0503  -0.0481 -0.0120 9    DC  B "O4'" 
412 C  "C3'" . DC  B 9  ? 0.1919 0.1564 0.1931 0.0052  -0.0431 0.0039  9    DC  B "C3'" 
413 O  "O3'" . DC  B 9  ? 0.2864 0.1583 0.1616 -0.0342 -0.0363 -0.0003 9    DC  B "O3'" 
414 C  "C2'" . DC  B 9  ? 0.2047 0.1815 0.2072 0.0069  -0.0627 -0.0201 9    DC  B "C2'" 
415 C  "C1'" . DC  B 9  ? 0.1837 0.1736 0.1705 -0.0071 -0.0491 0.0084  9    DC  B "C1'" 
416 N  N1    . DC  B 9  ? 0.1286 0.1988 0.1778 0.0059  -0.0597 -0.0110 9    DC  B N1    
417 C  C2    . DC  B 9  ? 0.1705 0.1696 0.2054 0.0327  -0.0283 -0.0026 9    DC  B C2    
418 O  O2    . DC  B 9  ? 0.2123 0.2665 0.2411 -0.0359 0.0312  -0.0682 9    DC  B O2    
419 N  N3    . DC  B 9  ? 0.1563 0.1775 0.1677 0.0302  -0.0448 0.0173  9    DC  B N3    
420 C  C4    . DC  B 9  ? 0.1292 0.1924 0.2039 0.0338  -0.0585 0.0211  9    DC  B C4    
421 N  N4    . DC  B 9  ? 0.1151 0.1998 0.1907 0.0124  -0.0451 0.0273  9    DC  B N4    
422 C  C5    . DC  B 9  ? 0.1663 0.1380 0.1685 0.0093  -0.0662 0.0497  9    DC  B C5    
423 C  C6    . DC  B 9  ? 0.1624 0.1979 0.1993 -0.0127 -0.0652 0.0098  9    DC  B C6    
424 P  P     . DG  B 10 ? 0.3347 0.1644 0.1303 -0.0140 -0.0412 -0.0026 10   DG  B P     
425 O  OP1   . DG  B 10 ? 0.3523 0.1560 0.2092 -0.0157 -0.0530 -0.0154 10   DG  B OP1   
426 O  OP2   . DG  B 10 ? 0.3378 0.1800 0.1092 0.0045  -0.0325 0.0035  10   DG  B OP2   
427 O  "O5'" . DG  B 10 ? 0.3356 0.1658 0.1334 -0.0437 -0.0053 0.0202  10   DG  B "O5'" 
428 C  "C5'" . DG  B 10 ? 0.2874 0.1151 0.1496 -0.0039 -0.0018 -0.0286 10   DG  B "C5'" 
429 C  "C4'" . DG  B 10 ? 0.2678 0.1532 0.1470 -0.0564 0.0131  0.0397  10   DG  B "C4'" 
430 O  "O4'" . DG  B 10 ? 0.2883 0.1732 0.1132 -0.0131 -0.0240 -0.0158 10   DG  B "O4'" 
431 C  "C3'" . DG  B 10 ? 0.2931 0.1608 0.1317 -0.0271 0.0044  0.0065  10   DG  B "C3'" 
432 O  "O3'" . DG  B 10 ? 0.3413 0.2006 0.1206 0.0154  0.0184  0.0151  10   DG  B "O3'" 
433 C  "C2'" . DG  B 10 ? 0.2691 0.2023 0.1152 -0.0171 0.0007  -0.0479 10   DG  B "C2'" 
434 C  "C1'" . DG  B 10 ? 0.2703 0.1653 0.1274 0.0155  -0.0161 0.0023  10   DG  B "C1'" 
435 N  N9    . DG  B 10 ? 0.1978 0.1595 0.1319 0.0357  -0.0396 0.0190  10   DG  B N9    
436 C  C8    . DG  B 10 ? 0.2293 0.1432 0.1804 0.0572  0.0088  0.0226  10   DG  B C8    
437 N  N7    . DG  B 10 ? 0.2326 0.1437 0.1146 0.0418  -0.0066 0.0537  10   DG  B N7    
438 C  C5    . DG  B 10 ? 0.1829 0.1766 0.0981 -0.0087 -0.0366 0.0283  10   DG  B C5    
439 C  C6    . DG  B 10 ? 0.2549 0.1113 0.0873 0.0109  -0.0259 0.0635  10   DG  B C6    
440 O  O6    . DG  B 10 ? 0.1958 0.1288 0.1418 0.0147  -0.0149 0.0567  10   DG  B O6    
441 N  N1    . DG  B 10 ? 0.2172 0.0914 0.1028 0.0093  -0.0325 0.0453  10   DG  B N1    
442 C  C2    . DG  B 10 ? 0.2069 0.0672 0.1440 0.0353  -0.0236 0.0418  10   DG  B C2    
443 N  N2    . DG  B 10 ? 0.1937 0.1182 0.1045 -0.0316 -0.0538 0.0244  10   DG  B N2    
444 N  N3    . DG  B 10 ? 0.2037 0.0768 0.1655 0.0327  -0.0100 0.0290  10   DG  B N3    
445 C  C4    . DG  B 10 ? 0.1561 0.1775 0.1610 -0.0087 -0.0289 -0.0103 10   DG  B C4    
446 P  P     . DC  B 11 ? 0.5011 0.1919 0.1507 -0.0100 0.0227  0.0364  11   DC  B P     
447 O  OP1   . DC  B 11 ? 0.9341 0.2772 0.1710 -0.1490 -0.0872 -0.0112 11   DC  B OP1   
448 O  OP2   . DC  B 11 ? 0.6031 0.3616 0.2123 0.2208  0.1799  0.0759  11   DC  B OP2   
449 O  "O5'" . DC  B 11 ? 0.3553 0.2261 0.1353 0.0395  -0.0177 0.0488  11   DC  B "O5'" 
450 C  "C5'" . DC  B 11 ? 0.3058 0.2484 0.1832 0.0092  -0.0646 -0.0062 11   DC  B "C5'" 
451 C  "C4'" . DC  B 11 ? 0.1689 0.1703 0.1707 -0.0267 -0.0436 0.0332  11   DC  B "C4'" 
452 O  "O4'" . DC  B 11 ? 0.1790 0.1496 0.2192 -0.0029 -0.0665 0.0342  11   DC  B "O4'" 
453 C  "C3'" . DC  B 11 ? 0.1687 0.1452 0.1887 0.0070  -0.0158 0.0249  11   DC  B "C3'" 
454 O  "O3'" . DC  B 11 ? 0.1662 0.0963 0.1686 0.0174  -0.0190 -0.0040 11   DC  B "O3'" 
455 C  "C2'" . DC  B 11 ? 0.1375 0.1800 0.2193 0.0099  -0.0221 0.0464  11   DC  B "C2'" 
456 C  "C1'" . DC  B 11 ? 0.1291 0.1616 0.1597 -0.0059 -0.0119 0.0054  11   DC  B "C1'" 
457 N  N1    . DC  B 11 ? 0.1548 0.1614 0.1695 -0.0103 0.0131  -0.0088 11   DC  B N1    
458 C  C2    . DC  B 11 ? 0.0770 0.1468 0.1929 0.0176  0.0147  0.0001  11   DC  B C2    
459 O  O2    . DC  B 11 ? 0.1223 0.0821 0.2091 0.0110  0.0314  -0.0004 11   DC  B O2    
460 N  N3    . DC  B 11 ? 0.1674 0.1355 0.1068 0.0027  -0.0100 0.0394  11   DC  B N3    
461 C  C4    . DC  B 11 ? 0.1090 0.1443 0.1071 -0.0138 -0.0313 0.0209  11   DC  B C4    
462 N  N4    . DC  B 11 ? 0.1369 0.1654 0.1531 -0.0353 -0.0273 0.0440  11   DC  B N4    
463 C  C5    . DC  B 11 ? 0.1913 0.1439 0.1364 -0.0208 0.0009  0.0099  11   DC  B C5    
464 C  C6    . DC  B 11 ? 0.1794 0.1005 0.1977 0.0168  0.0340  0.0106  11   DC  B C6    
465 P  P     . DG  B 12 ? 0.1449 0.1349 0.1459 -0.0069 -0.0336 0.0039  12   DG  B P     
466 O  OP1   . DG  B 12 ? 0.1956 0.1534 0.1622 -0.0491 -0.0331 0.0138  12   DG  B OP1   
467 O  OP2   . DG  B 12 ? 0.1539 0.1691 0.2094 0.0368  -0.0403 -0.0320 12   DG  B OP2   
468 O  "O5'" . DG  B 12 ? 0.1181 0.1017 0.1818 0.0032  -0.0122 -0.0026 12   DG  B "O5'" 
469 C  "C5'" . DG  B 12 ? 0.1220 0.0931 0.1734 -0.0003 0.0008  0.0137  12   DG  B "C5'" 
470 C  "C4'" . DG  B 12 ? 0.1188 0.1159 0.1256 -0.0128 0.0098  0.0181  12   DG  B "C4'" 
471 O  "O4'" . DG  B 12 ? 0.1291 0.0932 0.1284 -0.0088 -0.0072 0.0202  12   DG  B "O4'" 
472 C  "C3'" . DG  B 12 ? 0.1571 0.0942 0.1191 0.0112  -0.0154 0.0048  12   DG  B "C3'" 
473 O  "O3'" . DG  B 12 ? 0.1265 0.2405 0.1271 -0.0658 -0.0360 0.0521  12   DG  B "O3'" 
474 C  "C2'" . DG  B 12 ? 0.1524 0.1289 0.1711 -0.0185 -0.0345 -0.0163 12   DG  B "C2'" 
475 C  "C1'" . DG  B 12 ? 0.1314 0.0799 0.1681 -0.0059 0.0057  -0.0194 12   DG  B "C1'" 
476 N  N9    . DG  B 12 ? 0.1101 0.1204 0.1734 -0.0067 -0.0015 -0.0350 12   DG  B N9    
477 C  C8    . DG  B 12 ? 0.1092 0.1348 0.1269 0.0113  -0.0242 -0.0141 12   DG  B C8    
478 N  N7    . DG  B 12 ? 0.0725 0.1569 0.1726 0.0014  -0.0158 -0.0399 12   DG  B N7    
479 C  C5    . DG  B 12 ? 0.0908 0.1551 0.1337 -0.0010 -0.0307 -0.0294 12   DG  B C5    
480 C  C6    . DG  B 12 ? 0.1257 0.1371 0.1057 0.0141  -0.0256 0.0110  12   DG  B C6    
481 O  O6    . DG  B 12 ? 0.1234 0.1285 0.2073 0.0013  0.0241  -0.0372 12   DG  B O6    
482 N  N1    . DG  B 12 ? 0.1257 0.1067 0.1051 0.0274  -0.0075 0.0372  12   DG  B N1    
483 C  C2    . DG  B 12 ? 0.1099 0.1072 0.1086 0.0135  -0.0156 0.0272  12   DG  B C2    
484 N  N2    . DG  B 12 ? 0.1339 0.1137 0.1464 0.0056  0.0018  0.0082  12   DG  B N2    
485 N  N3    . DG  B 12 ? 0.1037 0.1112 0.1109 0.0078  -0.0171 0.0089  12   DG  B N3    
486 C  C4    . DG  B 12 ? 0.0733 0.1418 0.1756 -0.0133 -0.0115 -0.0310 12   DG  B C4    
495 NA NA    . NA  D .  ? 0.2018 0.1804 0.2288 0.0154  0.0432  0.0351  101  NA  B NA    
598 O  O     . HOH H .  ? 0.2568 0.2153 0.2735 0.0935  0.0882  0.0422  3001 HOH A O     
599 O  O     . HOH H .  ? 0.2702 0.2675 0.2608 0.0836  0.0633  0.0230  3002 HOH A O     
600 O  O     . HOH H .  ? 0.5000 0.6146 0.2404 0.2017  0.0732  0.2210  3005 HOH A O     
660 O  O     . HOH I .  ? 0.1784 0.3150 0.4131 -0.0003 -0.1117 -0.1126 3003 HOH B O     
661 O  O     . HOH I .  ? 0.2082 0.2977 0.2166 -0.0528 -0.0022 0.0638  3004 HOH B O     
# 
loop_
_pdbx_poly_seq_scheme.asym_id 
_pdbx_poly_seq_scheme.entity_id 
_pdbx_poly_seq_scheme.seq_id 
_pdbx_poly_seq_scheme.mon_id 
_pdbx_poly_seq_scheme.ndb_seq_num 
_pdbx_poly_seq_scheme.pdb_seq_num 
_pdbx_poly_seq_scheme.auth_seq_num 
_pdbx_poly_seq_scheme.pdb_mon_id 
_pdbx_poly_seq_scheme.auth_mon_id 
_pdbx_poly_seq_scheme.pdb_strand_id 
_pdbx_poly_seq_scheme.pdb_ins_code 
_pdbx_poly_seq_scheme.hetero 
A 1 1  DC 1  1  1  DC CYT A . n 
A 1 2  DG 2  2  2  DG GUA A . n 
A 1 3  DC 3  3  3  DC CYT A . n 
A 1 4  DG 4  4  4  DG GUA A . n 
A 1 5  DA 5  5  5  DA ADE A . n 
A 1 6  DA 6  6  6  DA ADE A . n 
A 1 7  DT 7  7  7  DT THY A . n 
A 1 8  DT 8  8  8  DT THY A . n 
A 1 9  DC 9  9  9  DC CYT A . n 
A 1 10 DG 10 10 10 DG GUA A . n 
A 1 11 DC 11 11 11 DC CYT A . n 
A 1 12 DG 12 12 12 DG GUA A . n 
B 1 1  DC 1  1  1  DC CYT B . n 
B 1 2  DG 2  2  2  DG GUA B . n 
B 1 3  DC 3  3  3  DC CYT B . n 
B 1 4  DG 4  4  4  DG GUA B . n 
B 1 5  DA 5  5  5  DA ADE B . n 
B 1 6  DA 6  6  6  DA ADE B . n 
B 1 7  DT 7  7  7  DT THY B . n 
B 1 8  DT 8  8  8  DT THY B . n 
B 1 9  DC 9  9  9  DC CYT B . n 
B 1 10 DG 10 10 10 DG GUA B . n 
B 1 11 DC 11 11 11 DC CYT B . n 
B 1 12 DG 12 12 12 DG GUA B . n 
# 
loop_
_pdbx_nonpoly_scheme.asym_id 
_pdbx_nonpoly_scheme.entity_id 
_pdbx_nonpoly_scheme.mon_id 
_pdbx_nonpoly_scheme.ndb_seq_num 
_pdbx_nonpoly_scheme.pdb_seq_num 
_pdbx_nonpoly_scheme.auth_seq_num 
_pdbx_nonpoly_scheme.pdb_mon_id 
_pdbx_nonpoly_scheme.auth_mon_id 
_pdbx_nonpoly_scheme.pdb_strand_id 
_pdbx_nonpoly_scheme.pdb_ins_code 
C 2 A71 1  301  1    A71 A79 A . 
D 3 NA  1  101  1    NA  NO5 B . 
E 2 A71 1  201  1    A71 A78 B . 
F 4 A72 1  202  1    A72 A78 B . 
G 2 A71 1  203  1    A71 A78 B . 
H 5 HOH 1  2001 2001 HOH HOH A . 
H 5 HOH 2  2002 2002 HOH HOH A . 
H 5 HOH 3  2005 2005 HOH HOH A . 
H 5 HOH 4  2010 2010 HOH HOH A . 
H 5 HOH 5  2011 2011 HOH HOH A . 
H 5 HOH 6  2012 2012 HOH HOH A . 
H 5 HOH 7  2015 2015 HOH HOH A . 
H 5 HOH 8  2017 2017 HOH HOH A . 
H 5 HOH 9  2018 2018 HOH HOH A . 
H 5 HOH 10 2019 2019 HOH HOH A . 
H 5 HOH 11 2020 2020 HOH HOH A . 
H 5 HOH 12 2024 2024 HOH HOH A . 
H 5 HOH 13 2025 2025 HOH HOH A . 
H 5 HOH 14 2026 2026 HOH HOH A . 
H 5 HOH 15 2027 2027 HOH HOH A . 
H 5 HOH 16 2030 2030 HOH HOH A . 
H 5 HOH 17 2035 2035 HOH HOH A . 
H 5 HOH 18 2036 2036 HOH HOH A . 
H 5 HOH 19 2037 2037 HOH HOH A . 
H 5 HOH 20 2038 2038 HOH HOH A . 
H 5 HOH 21 2039 2039 HOH HOH A . 
H 5 HOH 22 2040 2040 HOH HOH A . 
H 5 HOH 23 2041 2041 HOH HOH A . 
H 5 HOH 24 2042 2042 HOH HOH A . 
H 5 HOH 25 2043 2043 HOH HOH A . 
H 5 HOH 26 2045 2045 HOH HOH A . 
H 5 HOH 27 2047 2047 HOH HOH A . 
H 5 HOH 28 2049 2049 HOH HOH A . 
H 5 HOH 29 2052 2052 HOH HOH A . 
H 5 HOH 30 2054 2054 HOH HOH A . 
H 5 HOH 31 2056 2056 HOH HOH A . 
H 5 HOH 32 2058 2058 HOH HOH A . 
H 5 HOH 33 2060 2060 HOH HOH A . 
H 5 HOH 34 2062 2062 HOH HOH A . 
H 5 HOH 35 2065 2065 HOH HOH A . 
H 5 HOH 36 2067 2067 HOH HOH A . 
H 5 HOH 37 2068 2068 HOH HOH A . 
H 5 HOH 38 2070 2070 HOH HOH A . 
H 5 HOH 39 2071 2071 HOH HOH A . 
H 5 HOH 40 2076 2076 HOH HOH A . 
H 5 HOH 41 2077 2077 HOH HOH A . 
H 5 HOH 42 2080 2080 HOH HOH A . 
H 5 HOH 43 2081 2081 HOH HOH A . 
H 5 HOH 44 2082 2082 HOH HOH A . 
H 5 HOH 45 2083 2083 HOH HOH A . 
H 5 HOH 46 2085 2085 HOH HOH A . 
H 5 HOH 47 2087 2087 HOH HOH A . 
H 5 HOH 48 2090 2090 HOH HOH A . 
H 5 HOH 49 2091 2091 HOH HOH A . 
H 5 HOH 50 2092 2092 HOH HOH A . 
H 5 HOH 51 2095 2095 HOH HOH A . 
H 5 HOH 52 2096 2096 HOH HOH A . 
H 5 HOH 53 2097 2097 HOH HOH A . 
H 5 HOH 54 2099 2099 HOH HOH A . 
H 5 HOH 55 2102 2102 HOH HOH A . 
H 5 HOH 56 2106 2106 HOH HOH A . 
H 5 HOH 57 2107 2107 HOH HOH A . 
H 5 HOH 58 2108 2108 HOH HOH A . 
H 5 HOH 59 2112 2112 HOH HOH A . 
H 5 HOH 60 2117 2117 HOH HOH A . 
H 5 HOH 61 2118 2118 HOH HOH A . 
H 5 HOH 62 3001 1    HOH NO5 A . 
H 5 HOH 63 3002 1    HOH NO5 A . 
H 5 HOH 64 3005 1    HOH NO5 A . 
I 5 HOH 1  2003 2003 HOH HOH B . 
I 5 HOH 2  2004 2004 HOH HOH B . 
I 5 HOH 3  2006 2006 HOH HOH B . 
I 5 HOH 4  2007 2007 HOH HOH B . 
I 5 HOH 5  2008 2008 HOH HOH B . 
I 5 HOH 6  2009 2009 HOH HOH B . 
I 5 HOH 7  2013 2013 HOH HOH B . 
I 5 HOH 8  2014 2014 HOH HOH B . 
I 5 HOH 9  2016 2016 HOH HOH B . 
I 5 HOH 10 2021 2021 HOH HOH B . 
I 5 HOH 11 2022 2022 HOH HOH B . 
I 5 HOH 12 2023 2023 HOH HOH B . 
I 5 HOH 13 2028 2028 HOH HOH B . 
I 5 HOH 14 2029 2029 HOH HOH B . 
I 5 HOH 15 2031 2031 HOH HOH B . 
I 5 HOH 16 2032 2032 HOH HOH B . 
I 5 HOH 17 2033 2033 HOH HOH B . 
I 5 HOH 18 2034 2034 HOH HOH B . 
I 5 HOH 19 2044 2044 HOH HOH B . 
I 5 HOH 20 2046 2046 HOH HOH B . 
I 5 HOH 21 2048 2048 HOH HOH B . 
I 5 HOH 22 2050 2050 HOH HOH B . 
I 5 HOH 23 2051 2051 HOH HOH B . 
I 5 HOH 24 2053 2053 HOH HOH B . 
I 5 HOH 25 2055 2055 HOH HOH B . 
I 5 HOH 26 2057 2057 HOH HOH B . 
I 5 HOH 27 2059 2059 HOH HOH B . 
I 5 HOH 28 2061 2061 HOH HOH B . 
I 5 HOH 29 2063 2063 HOH HOH B . 
I 5 HOH 30 2064 2064 HOH HOH B . 
I 5 HOH 31 2066 2066 HOH HOH B . 
I 5 HOH 32 2069 2069 HOH HOH B . 
I 5 HOH 33 2072 2072 HOH HOH B . 
I 5 HOH 34 2073 2073 HOH HOH B . 
I 5 HOH 35 2074 2074 HOH HOH B . 
I 5 HOH 36 2075 2075 HOH HOH B . 
I 5 HOH 37 2078 2078 HOH HOH B . 
I 5 HOH 38 2079 2079 HOH HOH B . 
I 5 HOH 39 2084 2084 HOH HOH B . 
I 5 HOH 40 2086 2086 HOH HOH B . 
I 5 HOH 41 2088 2088 HOH HOH B . 
I 5 HOH 42 2089 2089 HOH HOH B . 
I 5 HOH 43 2093 2093 HOH HOH B . 
I 5 HOH 44 2094 2094 HOH HOH B . 
I 5 HOH 45 2098 2098 HOH HOH B . 
I 5 HOH 46 2100 2100 HOH HOH B . 
I 5 HOH 47 2101 2101 HOH HOH B . 
I 5 HOH 48 2103 2103 HOH HOH B . 
I 5 HOH 49 2104 2104 HOH HOH B . 
I 5 HOH 50 2105 2105 HOH HOH B . 
I 5 HOH 51 2109 2109 HOH HOH B . 
I 5 HOH 52 2110 2110 HOH HOH B . 
I 5 HOH 53 2111 2111 HOH HOH B . 
I 5 HOH 54 2113 2113 HOH HOH B . 
I 5 HOH 55 2114 2114 HOH HOH B . 
I 5 HOH 56 2115 2115 HOH HOH B . 
I 5 HOH 57 2116 2116 HOH HOH B . 
I 5 HOH 58 2119 2119 HOH HOH B . 
I 5 HOH 59 2120 2120 HOH HOH B . 
I 5 HOH 60 3003 1    HOH NO5 B . 
I 5 HOH 61 3004 1    HOH NO5 B . 
# 
_struct_site_keywords.site_id   1 
_struct_site_keywords.text      'OUTSIDE BINDER' 
# 
_pdbx_struct_assembly.id                   1 
_pdbx_struct_assembly.details              author_defined_assembly 
_pdbx_struct_assembly.method_details       ? 
_pdbx_struct_assembly.oligomeric_details   dimeric 
_pdbx_struct_assembly.oligomeric_count     2 
# 
_pdbx_struct_assembly_gen.assembly_id       1 
_pdbx_struct_assembly_gen.oper_expression   1 
_pdbx_struct_assembly_gen.asym_id_list      A,B,C,D,E,F,G,H,I 
# 
_pdbx_struct_oper_list.id                   1 
_pdbx_struct_oper_list.type                 'identity operation' 
_pdbx_struct_oper_list.name                 1_555 
_pdbx_struct_oper_list.symmetry_operation   x,y,z 
_pdbx_struct_oper_list.matrix[1][1]         1.0000000000 
_pdbx_struct_oper_list.matrix[1][2]         0.0000000000 
_pdbx_struct_oper_list.matrix[1][3]         0.0000000000 
_pdbx_struct_oper_list.vector[1]            0.0000000000 
_pdbx_struct_oper_list.matrix[2][1]         0.0000000000 
_pdbx_struct_oper_list.matrix[2][2]         1.0000000000 
_pdbx_struct_oper_list.matrix[2][3]         0.0000000000 
_pdbx_struct_oper_list.vector[2]            0.0000000000 
_pdbx_struct_oper_list.matrix[3][1]         0.0000000000 
_pdbx_struct_oper_list.matrix[3][2]         0.0000000000 
_pdbx_struct_oper_list.matrix[3][3]         1.0000000000 
_pdbx_struct_oper_list.vector[3]            0.0000000000 
# 
loop_
_pdbx_struct_conn_angle.id 
_pdbx_struct_conn_angle.ptnr1_label_atom_id 
_pdbx_struct_conn_angle.ptnr1_label_alt_id 
_pdbx_struct_conn_angle.ptnr1_label_asym_id 
_pdbx_struct_conn_angle.ptnr1_label_comp_id 
_pdbx_struct_conn_angle.ptnr1_label_seq_id 
_pdbx_struct_conn_angle.ptnr1_auth_atom_id 
_pdbx_struct_conn_angle.ptnr1_auth_asym_id 
_pdbx_struct_conn_angle.ptnr1_auth_comp_id 
_pdbx_struct_conn_angle.ptnr1_auth_seq_id 
_pdbx_struct_conn_angle.ptnr1_PDB_ins_code 
_pdbx_struct_conn_angle.ptnr1_symmetry 
_pdbx_struct_conn_angle.ptnr2_label_atom_id 
_pdbx_struct_conn_angle.ptnr2_label_alt_id 
_pdbx_struct_conn_angle.ptnr2_label_asym_id 
_pdbx_struct_conn_angle.ptnr2_label_comp_id 
_pdbx_struct_conn_angle.ptnr2_label_seq_id 
_pdbx_struct_conn_angle.ptnr2_auth_atom_id 
_pdbx_struct_conn_angle.ptnr2_auth_asym_id 
_pdbx_struct_conn_angle.ptnr2_auth_comp_id 
_pdbx_struct_conn_angle.ptnr2_auth_seq_id 
_pdbx_struct_conn_angle.ptnr2_PDB_ins_code 
_pdbx_struct_conn_angle.ptnr2_symmetry 
_pdbx_struct_conn_angle.ptnr3_label_atom_id 
_pdbx_struct_conn_angle.ptnr3_label_alt_id 
_pdbx_struct_conn_angle.ptnr3_label_asym_id 
_pdbx_struct_conn_angle.ptnr3_label_comp_id 
_pdbx_struct_conn_angle.ptnr3_label_seq_id 
_pdbx_struct_conn_angle.ptnr3_auth_atom_id 
_pdbx_struct_conn_angle.ptnr3_auth_asym_id 
_pdbx_struct_conn_angle.ptnr3_auth_comp_id 
_pdbx_struct_conn_angle.ptnr3_auth_seq_id 
_pdbx_struct_conn_angle.ptnr3_PDB_ins_code 
_pdbx_struct_conn_angle.ptnr3_symmetry 
_pdbx_struct_conn_angle.value 
_pdbx_struct_conn_angle.value_esd 
1  O  ? H HOH .  ? A HOH 3001 ? 1_555 NA ? D NA . ? B NA 101 ? 1_555 O  ? H HOH .  ? A HOH 3002 ? 1_555 78.1  ? 
2  O  ? H HOH .  ? A HOH 3001 ? 1_555 NA ? D NA . ? B NA 101 ? 1_555 O  ? H HOH .  ? A HOH 3005 ? 1_555 90.7  ? 
3  O  ? H HOH .  ? A HOH 3002 ? 1_555 NA ? D NA . ? B NA 101 ? 1_555 O  ? H HOH .  ? A HOH 3005 ? 1_555 79.8  ? 
4  O  ? H HOH .  ? A HOH 3001 ? 1_555 NA ? D NA . ? B NA 101 ? 1_555 O6 ? B DG  10 ? B DG  10   ? 1_555 92.8  ? 
5  O  ? H HOH .  ? A HOH 3002 ? 1_555 NA ? D NA . ? B NA 101 ? 1_555 O6 ? B DG  10 ? B DG  10   ? 1_555 98.3  ? 
6  O  ? H HOH .  ? A HOH 3005 ? 1_555 NA ? D NA . ? B NA 101 ? 1_555 O6 ? B DG  10 ? B DG  10   ? 1_555 175.6 ? 
7  O  ? H HOH .  ? A HOH 3001 ? 1_555 NA ? D NA . ? B NA 101 ? 1_555 O  ? I HOH .  ? B HOH 3003 ? 1_555 170.6 ? 
8  O  ? H HOH .  ? A HOH 3002 ? 1_555 NA ? D NA . ? B NA 101 ? 1_555 O  ? I HOH .  ? B HOH 3003 ? 1_555 92.9  ? 
9  O  ? H HOH .  ? A HOH 3005 ? 1_555 NA ? D NA . ? B NA 101 ? 1_555 O  ? I HOH .  ? B HOH 3003 ? 1_555 90.6  ? 
10 O6 ? B DG  10 ? B DG  10   ? 1_555 NA ? D NA . ? B NA 101 ? 1_555 O  ? I HOH .  ? B HOH 3003 ? 1_555 85.5  ? 
11 O  ? H HOH .  ? A HOH 3001 ? 1_555 NA ? D NA . ? B NA 101 ? 1_555 O  ? I HOH .  ? B HOH 3004 ? 1_555 93.2  ? 
12 O  ? H HOH .  ? A HOH 3002 ? 1_555 NA ? D NA . ? B NA 101 ? 1_555 O  ? I HOH .  ? B HOH 3004 ? 1_555 166.9 ? 
13 O  ? H HOH .  ? A HOH 3005 ? 1_555 NA ? D NA . ? B NA 101 ? 1_555 O  ? I HOH .  ? B HOH 3004 ? 1_555 90.6  ? 
14 O6 ? B DG  10 ? B DG  10   ? 1_555 NA ? D NA . ? B NA 101 ? 1_555 O  ? I HOH .  ? B HOH 3004 ? 1_555 91.9  ? 
15 O  ? I HOH .  ? B HOH 3003 ? 1_555 NA ? D NA . ? B NA 101 ? 1_555 O  ? I HOH .  ? B HOH 3004 ? 1_555 96.1  ? 
# 
loop_
_pdbx_audit_revision_history.ordinal 
_pdbx_audit_revision_history.data_content_type 
_pdbx_audit_revision_history.major_revision 
_pdbx_audit_revision_history.minor_revision 
_pdbx_audit_revision_history.revision_date 
1 'Structure model' 1 0 2007-01-02 
2 'Structure model' 1 1 2008-04-30 
3 'Structure model' 1 2 2011-07-13 
4 'Structure model' 1 3 2023-10-25 
# 
_pdbx_audit_revision_details.ordinal             1 
_pdbx_audit_revision_details.revision_ordinal    1 
_pdbx_audit_revision_details.data_content_type   'Structure model' 
_pdbx_audit_revision_details.provider            repository 
_pdbx_audit_revision_details.type                'Initial release' 
_pdbx_audit_revision_details.description         ? 
_pdbx_audit_revision_details.details             ? 
# 
loop_
_pdbx_audit_revision_group.ordinal 
_pdbx_audit_revision_group.revision_ordinal 
_pdbx_audit_revision_group.data_content_type 
_pdbx_audit_revision_group.group 
1 2 'Structure model' 'Version format compliance' 
2 3 'Structure model' 'Version format compliance' 
3 4 'Structure model' 'Data collection'           
4 4 'Structure model' 'Database references'       
5 4 'Structure model' 'Derived calculations'      
6 4 'Structure model' 'Refinement description'    
# 
loop_
_pdbx_audit_revision_category.ordinal 
_pdbx_audit_revision_category.revision_ordinal 
_pdbx_audit_revision_category.data_content_type 
_pdbx_audit_revision_category.category 
1 4 'Structure model' chem_comp_atom                
2 4 'Structure model' chem_comp_bond                
3 4 'Structure model' database_2                    
4 4 'Structure model' pdbx_initial_refinement_model 
5 4 'Structure model' pdbx_struct_conn_angle        
6 4 'Structure model' struct_conn                   
7 4 'Structure model' struct_site                   
# 
loop_
_pdbx_audit_revision_item.ordinal 
_pdbx_audit_revision_item.revision_ordinal 
_pdbx_audit_revision_item.data_content_type 
_pdbx_audit_revision_item.item 
1  4 'Structure model' '_database_2.pdbx_DOI'                        
2  4 'Structure model' '_database_2.pdbx_database_accession'         
3  4 'Structure model' '_pdbx_struct_conn_angle.ptnr1_auth_asym_id'  
4  4 'Structure model' '_pdbx_struct_conn_angle.ptnr1_auth_comp_id'  
5  4 'Structure model' '_pdbx_struct_conn_angle.ptnr1_auth_seq_id'   
6  4 'Structure model' '_pdbx_struct_conn_angle.ptnr1_label_asym_id' 
7  4 'Structure model' '_pdbx_struct_conn_angle.ptnr1_label_atom_id' 
8  4 'Structure model' '_pdbx_struct_conn_angle.ptnr1_label_comp_id' 
9  4 'Structure model' '_pdbx_struct_conn_angle.ptnr1_label_seq_id'  
10 4 'Structure model' '_pdbx_struct_conn_angle.ptnr3_auth_asym_id'  
11 4 'Structure model' '_pdbx_struct_conn_angle.ptnr3_auth_comp_id'  
12 4 'Structure model' '_pdbx_struct_conn_angle.ptnr3_auth_seq_id'   
13 4 'Structure model' '_pdbx_struct_conn_angle.ptnr3_label_asym_id' 
14 4 'Structure model' '_pdbx_struct_conn_angle.ptnr3_label_atom_id' 
15 4 'Structure model' '_pdbx_struct_conn_angle.ptnr3_label_comp_id' 
16 4 'Structure model' '_pdbx_struct_conn_angle.ptnr3_label_seq_id'  
17 4 'Structure model' '_pdbx_struct_conn_angle.value'               
18 4 'Structure model' '_struct_conn.pdbx_dist_value'                
19 4 'Structure model' '_struct_conn.pdbx_leaving_atom_flag'         
20 4 'Structure model' '_struct_conn.ptnr1_auth_asym_id'             
21 4 'Structure model' '_struct_conn.ptnr1_auth_comp_id'             
22 4 'Structure model' '_struct_conn.ptnr1_auth_seq_id'              
23 4 'Structure model' '_struct_conn.ptnr1_label_asym_id'            
24 4 'Structure model' '_struct_conn.ptnr1_label_atom_id'            
25 4 'Structure model' '_struct_conn.ptnr1_label_comp_id'            
26 4 'Structure model' '_struct_conn.ptnr1_label_seq_id'             
27 4 'Structure model' '_struct_conn.ptnr2_auth_asym_id'             
28 4 'Structure model' '_struct_conn.ptnr2_auth_comp_id'             
29 4 'Structure model' '_struct_conn.ptnr2_auth_seq_id'              
30 4 'Structure model' '_struct_conn.ptnr2_label_asym_id'            
31 4 'Structure model' '_struct_conn.ptnr2_label_atom_id'            
32 4 'Structure model' '_struct_conn.ptnr2_label_comp_id'            
33 4 'Structure model' '_struct_conn.ptnr2_label_seq_id'             
34 4 'Structure model' '_struct_site.pdbx_auth_asym_id'              
35 4 'Structure model' '_struct_site.pdbx_auth_comp_id'              
36 4 'Structure model' '_struct_site.pdbx_auth_seq_id'               
# 
loop_
_software.name 
_software.classification 
_software.version 
_software.citation_id 
_software.pdbx_ordinal 
SHELX     'model building'  . ? 1 
SHELXL-97 refinement        . ? 2 
CBASS     'data collection' . ? 3 
HKL-2000  'data reduction'  . ? 4 
HKL-2000  'data scaling'    . ? 5 
CNS       phasing           . ? 6 
# 
_pdbx_validate_rmsd_bond.id                        1 
_pdbx_validate_rmsd_bond.PDB_model_num             1 
_pdbx_validate_rmsd_bond.auth_atom_id_1            "C2'" 
_pdbx_validate_rmsd_bond.auth_asym_id_1            A 
_pdbx_validate_rmsd_bond.auth_comp_id_1            DG 
_pdbx_validate_rmsd_bond.auth_seq_id_1             2 
_pdbx_validate_rmsd_bond.PDB_ins_code_1            ? 
_pdbx_validate_rmsd_bond.label_alt_id_1            ? 
_pdbx_validate_rmsd_bond.auth_atom_id_2            "C1'" 
_pdbx_validate_rmsd_bond.auth_asym_id_2            A 
_pdbx_validate_rmsd_bond.auth_comp_id_2            DG 
_pdbx_validate_rmsd_bond.auth_seq_id_2             2 
_pdbx_validate_rmsd_bond.PDB_ins_code_2            ? 
_pdbx_validate_rmsd_bond.label_alt_id_2            ? 
_pdbx_validate_rmsd_bond.bond_value                1.454 
_pdbx_validate_rmsd_bond.bond_target_value         1.518 
_pdbx_validate_rmsd_bond.bond_deviation            -0.064 
_pdbx_validate_rmsd_bond.bond_standard_deviation   0.010 
_pdbx_validate_rmsd_bond.linker_flag               N 
# 
loop_
_pdbx_validate_rmsd_angle.id 
_pdbx_validate_rmsd_angle.PDB_model_num 
_pdbx_validate_rmsd_angle.auth_atom_id_1 
_pdbx_validate_rmsd_angle.auth_asym_id_1 
_pdbx_validate_rmsd_angle.auth_comp_id_1 
_pdbx_validate_rmsd_angle.auth_seq_id_1 
_pdbx_validate_rmsd_angle.PDB_ins_code_1 
_pdbx_validate_rmsd_angle.label_alt_id_1 
_pdbx_validate_rmsd_angle.auth_atom_id_2 
_pdbx_validate_rmsd_angle.auth_asym_id_2 
_pdbx_validate_rmsd_angle.auth_comp_id_2 
_pdbx_validate_rmsd_angle.auth_seq_id_2 
_pdbx_validate_rmsd_angle.PDB_ins_code_2 
_pdbx_validate_rmsd_angle.label_alt_id_2 
_pdbx_validate_rmsd_angle.auth_atom_id_3 
_pdbx_validate_rmsd_angle.auth_asym_id_3 
_pdbx_validate_rmsd_angle.auth_comp_id_3 
_pdbx_validate_rmsd_angle.auth_seq_id_3 
_pdbx_validate_rmsd_angle.PDB_ins_code_3 
_pdbx_validate_rmsd_angle.label_alt_id_3 
_pdbx_validate_rmsd_angle.angle_value 
_pdbx_validate_rmsd_angle.angle_target_value 
_pdbx_validate_rmsd_angle.angle_deviation 
_pdbx_validate_rmsd_angle.angle_standard_deviation 
_pdbx_validate_rmsd_angle.linker_flag 
1   1 "O4'" A DC 1  ? ? "C1'" A DC 1  ? ? N1    A DC 1  ? ? 116.41 108.30 8.11   0.30 N 
2   1 N3    A DC 1  ? ? C4    A DC 1  ? ? C5    A DC 1  ? ? 125.15 121.90 3.25   0.40 N 
3   1 "O4'" A DG 2  ? ? "C4'" A DG 2  ? ? "C3'" A DG 2  ? ? 101.43 104.50 -3.07  0.40 N 
4   1 "C1'" A DG 2  ? ? "O4'" A DG 2  ? ? "C4'" A DG 2  ? ? 101.26 110.10 -8.84  1.00 N 
5   1 "C3'" A DG 2  ? ? "C2'" A DG 2  ? ? "C1'" A DG 2  ? ? 87.62  102.40 -14.78 0.80 N 
6   1 "O4'" A DG 2  ? ? "C1'" A DG 2  ? ? "C2'" A DG 2  ? ? 120.67 106.80 13.87  0.50 N 
7   1 N9    A DG 2  ? ? "C1'" A DG 2  ? ? "C2'" A DG 2  ? ? 129.72 114.30 15.42  1.40 N 
8   1 N3    A DG 2  ? ? C4    A DG 2  ? ? C5    A DG 2  ? ? 125.59 128.60 -3.01  0.50 N 
9   1 N3    A DG 2  ? ? C4    A DG 2  ? ? N9    A DG 2  ? ? 130.32 126.00 4.32   0.60 N 
10  1 C6    A DG 2  ? ? C5    A DG 2  ? ? N7    A DG 2  ? ? 126.20 130.40 -4.20  0.60 N 
11  1 "O5'" A DC 3  ? ? "C5'" A DC 3  ? ? "C4'" A DC 3  ? ? 100.44 109.40 -8.96  0.80 N 
12  1 "O4'" A DC 3  ? ? "C4'" A DC 3  ? ? "C3'" A DC 3  ? ? 100.66 104.50 -3.84  0.40 N 
13  1 "C4'" A DC 3  ? ? "C3'" A DC 3  ? ? "C2'" A DC 3  ? ? 112.63 103.10 9.53   0.90 N 
14  1 "O4'" A DC 3  ? ? "C1'" A DC 3  ? ? "C2'" A DC 3  ? ? 112.10 106.80 5.30   0.50 N 
15  1 N1    A DC 3  ? ? "C1'" A DC 3  ? ? "C2'" A DC 3  ? ? 125.17 114.30 10.87  1.40 N 
16  1 "C3'" A DC 3  ? ? "O3'" A DC 3  ? ? P     A DG 4  ? ? 128.19 119.70 8.49   1.20 Y 
17  1 "O4'" A DG 4  ? ? "C4'" A DG 4  ? ? "C3'" A DG 4  ? ? 101.94 104.50 -2.56  0.40 N 
18  1 "C4'" A DG 4  ? ? "C3'" A DG 4  ? ? "C2'" A DG 4  ? ? 109.66 103.10 6.56   0.90 N 
19  1 "O5'" A DA 5  ? ? "C5'" A DA 5  ? ? "C4'" A DA 5  ? ? 102.23 109.40 -7.17  0.80 N 
20  1 P     A DA 5  ? ? "O5'" A DA 5  ? ? "C5'" A DA 5  ? ? 111.03 120.90 -9.87  1.60 N 
21  1 "O4'" A DA 5  ? ? "C4'" A DA 5  ? ? "C3'" A DA 5  ? ? 86.20  104.50 -18.30 0.40 N 
22  1 "C5'" A DA 5  ? ? "C4'" A DA 5  ? ? "C3'" A DA 5  ? ? 137.73 115.70 22.03  1.20 N 
23  1 "C1'" A DA 5  ? ? "O4'" A DA 5  ? ? "C4'" A DA 5  ? ? 122.85 110.30 12.55  0.70 N 
24  1 "C4'" A DA 5  ? ? "C3'" A DA 5  ? ? "C2'" A DA 5  ? ? 118.88 103.10 15.78  0.90 N 
25  1 "C3'" A DA 5  ? ? "C2'" A DA 5  ? ? "C1'" A DA 5  ? ? 89.73  102.40 -12.67 0.80 N 
26  1 "O3'" A DA 5  ? ? P     A DA 6  ? ? OP2   A DA 6  ? ? 124.15 110.50 13.65  1.10 Y 
27  1 "O3'" A DA 5  ? ? P     A DA 6  ? ? OP1   A DA 6  ? ? 92.00  105.20 -13.20 2.20 Y 
28  1 "O5'" A DA 6  ? ? P     A DA 6  ? ? OP1   A DA 6  ? ? 94.25  105.70 -11.45 0.90 N 
29  1 "O4'" A DA 6  ? ? "C4'" A DA 6  ? ? "C3'" A DA 6  ? ? 98.90  104.50 -5.60  0.40 N 
30  1 "C1'" A DA 6  ? ? "O4'" A DA 6  ? ? "C4'" A DA 6  ? ? 114.55 110.30 4.25   0.70 N 
31  1 "C4'" A DA 6  ? ? "C3'" A DA 6  ? ? "C2'" A DA 6  ? ? 111.46 103.10 8.36   0.90 N 
32  1 "O4'" A DA 6  ? ? "C1'" A DA 6  ? ? N9    A DA 6  ? ? 102.85 108.00 -5.15  0.70 N 
33  1 C6    A DA 6  ? ? N1    A DA 6  ? ? C2    A DA 6  ? ? 122.43 118.60 3.83   0.60 N 
34  1 "O4'" A DT 7  ? ? "C4'" A DT 7  ? ? "C3'" A DT 7  ? ? 101.68 104.50 -2.82  0.40 N 
35  1 "O4'" A DT 7  ? ? "C1'" A DT 7  ? ? "C2'" A DT 7  ? ? 100.02 105.90 -5.88  0.80 N 
36  1 "O4'" A DT 7  ? ? "C1'" A DT 7  ? ? N1    A DT 7  ? ? 103.54 108.00 -4.46  0.70 N 
37  1 N3    A DT 7  ? ? C2    A DT 7  ? ? O2    A DT 7  ? ? 117.43 122.30 -4.87  0.60 N 
38  1 N1    A DT 8  ? ? "C1'" A DT 8  ? ? "C2'" A DT 8  ? ? 124.49 114.30 10.19  1.40 N 
39  1 "O4'" A DT 8  ? ? "C1'" A DT 8  ? ? N1    A DT 8  ? ? 102.54 108.00 -5.46  0.70 N 
40  1 N3    A DT 8  ? ? C2    A DT 8  ? ? O2    A DT 8  ? ? 117.97 122.30 -4.33  0.60 N 
41  1 "C3'" A DT 8  ? ? "O3'" A DT 8  ? ? P     A DC 9  ? ? 127.86 119.70 8.16   1.20 Y 
42  1 "O3'" A DT 8  ? ? P     A DC 9  ? ? OP2   A DC 9  ? ? 117.26 110.50 6.76   1.10 Y 
43  1 OP1   A DC 9  ? ? P     A DC 9  ? ? OP2   A DC 9  ? ? 110.45 119.60 -9.15  1.50 N 
44  1 "O5'" A DC 9  ? ? P     A DC 9  ? ? OP2   A DC 9  ? ? 98.96  105.70 -6.74  0.90 N 
45  1 "O4'" A DC 9  ? ? "C4'" A DC 9  ? ? "C3'" A DC 9  ? ? 94.76  104.50 -9.74  0.40 N 
46  1 "C5'" A DC 9  ? ? "C4'" A DC 9  ? ? "C3'" A DC 9  ? ? 102.72 114.10 -11.38 1.80 N 
47  1 "C1'" A DC 9  ? ? "O4'" A DC 9  ? ? "C4'" A DC 9  ? ? 115.34 110.30 5.04   0.70 N 
48  1 "C4'" A DC 9  ? ? "C3'" A DC 9  ? ? "C2'" A DC 9  ? ? 120.32 103.10 17.22  0.90 N 
49  1 "C3'" A DC 9  ? ? "C2'" A DC 9  ? ? "C1'" A DC 9  ? ? 94.40  102.40 -8.00  0.80 N 
50  1 "O4'" A DC 9  ? ? "C1'" A DC 9  ? ? "C2'" A DC 9  ? ? 110.78 106.80 3.98   0.50 N 
51  1 N1    A DC 9  ? ? "C1'" A DC 9  ? ? "C2'" A DC 9  ? ? 130.28 114.30 15.98  1.40 N 
52  1 "O4'" A DC 9  ? ? "C1'" A DC 9  ? ? N1    A DC 9  ? ? 98.85  108.00 -9.15  0.70 N 
53  1 "C3'" A DC 9  ? ? "O3'" A DC 9  ? ? P     A DG 10 ? ? 128.20 119.70 8.50   1.20 Y 
54  1 "C3'" A DG 10 ? ? "C2'" A DG 10 ? ? "C1'" A DG 10 ? ? 95.67  102.40 -6.73  0.80 N 
55  1 "O4'" A DG 10 ? ? "C1'" A DG 10 ? ? N9    A DG 10 ? ? 103.74 108.00 -4.26  0.70 N 
56  1 "O4'" A DC 11 ? ? "C1'" A DC 11 ? ? N1    A DC 11 ? ? 102.84 108.00 -5.16  0.70 N 
57  1 "O4'" A DG 12 ? ? "C4'" A DG 12 ? ? "C3'" A DG 12 ? ? 101.33 104.50 -3.17  0.40 N 
58  1 "O4'" A DG 12 ? ? "C1'" A DG 12 ? ? N9    A DG 12 ? ? 103.64 108.00 -4.36  0.70 N 
59  1 "C5'" B DC 1  ? ? "C4'" B DC 1  ? ? "O4'" B DC 1  ? ? 95.44  109.30 -13.86 1.90 N 
60  1 N1    B DC 1  ? ? "C1'" B DC 1  ? ? "C2'" B DC 1  ? ? 129.47 114.30 15.17  1.40 N 
61  1 "O4'" B DG 2  ? ? "C1'" B DG 2  ? ? N9    B DG 2  ? ? 102.01 108.00 -5.99  0.70 N 
62  1 "O4'" B DC 3  ? ? "C1'" B DC 3  ? ? "C2'" B DC 3  ? ? 112.30 106.80 5.50   0.50 N 
63  1 N1    B DC 3  ? ? "C1'" B DC 3  ? ? "C2'" B DC 3  ? ? 125.67 114.30 11.37  1.40 N 
64  1 C6    B DC 3  ? ? N1    B DC 3  ? ? C2    B DC 3  ? ? 123.05 120.30 2.75   0.40 N 
65  1 N1    B DC 3  ? ? C2    B DC 3  ? ? O2    B DC 3  ? ? 122.55 118.90 3.65   0.60 N 
66  1 "C3'" B DG 4  ? ? "C2'" B DG 4  ? ? "C1'" B DG 4  ? ? 96.12  102.40 -6.28  0.80 N 
67  1 "O4'" B DG 4  ? ? "C1'" B DG 4  ? ? "C2'" B DG 4  ? ? 112.37 106.80 5.57   0.50 N 
68  1 "O4'" B DG 4  ? ? "C1'" B DG 4  ? ? N9    B DG 4  ? ? 114.14 108.30 5.84   0.30 N 
69  1 N1    B DG 4  ? ? C2    B DG 4  ? ? N3    B DG 4  ? ? 120.21 123.90 -3.69  0.60 N 
70  1 "O4'" B DA 5  ? ? "C4'" B DA 5  ? ? "C3'" B DA 5  ? ? 99.41  104.50 -5.09  0.40 N 
71  1 "C1'" B DA 5  ? ? "O4'" B DA 5  ? ? "C4'" B DA 5  ? ? 116.53 110.30 6.23   0.70 N 
72  1 "C4'" B DA 5  ? ? "C3'" B DA 5  ? ? "C2'" B DA 5  ? ? 109.98 103.10 6.88   0.90 N 
73  1 N9    B DA 6  ? ? "C1'" B DA 6  ? ? "C2'" B DA 6  ? ? 123.48 114.30 9.18   1.40 N 
74  1 "O4'" B DA 6  ? ? "C1'" B DA 6  ? ? N9    B DA 6  ? ? 103.18 108.00 -4.82  0.70 N 
75  1 "C3'" B DA 6  ? ? "O3'" B DA 6  ? ? P     B DT 7  ? ? 129.01 119.70 9.31   1.20 Y 
76  1 "O5'" B DT 7  ? ? "C5'" B DT 7  ? ? "C4'" B DT 7  ? ? 100.71 109.40 -8.69  0.80 N 
77  1 "O4'" B DT 7  ? ? "C4'" B DT 7  ? ? "C3'" B DT 7  ? ? 111.64 106.00 5.64   0.60 N 
78  1 "C5'" B DT 7  ? ? "C4'" B DT 7  ? ? "O4'" B DT 7  ? ? 118.27 109.80 8.47   1.10 N 
79  1 "C1'" B DT 7  ? ? "O4'" B DT 7  ? ? "C4'" B DT 7  ? ? 103.83 110.10 -6.27  1.00 N 
80  1 N1    B DT 7  ? ? "C1'" B DT 7  ? ? "C2'" B DT 7  ? ? 125.51 114.30 11.21  1.40 N 
81  1 "O4'" B DT 7  ? ? "C1'" B DT 7  ? ? N1    B DT 7  ? ? 100.40 108.00 -7.60  0.70 N 
82  1 "C3'" B DT 7  ? ? "O3'" B DT 7  ? ? P     B DT 8  ? ? 111.52 119.70 -8.18  1.20 Y 
83  1 "O5'" B DT 8  ? ? "C5'" B DT 8  ? ? "C4'" B DT 8  ? ? 100.40 109.40 -9.00  0.80 N 
84  1 N1    B DT 8  ? ? "C1'" B DT 8  ? ? "C2'" B DT 8  ? ? 123.54 114.30 9.24   1.40 N 
85  1 "O4'" B DT 8  ? ? "C1'" B DT 8  ? ? N1    B DT 8  ? ? 102.79 108.00 -5.21  0.70 N 
86  1 N3    B DT 8  ? ? C4    B DT 8  ? ? O4    B DT 8  ? ? 115.45 119.90 -4.45  0.60 N 
87  1 C5    B DT 8  ? ? C4    B DT 8  ? ? O4    B DT 8  ? ? 129.24 124.90 4.34   0.70 N 
88  1 "C4'" B DC 9  ? ? "C3'" B DC 9  ? ? "C2'" B DC 9  ? ? 109.24 103.10 6.14   0.90 N 
89  1 "O4'" B DC 9  ? ? "C1'" B DC 9  ? ? "C2'" B DC 9  ? ? 114.22 106.80 7.42   0.50 N 
90  1 "O4'" B DC 9  ? ? "C1'" B DC 9  ? ? N1    B DC 9  ? ? 98.44  108.00 -9.56  0.70 N 
91  1 "C1'" B DG 10 ? ? "O4'" B DG 10 ? ? "C4'" B DG 10 ? ? 103.96 110.10 -6.14  1.00 N 
92  1 "C3'" B DG 10 ? ? "C2'" B DG 10 ? ? "C1'" B DG 10 ? ? 96.80  102.40 -5.60  0.80 N 
93  1 "O4'" B DG 10 ? ? "C1'" B DG 10 ? ? N9    B DG 10 ? ? 112.62 108.30 4.32   0.30 N 
94  1 C6    B DG 10 ? ? N1    B DG 10 ? ? C2    B DG 10 ? ? 130.99 125.10 5.89   0.60 N 
95  1 C5    B DG 10 ? ? C6    B DG 10 ? ? N1    B DG 10 ? ? 106.57 111.50 -4.93  0.50 N 
96  1 N3    B DG 10 ? ? C4    B DG 10 ? ? N9    B DG 10 ? ? 121.95 126.00 -4.05  0.60 N 
97  1 "O5'" B DC 11 ? ? P     B DC 11 ? ? OP2   B DC 11 ? ? 118.56 110.70 7.86   1.20 N 
98  1 P     B DC 11 ? ? "O5'" B DC 11 ? ? "C5'" B DC 11 ? ? 136.40 120.90 15.50  1.60 N 
99  1 "O4'" B DC 11 ? ? "C4'" B DC 11 ? ? "C3'" B DC 11 ? ? 100.88 104.50 -3.62  0.40 N 
100 1 "C4'" B DC 11 ? ? "C3'" B DC 11 ? ? "C2'" B DC 11 ? ? 111.99 103.10 8.89   0.90 N 
101 1 "O5'" B DG 12 ? ? "C5'" B DG 12 ? ? "C4'" B DG 12 ? ? 103.48 109.40 -5.92  0.80 N 
102 1 "C5'" B DG 12 ? ? "C4'" B DG 12 ? ? "C3'" B DG 12 ? ? 123.16 115.70 7.46   1.20 N 
103 1 "C1'" B DG 12 ? ? "O4'" B DG 12 ? ? "C4'" B DG 12 ? ? 103.94 110.10 -6.16  1.00 N 
104 1 "O4'" B DG 12 ? ? "C1'" B DG 12 ? ? "C2'" B DG 12 ? ? 112.60 106.80 5.80   0.50 N 
# 
loop_
_pdbx_unobs_or_zero_occ_atoms.id 
_pdbx_unobs_or_zero_occ_atoms.PDB_model_num 
_pdbx_unobs_or_zero_occ_atoms.polymer_flag 
_pdbx_unobs_or_zero_occ_atoms.occupancy_flag 
_pdbx_unobs_or_zero_occ_atoms.auth_asym_id 
_pdbx_unobs_or_zero_occ_atoms.auth_comp_id 
_pdbx_unobs_or_zero_occ_atoms.auth_seq_id 
_pdbx_unobs_or_zero_occ_atoms.PDB_ins_code 
_pdbx_unobs_or_zero_occ_atoms.auth_atom_id 
_pdbx_unobs_or_zero_occ_atoms.label_alt_id 
_pdbx_unobs_or_zero_occ_atoms.label_asym_id 
_pdbx_unobs_or_zero_occ_atoms.label_comp_id 
_pdbx_unobs_or_zero_occ_atoms.label_seq_id 
_pdbx_unobs_or_zero_occ_atoms.label_atom_id 
1 1 N 1 A A71 301 ? N1 ? C A71 1 N1 
2 1 N 1 A A71 301 ? C2 ? C A71 1 C2 
3 1 N 1 A A71 301 ? C3 ? C A71 1 C3 
4 1 N 1 A A71 301 ? C4 ? C A71 1 C4 
# 
loop_
_chem_comp_atom.comp_id 
_chem_comp_atom.atom_id 
_chem_comp_atom.type_symbol 
_chem_comp_atom.pdbx_aromatic_flag 
_chem_comp_atom.pdbx_stereo_config 
_chem_comp_atom.pdbx_ordinal 
A71 N1     N  N N 1   
A71 C2     C  N N 2   
A71 C3     C  N N 3   
A71 C4     C  N N 4   
A71 C5     C  N N 5   
A71 C6     C  N N 6   
A71 C7     C  N N 7   
A71 N8     N  N N 8   
A71 N9     N  N N 9   
A71 N10    N  N N 10  
A71 PT     PT N N 11  
A71 N11    N  N N 12  
A71 HN11   H  N N 13  
A71 HN12   H  N N 14  
A71 H21    H  N N 15  
A71 H22    H  N N 16  
A71 H31    H  N N 17  
A71 H32    H  N N 18  
A71 H41    H  N N 19  
A71 H42    H  N N 20  
A71 H51    H  N N 21  
A71 H52    H  N N 22  
A71 H61    H  N N 23  
A71 H62    H  N N 24  
A71 H71    H  N N 25  
A71 H72    H  N N 26  
A71 HN81   H  N N 27  
A71 HN82   H  N N 28  
A71 HN91   H  N N 29  
A71 HN92   H  N N 30  
A71 HN93   H  N N 31  
A71 H101   H  N N 32  
A71 H102   H  N N 33  
A71 H103   H  N N 34  
A71 H111   H  N N 35  
A71 H112   H  N N 36  
A71 H113   H  N N 37  
A72 C12    C  N N 38  
A72 C13    C  N N 39  
A72 C14    C  N N 40  
A72 C15    C  N N 41  
A72 C16    C  N N 42  
A72 C17    C  N N 43  
A72 N18    N  N N 44  
A72 N19    N  N N 45  
A72 N20    N  N N 46  
A72 PT     PT N N 47  
A72 N21    N  N N 48  
A72 C22    C  N N 49  
A72 C23    C  N N 50  
A72 C24    C  N N 51  
A72 C25    C  N N 52  
A72 C26    C  N N 53  
A72 C27    C  N N 54  
A72 H121   H  N N 55  
A72 H122   H  N N 56  
A72 H123   H  N N 57  
A72 H131   H  N N 58  
A72 H132   H  N N 59  
A72 H141   H  N N 60  
A72 H142   H  N N 61  
A72 H151   H  N N 62  
A72 H152   H  N N 63  
A72 H161   H  N N 64  
A72 H162   H  N N 65  
A72 H171   H  N N 66  
A72 H172   H  N N 67  
A72 H181   H  N N 68  
A72 H182   H  N N 69  
A72 H191   H  N N 70  
A72 H192   H  N N 71  
A72 H193   H  N N 72  
A72 H201   H  N N 73  
A72 H202   H  N N 74  
A72 H203   H  N N 75  
A72 H211   H  N N 76  
A72 H212   H  N N 77  
A72 H221   H  N N 78  
A72 H222   H  N N 79  
A72 H231   H  N N 80  
A72 H232   H  N N 81  
A72 H241   H  N N 82  
A72 H242   H  N N 83  
A72 H251   H  N N 84  
A72 H252   H  N N 85  
A72 H261   H  N N 86  
A72 H262   H  N N 87  
A72 H271   H  N N 88  
A72 H272   H  N N 89  
A72 H273   H  N N 90  
DA  OP3    O  N N 91  
DA  P      P  N N 92  
DA  OP1    O  N N 93  
DA  OP2    O  N N 94  
DA  "O5'"  O  N N 95  
DA  "C5'"  C  N N 96  
DA  "C4'"  C  N R 97  
DA  "O4'"  O  N N 98  
DA  "C3'"  C  N S 99  
DA  "O3'"  O  N N 100 
DA  "C2'"  C  N N 101 
DA  "C1'"  C  N R 102 
DA  N9     N  Y N 103 
DA  C8     C  Y N 104 
DA  N7     N  Y N 105 
DA  C5     C  Y N 106 
DA  C6     C  Y N 107 
DA  N6     N  N N 108 
DA  N1     N  Y N 109 
DA  C2     C  Y N 110 
DA  N3     N  Y N 111 
DA  C4     C  Y N 112 
DA  HOP3   H  N N 113 
DA  HOP2   H  N N 114 
DA  "H5'"  H  N N 115 
DA  "H5''" H  N N 116 
DA  "H4'"  H  N N 117 
DA  "H3'"  H  N N 118 
DA  "HO3'" H  N N 119 
DA  "H2'"  H  N N 120 
DA  "H2''" H  N N 121 
DA  "H1'"  H  N N 122 
DA  H8     H  N N 123 
DA  H61    H  N N 124 
DA  H62    H  N N 125 
DA  H2     H  N N 126 
DC  OP3    O  N N 127 
DC  P      P  N N 128 
DC  OP1    O  N N 129 
DC  OP2    O  N N 130 
DC  "O5'"  O  N N 131 
DC  "C5'"  C  N N 132 
DC  "C4'"  C  N R 133 
DC  "O4'"  O  N N 134 
DC  "C3'"  C  N S 135 
DC  "O3'"  O  N N 136 
DC  "C2'"  C  N N 137 
DC  "C1'"  C  N R 138 
DC  N1     N  N N 139 
DC  C2     C  N N 140 
DC  O2     O  N N 141 
DC  N3     N  N N 142 
DC  C4     C  N N 143 
DC  N4     N  N N 144 
DC  C5     C  N N 145 
DC  C6     C  N N 146 
DC  HOP3   H  N N 147 
DC  HOP2   H  N N 148 
DC  "H5'"  H  N N 149 
DC  "H5''" H  N N 150 
DC  "H4'"  H  N N 151 
DC  "H3'"  H  N N 152 
DC  "HO3'" H  N N 153 
DC  "H2'"  H  N N 154 
DC  "H2''" H  N N 155 
DC  "H1'"  H  N N 156 
DC  H41    H  N N 157 
DC  H42    H  N N 158 
DC  H5     H  N N 159 
DC  H6     H  N N 160 
DG  OP3    O  N N 161 
DG  P      P  N N 162 
DG  OP1    O  N N 163 
DG  OP2    O  N N 164 
DG  "O5'"  O  N N 165 
DG  "C5'"  C  N N 166 
DG  "C4'"  C  N R 167 
DG  "O4'"  O  N N 168 
DG  "C3'"  C  N S 169 
DG  "O3'"  O  N N 170 
DG  "C2'"  C  N N 171 
DG  "C1'"  C  N R 172 
DG  N9     N  Y N 173 
DG  C8     C  Y N 174 
DG  N7     N  Y N 175 
DG  C5     C  Y N 176 
DG  C6     C  N N 177 
DG  O6     O  N N 178 
DG  N1     N  N N 179 
DG  C2     C  N N 180 
DG  N2     N  N N 181 
DG  N3     N  N N 182 
DG  C4     C  Y N 183 
DG  HOP3   H  N N 184 
DG  HOP2   H  N N 185 
DG  "H5'"  H  N N 186 
DG  "H5''" H  N N 187 
DG  "H4'"  H  N N 188 
DG  "H3'"  H  N N 189 
DG  "HO3'" H  N N 190 
DG  "H2'"  H  N N 191 
DG  "H2''" H  N N 192 
DG  "H1'"  H  N N 193 
DG  H8     H  N N 194 
DG  H1     H  N N 195 
DG  H21    H  N N 196 
DG  H22    H  N N 197 
DT  OP3    O  N N 198 
DT  P      P  N N 199 
DT  OP1    O  N N 200 
DT  OP2    O  N N 201 
DT  "O5'"  O  N N 202 
DT  "C5'"  C  N N 203 
DT  "C4'"  C  N R 204 
DT  "O4'"  O  N N 205 
DT  "C3'"  C  N S 206 
DT  "O3'"  O  N N 207 
DT  "C2'"  C  N N 208 
DT  "C1'"  C  N R 209 
DT  N1     N  N N 210 
DT  C2     C  N N 211 
DT  O2     O  N N 212 
DT  N3     N  N N 213 
DT  C4     C  N N 214 
DT  O4     O  N N 215 
DT  C5     C  N N 216 
DT  C7     C  N N 217 
DT  C6     C  N N 218 
DT  HOP3   H  N N 219 
DT  HOP2   H  N N 220 
DT  "H5'"  H  N N 221 
DT  "H5''" H  N N 222 
DT  "H4'"  H  N N 223 
DT  "H3'"  H  N N 224 
DT  "HO3'" H  N N 225 
DT  "H2'"  H  N N 226 
DT  "H2''" H  N N 227 
DT  "H1'"  H  N N 228 
DT  H3     H  N N 229 
DT  H71    H  N N 230 
DT  H72    H  N N 231 
DT  H73    H  N N 232 
DT  H6     H  N N 233 
HOH O      O  N N 234 
HOH H1     H  N N 235 
HOH H2     H  N N 236 
NA  NA     NA N N 237 
# 
loop_
_chem_comp_bond.comp_id 
_chem_comp_bond.atom_id_1 
_chem_comp_bond.atom_id_2 
_chem_comp_bond.value_order 
_chem_comp_bond.pdbx_aromatic_flag 
_chem_comp_bond.pdbx_stereo_config 
_chem_comp_bond.pdbx_ordinal 
A71 N1    HN11   sing N N 1   
A71 N1    HN12   sing N N 2   
A71 N1    C2     sing N N 3   
A71 C2    H21    sing N N 4   
A71 C2    H22    sing N N 5   
A71 C2    C3     sing N N 6   
A71 C3    H31    sing N N 7   
A71 C3    H32    sing N N 8   
A71 C3    C4     sing N N 9   
A71 C4    H41    sing N N 10  
A71 C4    H42    sing N N 11  
A71 C4    C5     sing N N 12  
A71 C5    H51    sing N N 13  
A71 C5    H52    sing N N 14  
A71 C5    C6     sing N N 15  
A71 C6    H61    sing N N 16  
A71 C6    H62    sing N N 17  
A71 C6    C7     sing N N 18  
A71 C7    H71    sing N N 19  
A71 C7    H72    sing N N 20  
A71 C7    N8     sing N N 21  
A71 N8    HN81   sing N N 22  
A71 N8    HN82   sing N N 23  
A71 N8    PT     sing N N 24  
A71 N9    PT     sing N N 25  
A71 N9    HN91   sing N N 26  
A71 N9    HN92   sing N N 27  
A71 N9    HN93   sing N N 28  
A71 N10   PT     sing N N 29  
A71 N10   H101   sing N N 30  
A71 N10   H102   sing N N 31  
A71 N10   H103   sing N N 32  
A71 PT    N11    sing N N 33  
A71 N11   H111   sing N N 34  
A71 N11   H112   sing N N 35  
A71 N11   H113   sing N N 36  
A72 C12   H121   sing N N 37  
A72 C12   H122   sing N N 38  
A72 C12   H123   sing N N 39  
A72 C12   C13    sing N N 40  
A72 C13   H131   sing N N 41  
A72 C13   H132   sing N N 42  
A72 C13   C14    sing N N 43  
A72 C14   H141   sing N N 44  
A72 C14   H142   sing N N 45  
A72 C14   C15    sing N N 46  
A72 C15   H151   sing N N 47  
A72 C15   H152   sing N N 48  
A72 C15   C16    sing N N 49  
A72 C16   H161   sing N N 50  
A72 C16   H162   sing N N 51  
A72 C16   C17    sing N N 52  
A72 C17   H171   sing N N 53  
A72 C17   H172   sing N N 54  
A72 C17   N18    sing N N 55  
A72 N18   H181   sing N N 56  
A72 N18   H182   sing N N 57  
A72 N18   PT     sing N N 58  
A72 N19   PT     sing N N 59  
A72 N19   H191   sing N N 60  
A72 N19   H192   sing N N 61  
A72 N19   H193   sing N N 62  
A72 N20   PT     sing N N 63  
A72 N20   H201   sing N N 64  
A72 N20   H202   sing N N 65  
A72 N20   H203   sing N N 66  
A72 PT    N21    sing N N 67  
A72 N21   H211   sing N N 68  
A72 N21   H212   sing N N 69  
A72 N21   C22    sing N N 70  
A72 C22   H221   sing N N 71  
A72 C22   H222   sing N N 72  
A72 C22   C23    sing N N 73  
A72 C23   H231   sing N N 74  
A72 C23   H232   sing N N 75  
A72 C23   C24    sing N N 76  
A72 C24   H241   sing N N 77  
A72 C24   H242   sing N N 78  
A72 C24   C25    sing N N 79  
A72 C25   H251   sing N N 80  
A72 C25   H252   sing N N 81  
A72 C25   C26    sing N N 82  
A72 C26   H261   sing N N 83  
A72 C26   H262   sing N N 84  
A72 C26   C27    sing N N 85  
A72 C27   H271   sing N N 86  
A72 C27   H272   sing N N 87  
A72 C27   H273   sing N N 88  
DA  OP3   P      sing N N 89  
DA  OP3   HOP3   sing N N 90  
DA  P     OP1    doub N N 91  
DA  P     OP2    sing N N 92  
DA  P     "O5'"  sing N N 93  
DA  OP2   HOP2   sing N N 94  
DA  "O5'" "C5'"  sing N N 95  
DA  "C5'" "C4'"  sing N N 96  
DA  "C5'" "H5'"  sing N N 97  
DA  "C5'" "H5''" sing N N 98  
DA  "C4'" "O4'"  sing N N 99  
DA  "C4'" "C3'"  sing N N 100 
DA  "C4'" "H4'"  sing N N 101 
DA  "O4'" "C1'"  sing N N 102 
DA  "C3'" "O3'"  sing N N 103 
DA  "C3'" "C2'"  sing N N 104 
DA  "C3'" "H3'"  sing N N 105 
DA  "O3'" "HO3'" sing N N 106 
DA  "C2'" "C1'"  sing N N 107 
DA  "C2'" "H2'"  sing N N 108 
DA  "C2'" "H2''" sing N N 109 
DA  "C1'" N9     sing N N 110 
DA  "C1'" "H1'"  sing N N 111 
DA  N9    C8     sing Y N 112 
DA  N9    C4     sing Y N 113 
DA  C8    N7     doub Y N 114 
DA  C8    H8     sing N N 115 
DA  N7    C5     sing Y N 116 
DA  C5    C6     sing Y N 117 
DA  C5    C4     doub Y N 118 
DA  C6    N6     sing N N 119 
DA  C6    N1     doub Y N 120 
DA  N6    H61    sing N N 121 
DA  N6    H62    sing N N 122 
DA  N1    C2     sing Y N 123 
DA  C2    N3     doub Y N 124 
DA  C2    H2     sing N N 125 
DA  N3    C4     sing Y N 126 
DC  OP3   P      sing N N 127 
DC  OP3   HOP3   sing N N 128 
DC  P     OP1    doub N N 129 
DC  P     OP2    sing N N 130 
DC  P     "O5'"  sing N N 131 
DC  OP2   HOP2   sing N N 132 
DC  "O5'" "C5'"  sing N N 133 
DC  "C5'" "C4'"  sing N N 134 
DC  "C5'" "H5'"  sing N N 135 
DC  "C5'" "H5''" sing N N 136 
DC  "C4'" "O4'"  sing N N 137 
DC  "C4'" "C3'"  sing N N 138 
DC  "C4'" "H4'"  sing N N 139 
DC  "O4'" "C1'"  sing N N 140 
DC  "C3'" "O3'"  sing N N 141 
DC  "C3'" "C2'"  sing N N 142 
DC  "C3'" "H3'"  sing N N 143 
DC  "O3'" "HO3'" sing N N 144 
DC  "C2'" "C1'"  sing N N 145 
DC  "C2'" "H2'"  sing N N 146 
DC  "C2'" "H2''" sing N N 147 
DC  "C1'" N1     sing N N 148 
DC  "C1'" "H1'"  sing N N 149 
DC  N1    C2     sing N N 150 
DC  N1    C6     sing N N 151 
DC  C2    O2     doub N N 152 
DC  C2    N3     sing N N 153 
DC  N3    C4     doub N N 154 
DC  C4    N4     sing N N 155 
DC  C4    C5     sing N N 156 
DC  N4    H41    sing N N 157 
DC  N4    H42    sing N N 158 
DC  C5    C6     doub N N 159 
DC  C5    H5     sing N N 160 
DC  C6    H6     sing N N 161 
DG  OP3   P      sing N N 162 
DG  OP3   HOP3   sing N N 163 
DG  P     OP1    doub N N 164 
DG  P     OP2    sing N N 165 
DG  P     "O5'"  sing N N 166 
DG  OP2   HOP2   sing N N 167 
DG  "O5'" "C5'"  sing N N 168 
DG  "C5'" "C4'"  sing N N 169 
DG  "C5'" "H5'"  sing N N 170 
DG  "C5'" "H5''" sing N N 171 
DG  "C4'" "O4'"  sing N N 172 
DG  "C4'" "C3'"  sing N N 173 
DG  "C4'" "H4'"  sing N N 174 
DG  "O4'" "C1'"  sing N N 175 
DG  "C3'" "O3'"  sing N N 176 
DG  "C3'" "C2'"  sing N N 177 
DG  "C3'" "H3'"  sing N N 178 
DG  "O3'" "HO3'" sing N N 179 
DG  "C2'" "C1'"  sing N N 180 
DG  "C2'" "H2'"  sing N N 181 
DG  "C2'" "H2''" sing N N 182 
DG  "C1'" N9     sing N N 183 
DG  "C1'" "H1'"  sing N N 184 
DG  N9    C8     sing Y N 185 
DG  N9    C4     sing Y N 186 
DG  C8    N7     doub Y N 187 
DG  C8    H8     sing N N 188 
DG  N7    C5     sing Y N 189 
DG  C5    C6     sing N N 190 
DG  C5    C4     doub Y N 191 
DG  C6    O6     doub N N 192 
DG  C6    N1     sing N N 193 
DG  N1    C2     sing N N 194 
DG  N1    H1     sing N N 195 
DG  C2    N2     sing N N 196 
DG  C2    N3     doub N N 197 
DG  N2    H21    sing N N 198 
DG  N2    H22    sing N N 199 
DG  N3    C4     sing N N 200 
DT  OP3   P      sing N N 201 
DT  OP3   HOP3   sing N N 202 
DT  P     OP1    doub N N 203 
DT  P     OP2    sing N N 204 
DT  P     "O5'"  sing N N 205 
DT  OP2   HOP2   sing N N 206 
DT  "O5'" "C5'"  sing N N 207 
DT  "C5'" "C4'"  sing N N 208 
DT  "C5'" "H5'"  sing N N 209 
DT  "C5'" "H5''" sing N N 210 
DT  "C4'" "O4'"  sing N N 211 
DT  "C4'" "C3'"  sing N N 212 
DT  "C4'" "H4'"  sing N N 213 
DT  "O4'" "C1'"  sing N N 214 
DT  "C3'" "O3'"  sing N N 215 
DT  "C3'" "C2'"  sing N N 216 
DT  "C3'" "H3'"  sing N N 217 
DT  "O3'" "HO3'" sing N N 218 
DT  "C2'" "C1'"  sing N N 219 
DT  "C2'" "H2'"  sing N N 220 
DT  "C2'" "H2''" sing N N 221 
DT  "C1'" N1     sing N N 222 
DT  "C1'" "H1'"  sing N N 223 
DT  N1    C2     sing N N 224 
DT  N1    C6     sing N N 225 
DT  C2    O2     doub N N 226 
DT  C2    N3     sing N N 227 
DT  N3    C4     sing N N 228 
DT  N3    H3     sing N N 229 
DT  C4    O4     doub N N 230 
DT  C4    C5     sing N N 231 
DT  C5    C7     sing N N 232 
DT  C5    C6     doub N N 233 
DT  C7    H71    sing N N 234 
DT  C7    H72    sing N N 235 
DT  C7    H73    sing N N 236 
DT  C6    H6     sing N N 237 
HOH O     H1     sing N N 238 
HOH O     H2     sing N N 239 
# 
loop_
_ndb_struct_conf_na.entry_id 
_ndb_struct_conf_na.feature 
2DYW 'double helix'        
2DYW 'b-form double helix' 
# 
loop_
_ndb_struct_na_base_pair.model_number 
_ndb_struct_na_base_pair.i_label_asym_id 
_ndb_struct_na_base_pair.i_label_comp_id 
_ndb_struct_na_base_pair.i_label_seq_id 
_ndb_struct_na_base_pair.i_symmetry 
_ndb_struct_na_base_pair.j_label_asym_id 
_ndb_struct_na_base_pair.j_label_comp_id 
_ndb_struct_na_base_pair.j_label_seq_id 
_ndb_struct_na_base_pair.j_symmetry 
_ndb_struct_na_base_pair.shear 
_ndb_struct_na_base_pair.stretch 
_ndb_struct_na_base_pair.stagger 
_ndb_struct_na_base_pair.buckle 
_ndb_struct_na_base_pair.propeller 
_ndb_struct_na_base_pair.opening 
_ndb_struct_na_base_pair.pair_number 
_ndb_struct_na_base_pair.pair_name 
_ndb_struct_na_base_pair.i_auth_asym_id 
_ndb_struct_na_base_pair.i_auth_seq_id 
_ndb_struct_na_base_pair.i_PDB_ins_code 
_ndb_struct_na_base_pair.j_auth_asym_id 
_ndb_struct_na_base_pair.j_auth_seq_id 
_ndb_struct_na_base_pair.j_PDB_ins_code 
_ndb_struct_na_base_pair.hbond_type_28 
_ndb_struct_na_base_pair.hbond_type_12 
1 A DC 1  1_555 B DG 12 1_555 0.331  -0.114 -0.082 1.840   -2.425  -0.463 1  A_DC1:DG12_B A 1  ? B 12 ? 19 1 
1 A DG 2  1_555 B DC 11 1_555 -0.240 -0.201 0.170  -6.224  -4.864  -4.537 2  A_DG2:DC11_B A 2  ? B 11 ? 19 1 
1 A DC 3  1_555 B DG 10 1_555 0.023  -0.080 0.157  0.912   -7.457  -0.478 3  A_DC3:DG10_B A 3  ? B 10 ? 19 1 
1 A DG 4  1_555 B DC 9  1_555 -0.209 -0.057 -0.002 11.125  -10.490 0.487  4  A_DG4:DC9_B  A 4  ? B 9  ? 19 1 
1 A DA 5  1_555 B DT 8  1_555 -0.020 -0.129 0.027  8.560   -15.775 2.774  5  A_DA5:DT8_B  A 5  ? B 8  ? 20 1 
1 A DA 6  1_555 B DT 7  1_555 0.118  -0.120 -0.011 0.153   -16.197 3.343  6  A_DA6:DT7_B  A 6  ? B 7  ? 20 1 
1 A DT 7  1_555 B DA 6  1_555 -0.007 -0.083 -0.032 0.435   -14.434 3.041  7  A_DT7:DA6_B  A 7  ? B 6  ? 20 1 
1 A DT 8  1_555 B DA 5  1_555 -0.109 -0.168 -0.113 0.080   -13.241 1.524  8  A_DT8:DA5_B  A 8  ? B 5  ? 20 1 
1 A DC 9  1_555 B DG 4  1_555 0.175  -0.133 0.056  -12.648 -9.681  -3.238 9  A_DC9:DG4_B  A 9  ? B 4  ? 19 1 
1 A DG 10 1_555 B DC 3  1_555 -0.163 -0.126 0.434  5.135   -7.774  1.968  10 A_DG10:DC3_B A 10 ? B 3  ? 19 1 
1 A DC 11 1_555 B DG 2  1_555 0.178  -0.185 0.157  -0.824  -10.836 -1.697 11 A_DC11:DG2_B A 11 ? B 2  ? 19 1 
1 A DG 12 1_555 B DC 1  1_555 -0.305 -0.175 -0.004 2.327   -20.564 2.114  12 A_DG12:DC1_B A 12 ? B 1  ? 19 1 
# 
loop_
_ndb_struct_na_base_pair_step.model_number 
_ndb_struct_na_base_pair_step.i_label_asym_id_1 
_ndb_struct_na_base_pair_step.i_label_comp_id_1 
_ndb_struct_na_base_pair_step.i_label_seq_id_1 
_ndb_struct_na_base_pair_step.i_symmetry_1 
_ndb_struct_na_base_pair_step.j_label_asym_id_1 
_ndb_struct_na_base_pair_step.j_label_comp_id_1 
_ndb_struct_na_base_pair_step.j_label_seq_id_1 
_ndb_struct_na_base_pair_step.j_symmetry_1 
_ndb_struct_na_base_pair_step.i_label_asym_id_2 
_ndb_struct_na_base_pair_step.i_label_comp_id_2 
_ndb_struct_na_base_pair_step.i_label_seq_id_2 
_ndb_struct_na_base_pair_step.i_symmetry_2 
_ndb_struct_na_base_pair_step.j_label_asym_id_2 
_ndb_struct_na_base_pair_step.j_label_comp_id_2 
_ndb_struct_na_base_pair_step.j_label_seq_id_2 
_ndb_struct_na_base_pair_step.j_symmetry_2 
_ndb_struct_na_base_pair_step.shift 
_ndb_struct_na_base_pair_step.slide 
_ndb_struct_na_base_pair_step.rise 
_ndb_struct_na_base_pair_step.tilt 
_ndb_struct_na_base_pair_step.roll 
_ndb_struct_na_base_pair_step.twist 
_ndb_struct_na_base_pair_step.x_displacement 
_ndb_struct_na_base_pair_step.y_displacement 
_ndb_struct_na_base_pair_step.helical_rise 
_ndb_struct_na_base_pair_step.inclination 
_ndb_struct_na_base_pair_step.tip 
_ndb_struct_na_base_pair_step.helical_twist 
_ndb_struct_na_base_pair_step.step_number 
_ndb_struct_na_base_pair_step.step_name 
_ndb_struct_na_base_pair_step.i_auth_asym_id_1 
_ndb_struct_na_base_pair_step.i_auth_seq_id_1 
_ndb_struct_na_base_pair_step.i_PDB_ins_code_1 
_ndb_struct_na_base_pair_step.j_auth_asym_id_1 
_ndb_struct_na_base_pair_step.j_auth_seq_id_1 
_ndb_struct_na_base_pair_step.j_PDB_ins_code_1 
_ndb_struct_na_base_pair_step.i_auth_asym_id_2 
_ndb_struct_na_base_pair_step.i_auth_seq_id_2 
_ndb_struct_na_base_pair_step.i_PDB_ins_code_2 
_ndb_struct_na_base_pair_step.j_auth_asym_id_2 
_ndb_struct_na_base_pair_step.j_auth_seq_id_2 
_ndb_struct_na_base_pair_step.j_PDB_ins_code_2 
1 A DC 1  1_555 B DG 12 1_555 A DG 2  1_555 B DC 11 1_555 -1.130 -0.102 3.538 -5.291 -6.075 34.183 0.842  0.993  3.631 -10.160 
8.850  35.092 1  AA_DC1DG2:DC11DG12_BB A 1  ? B 12 ? A 2  ? B 11 ? 
1 A DG 2  1_555 B DC 11 1_555 A DC 3  1_555 B DG 10 1_555 0.799  0.414  3.259 3.094  -1.770 41.659 0.766  -0.794 3.288 -2.483  
-4.341 41.804 2  AA_DG2DC3:DG10DC11_BB A 2  ? B 11 ? A 3  ? B 10 ? 
1 A DC 3  1_555 B DG 10 1_555 A DG 4  1_555 B DC 9  1_555 -0.773 0.505  3.165 1.476  11.464 24.859 -1.766 1.999  3.046 24.978  
-3.215 27.377 3  AA_DC3DG4:DC9DG10_BB  A 3  ? B 10 ? A 4  ? B 9  ? 
1 A DG 4  1_555 B DC 9  1_555 A DA 5  1_555 B DT 8  1_555 0.305  0.069  3.315 0.285  4.615  37.677 -0.492 -0.432 3.302 7.113   
-0.439 37.949 4  AA_DG4DA5:DT8DC9_BB   A 4  ? B 9  ? A 5  ? B 8  ? 
1 A DA 5  1_555 B DT 8  1_555 A DA 6  1_555 B DT 7  1_555 -0.193 -0.176 3.378 -1.145 1.809  37.952 -0.508 0.146  3.370 2.779   
1.758  38.011 5  AA_DA5DA6:DT7DT8_BB   A 5  ? B 8  ? A 6  ? B 7  ? 
1 A DA 6  1_555 B DT 7  1_555 A DT 7  1_555 B DA 6  1_555 0.110  -0.558 3.226 0.849  -3.096 31.269 -0.453 -0.046 3.266 -5.726  
-1.570 31.430 6  AA_DA6DT7:DA6DT7_BB   A 6  ? B 7  ? A 7  ? B 6  ? 
1 A DT 7  1_555 B DA 6  1_555 A DT 8  1_555 B DA 5  1_555 -0.135 -0.321 3.187 1.427  -0.776 35.373 -0.417 0.427  3.185 -1.276  
-2.346 35.409 7  AA_DT7DT8:DA5DA6_BB   A 7  ? B 6  ? A 8  ? B 5  ? 
1 A DT 8  1_555 B DA 5  1_555 A DC 9  1_555 B DG 4  1_555 -0.254 -0.203 3.458 -1.992 -0.931 42.345 -0.181 0.136  3.469 -1.288  
2.755  42.399 8  AA_DT8DC9:DG4DA5_BB   A 8  ? B 5  ? A 9  ? B 4  ? 
1 A DC 9  1_555 B DG 4  1_555 A DG 10 1_555 B DC 3  1_555 0.553  0.680  2.965 -4.601 5.074  28.149 0.337  -2.034 2.915 10.241  
9.287  28.954 9  AA_DC9DG10:DC3DG4_BB  A 9  ? B 4  ? A 10 ? B 3  ? 
1 A DG 10 1_555 B DC 3  1_555 A DC 11 1_555 B DG 2  1_555 -1.397 0.719  3.459 -1.283 -8.949 44.855 1.741  1.682  3.302 -11.588 
1.661  45.711 10 AA_DG10DC11:DG2DC3_BB A 10 ? B 3  ? A 11 ? B 2  ? 
1 A DC 11 1_555 B DG 2  1_555 A DG 12 1_555 B DC 1  1_555 0.710  0.620  3.288 2.043  7.899  30.714 -0.369 -0.909 3.378 14.592  
-3.774 31.754 11 AA_DC11DG12:DC1DG2_BB A 11 ? B 2  ? A 12 ? B 1  ? 
# 
loop_
_pdbx_entity_nonpoly.entity_id 
_pdbx_entity_nonpoly.name 
_pdbx_entity_nonpoly.comp_id 
2 '(6-AMINOHEXYLAMINE)(TRIAMMINE) PLATINUM(II) COMPLEX'   A71 
3 'SODIUM ION'                                            NA  
4 'TRANS-BIS(HEXYLAMINE)-(DIAMMINE) PLATINUM(II) COMPLEX' A72 
5 water                                                   HOH 
# 
_pdbx_initial_refinement_model.id               1 
_pdbx_initial_refinement_model.entity_id_list   ? 
_pdbx_initial_refinement_model.type             'experimental model' 
_pdbx_initial_refinement_model.source_name      PDB 
_pdbx_initial_refinement_model.accession_code   355D 
_pdbx_initial_refinement_model.details          '355D(NDB entry: bdl084)' 
# 
